data_3TWF
# 
_entry.id   3TWF 
# 
_audit_conform.dict_name       mmcif_pdbx.dic 
_audit_conform.dict_version    5.403 
_audit_conform.dict_location   http://mmcif.pdb.org/dictionaries/ascii/mmcif_pdbx.dic 
# 
loop_
_database_2.database_id 
_database_2.database_code 
_database_2.pdbx_database_accession 
_database_2.pdbx_DOI 
PDB   3TWF         pdb_00003twf 10.2210/pdb3twf/pdb 
RCSB  RCSB068004   ?            ?                   
WWPDB D_1000068004 ?            ?                   
# 
loop_
_pdbx_audit_revision_history.ordinal 
_pdbx_audit_revision_history.data_content_type 
_pdbx_audit_revision_history.major_revision 
_pdbx_audit_revision_history.minor_revision 
_pdbx_audit_revision_history.revision_date 
_pdbx_audit_revision_history.part_number 
1 'Structure model' 1 0 2012-03-14 ? 
2 'Structure model' 1 1 2012-04-04 ? 
3 'Structure model' 1 2 2012-04-18 ? 
4 'Structure model' 1 3 2017-11-08 ? 
5 'Structure model' 1 4 2025-03-26 ? 
# 
_pdbx_audit_revision_details.ordinal             1 
_pdbx_audit_revision_details.revision_ordinal    1 
_pdbx_audit_revision_details.data_content_type   'Structure model' 
_pdbx_audit_revision_details.provider            repository 
_pdbx_audit_revision_details.type                'Initial release' 
_pdbx_audit_revision_details.description         ? 
_pdbx_audit_revision_details.details             ? 
# 
loop_
_pdbx_audit_revision_group.ordinal 
_pdbx_audit_revision_group.revision_ordinal 
_pdbx_audit_revision_group.data_content_type 
_pdbx_audit_revision_group.group 
1 2 'Structure model' 'Database references'    
2 3 'Structure model' 'Database references'    
3 4 'Structure model' 'Refinement description' 
4 5 'Structure model' 'Data collection'        
5 5 'Structure model' 'Database references'    
6 5 'Structure model' 'Derived calculations'   
7 5 'Structure model' 'Structure summary'      
# 
loop_
_pdbx_audit_revision_category.ordinal 
_pdbx_audit_revision_category.revision_ordinal 
_pdbx_audit_revision_category.data_content_type 
_pdbx_audit_revision_category.category 
1 4 'Structure model' software                  
2 5 'Structure model' chem_comp_atom            
3 5 'Structure model' chem_comp_bond            
4 5 'Structure model' database_2                
5 5 'Structure model' pdbx_entry_details        
6 5 'Structure model' pdbx_modification_feature 
7 5 'Structure model' struct_conn               
8 5 'Structure model' struct_site               
# 
loop_
_pdbx_audit_revision_item.ordinal 
_pdbx_audit_revision_item.revision_ordinal 
_pdbx_audit_revision_item.data_content_type 
_pdbx_audit_revision_item.item 
1 5 'Structure model' '_database_2.pdbx_DOI'                
2 5 'Structure model' '_database_2.pdbx_database_accession' 
3 5 'Structure model' '_struct_conn.pdbx_leaving_atom_flag' 
4 5 'Structure model' '_struct_site.pdbx_auth_asym_id'      
5 5 'Structure model' '_struct_site.pdbx_auth_comp_id'      
6 5 'Structure model' '_struct_site.pdbx_auth_seq_id'       
# 
_pdbx_database_status.entry_id                        3TWF 
_pdbx_database_status.status_code                     REL 
_pdbx_database_status.deposit_site                    RCSB 
_pdbx_database_status.process_site                    RCSB 
_pdbx_database_status.recvd_initial_deposition_date   2011-09-21 
_pdbx_database_status.status_code_sf                  REL 
_pdbx_database_status.status_code_mr                  ? 
_pdbx_database_status.SG_entry                        ? 
_pdbx_database_status.status_code_cs                  ? 
_pdbx_database_status.methods_development_category    ? 
_pdbx_database_status.pdb_format_compatible           Y 
_pdbx_database_status.status_code_nmr_data            ? 
# 
loop_
_pdbx_database_related.db_name 
_pdbx_database_related.db_id 
_pdbx_database_related.details 
_pdbx_database_related.content_type 
PDB 3TWE . unspecified 
PDB 3TWG . unspecified 
# 
loop_
_audit_author.name 
_audit_author.pdbx_ordinal 
'Buer, B.C.'    1 
'Meagher, J.L.' 2 
'Stuckey, J.A.' 3 
'Marsh, E.N.G.' 4 
# 
_citation.id                        primary 
_citation.title                     'Structural basis for the enhanced stability of highly fluorinated proteins.' 
_citation.journal_abbrev            Proc.Natl.Acad.Sci.USA 
_citation.journal_volume            109 
_citation.page_first                4810 
_citation.page_last                 4815 
_citation.year                      2012 
_citation.journal_id_ASTM           PNASA6 
_citation.country                   US 
_citation.journal_id_ISSN           0027-8424 
_citation.journal_id_CSD            0040 
_citation.book_publisher            ? 
_citation.pdbx_database_id_PubMed   22411812 
_citation.pdbx_database_id_DOI      10.1073/pnas.1120112109 
# 
loop_
_citation_author.citation_id 
_citation_author.name 
_citation_author.ordinal 
_citation_author.identifier_ORCID 
primary 'Buer, B.C.'    1 ? 
primary 'Meagher, J.L.' 2 ? 
primary 'Stuckey, J.A.' 3 ? 
primary 'Marsh, E.N.'   4 ? 
# 
loop_
_entity.id 
_entity.type 
_entity.src_method 
_entity.pdbx_description 
_entity.formula_weight 
_entity.pdbx_number_of_molecules 
_entity.pdbx_ec 
_entity.pdbx_mutation 
_entity.pdbx_fragment 
_entity.details 
1 polymer     syn alpha4F3a            3590.581 2  ? ? ? ? 
2 non-polymer syn 'ACETYL GROUP'       44.053   1  ? ? ? ? 
3 non-polymer syn 'TRIETHYLENE GLYCOL' 150.173  2  ? ? ? ? 
4 non-polymer syn 'SODIUM ION'         22.990   1  ? ? ? ? 
5 water       nat water                18.015   19 ? ? ? ? 
# 
_entity_poly.entity_id                      1 
_entity_poly.type                           'polypeptide(L)' 
_entity_poly.nstd_linkage                   no 
_entity_poly.nstd_monomer                   yes 
_entity_poly.pdbx_seq_one_letter_code       'GNADELYKE(6FL)EDLQER(6FL)RKLRKK(6FL)RSG' 
_entity_poly.pdbx_seq_one_letter_code_can   GNADELYKEXEDLQERXRKLRKKXRSG 
_entity_poly.pdbx_strand_id                 A,B 
_entity_poly.pdbx_target_identifier         ? 
# 
loop_
_pdbx_entity_nonpoly.entity_id 
_pdbx_entity_nonpoly.name 
_pdbx_entity_nonpoly.comp_id 
2 'ACETYL GROUP'       ACE 
3 'TRIETHYLENE GLYCOL' PGE 
4 'SODIUM ION'         NA  
5 water                HOH 
# 
loop_
_entity_poly_seq.entity_id 
_entity_poly_seq.num 
_entity_poly_seq.mon_id 
_entity_poly_seq.hetero 
1 1  GLY n 
1 2  ASN n 
1 3  ALA n 
1 4  ASP n 
1 5  GLU n 
1 6  LEU n 
1 7  TYR n 
1 8  LYS n 
1 9  GLU n 
1 10 6FL n 
1 11 GLU n 
1 12 ASP n 
1 13 LEU n 
1 14 GLN n 
1 15 GLU n 
1 16 ARG n 
1 17 6FL n 
1 18 ARG n 
1 19 LYS n 
1 20 LEU n 
1 21 ARG n 
1 22 LYS n 
1 23 LYS n 
1 24 6FL n 
1 25 ARG n 
1 26 SER n 
1 27 GLY n 
# 
_pdbx_entity_src_syn.entity_id              1 
_pdbx_entity_src_syn.pdbx_src_id            1 
_pdbx_entity_src_syn.pdbx_alt_source_flag   sample 
_pdbx_entity_src_syn.pdbx_beg_seq_num       ? 
_pdbx_entity_src_syn.pdbx_end_seq_num       ? 
_pdbx_entity_src_syn.organism_scientific    ? 
_pdbx_entity_src_syn.organism_common_name   ? 
_pdbx_entity_src_syn.ncbi_taxonomy_id       ? 
_pdbx_entity_src_syn.details                synthesized 
# 
loop_
_chem_comp.id 
_chem_comp.type 
_chem_comp.mon_nstd_flag 
_chem_comp.name 
_chem_comp.pdbx_synonyms 
_chem_comp.formula 
_chem_comp.formula_weight 
6FL 'L-peptide linking' . "5,5,5,5',5',5'-hexafluoro-L-leucine" ? 'C6 H7 F6 N O2'  239.116 
ACE non-polymer         . 'ACETYL GROUP'                        ? 'C2 H4 O'        44.053  
ALA 'L-peptide linking' y ALANINE                               ? 'C3 H7 N O2'     89.093  
ARG 'L-peptide linking' y ARGININE                              ? 'C6 H15 N4 O2 1' 175.209 
ASN 'L-peptide linking' y ASPARAGINE                            ? 'C4 H8 N2 O3'    132.118 
ASP 'L-peptide linking' y 'ASPARTIC ACID'                       ? 'C4 H7 N O4'     133.103 
GLN 'L-peptide linking' y GLUTAMINE                             ? 'C5 H10 N2 O3'   146.144 
GLU 'L-peptide linking' y 'GLUTAMIC ACID'                       ? 'C5 H9 N O4'     147.129 
GLY 'peptide linking'   y GLYCINE                               ? 'C2 H5 N O2'     75.067  
HOH non-polymer         . WATER                                 ? 'H2 O'           18.015  
LEU 'L-peptide linking' y LEUCINE                               ? 'C6 H13 N O2'    131.173 
LYS 'L-peptide linking' y LYSINE                                ? 'C6 H15 N2 O2 1' 147.195 
NA  non-polymer         . 'SODIUM ION'                          ? 'Na 1'           22.990  
PGE non-polymer         . 'TRIETHYLENE GLYCOL'                  ? 'C6 H14 O4'      150.173 
SER 'L-peptide linking' y SERINE                                ? 'C3 H7 N O3'     105.093 
TYR 'L-peptide linking' y TYROSINE                              ? 'C9 H11 N O3'    181.189 
# 
loop_
_pdbx_poly_seq_scheme.asym_id 
_pdbx_poly_seq_scheme.entity_id 
_pdbx_poly_seq_scheme.seq_id 
_pdbx_poly_seq_scheme.mon_id 
_pdbx_poly_seq_scheme.ndb_seq_num 
_pdbx_poly_seq_scheme.pdb_seq_num 
_pdbx_poly_seq_scheme.auth_seq_num 
_pdbx_poly_seq_scheme.pdb_mon_id 
_pdbx_poly_seq_scheme.auth_mon_id 
_pdbx_poly_seq_scheme.pdb_strand_id 
_pdbx_poly_seq_scheme.pdb_ins_code 
_pdbx_poly_seq_scheme.hetero 
A 1 1  GLY 1  1  1  GLY GLY A . n 
A 1 2  ASN 2  2  2  ASN ASN A . n 
A 1 3  ALA 3  3  3  ALA ALA A . n 
A 1 4  ASP 4  4  4  ASP ASP A . n 
A 1 5  GLU 5  5  5  GLU GLU A . n 
A 1 6  LEU 6  6  6  LEU LEU A . n 
A 1 7  TYR 7  7  7  TYR TYR A . n 
A 1 8  LYS 8  8  8  LYS LYS A . n 
A 1 9  GLU 9  9  9  GLU GLU A . n 
A 1 10 6FL 10 10 10 6FL 6FL A . n 
A 1 11 GLU 11 11 11 GLU GLU A . n 
A 1 12 ASP 12 12 12 ASP ASP A . n 
A 1 13 LEU 13 13 13 LEU LEU A . n 
A 1 14 GLN 14 14 14 GLN GLN A . n 
A 1 15 GLU 15 15 15 GLU GLU A . n 
A 1 16 ARG 16 16 16 ARG ARG A . n 
A 1 17 6FL 17 17 17 6FL 6FL A . n 
A 1 18 ARG 18 18 18 ARG ARG A . n 
A 1 19 LYS 19 19 19 LYS LYS A . n 
A 1 20 LEU 20 20 20 LEU LEU A . n 
A 1 21 ARG 21 21 21 ARG ARG A . n 
A 1 22 LYS 22 22 22 LYS LYS A . n 
A 1 23 LYS 23 23 23 LYS LYS A . n 
A 1 24 6FL 24 24 24 6FL 6FL A . n 
A 1 25 ARG 25 25 25 ARG ARG A . n 
A 1 26 SER 26 26 ?  ?   ?   A . n 
A 1 27 GLY 27 27 ?  ?   ?   A . n 
B 1 1  GLY 1  1  1  GLY GLY B . n 
B 1 2  ASN 2  2  2  ASN ASN B . n 
B 1 3  ALA 3  3  3  ALA ALA B . n 
B 1 4  ASP 4  4  4  ASP ASP B . n 
B 1 5  GLU 5  5  5  GLU GLU B . n 
B 1 6  LEU 6  6  6  LEU LEU B . n 
B 1 7  TYR 7  7  7  TYR TYR B . n 
B 1 8  LYS 8  8  8  LYS LYS B . n 
B 1 9  GLU 9  9  9  GLU GLU B . n 
B 1 10 6FL 10 10 10 6FL 6FL B . n 
B 1 11 GLU 11 11 11 GLU GLU B . n 
B 1 12 ASP 12 12 12 ASP ASP B . n 
B 1 13 LEU 13 13 13 LEU LEU B . n 
B 1 14 GLN 14 14 14 GLN GLN B . n 
B 1 15 GLU 15 15 15 GLU GLU B . n 
B 1 16 ARG 16 16 16 ARG ARG B . n 
B 1 17 6FL 17 17 17 6FL 6FL B . n 
B 1 18 ARG 18 18 18 ARG ARG B . n 
B 1 19 LYS 19 19 19 LYS LYS B . n 
B 1 20 LEU 20 20 20 LEU LEU B . n 
B 1 21 ARG 21 21 21 ARG ARG B . n 
B 1 22 LYS 22 22 22 LYS LYS B . n 
B 1 23 LYS 23 23 23 LYS LYS B . n 
B 1 24 6FL 24 24 24 6FL 6FL B . n 
B 1 25 ARG 25 25 25 ARG ARG B . n 
B 1 26 SER 26 26 26 SER SER B . n 
B 1 27 GLY 27 27 ?  ?   ?   B . n 
# 
loop_
_pdbx_nonpoly_scheme.asym_id 
_pdbx_nonpoly_scheme.entity_id 
_pdbx_nonpoly_scheme.mon_id 
_pdbx_nonpoly_scheme.ndb_seq_num 
_pdbx_nonpoly_scheme.pdb_seq_num 
_pdbx_nonpoly_scheme.auth_seq_num 
_pdbx_nonpoly_scheme.pdb_mon_id 
_pdbx_nonpoly_scheme.auth_mon_id 
_pdbx_nonpoly_scheme.pdb_strand_id 
_pdbx_nonpoly_scheme.pdb_ins_code 
C 2 ACE 1  28 1  ACE ACE A . 
D 3 PGE 1  28 1  PGE PGE B . 
E 3 PGE 1  29 1  PGE PGE B . 
F 4 NA  1  30 1  NA  NA  B . 
G 5 HOH 1  29 4  HOH HOH A . 
G 5 HOH 2  30 5  HOH HOH A . 
G 5 HOH 3  31 8  HOH HOH A . 
G 5 HOH 4  32 9  HOH HOH A . 
G 5 HOH 5  33 11 HOH HOH A . 
G 5 HOH 6  34 13 HOH HOH A . 
G 5 HOH 7  35 14 HOH HOH A . 
G 5 HOH 8  36 16 HOH HOH A . 
G 5 HOH 9  37 17 HOH HOH A . 
G 5 HOH 10 38 18 HOH HOH A . 
H 5 HOH 1  31 1  HOH HOH B . 
H 5 HOH 2  32 2  HOH HOH B . 
H 5 HOH 3  33 3  HOH HOH B . 
H 5 HOH 4  34 6  HOH HOH B . 
H 5 HOH 5  35 7  HOH HOH B . 
H 5 HOH 6  36 10 HOH HOH B . 
H 5 HOH 7  37 12 HOH HOH B . 
H 5 HOH 8  38 15 HOH HOH B . 
H 5 HOH 9  39 19 HOH HOH B . 
# 
loop_
_pdbx_unobs_or_zero_occ_atoms.id 
_pdbx_unobs_or_zero_occ_atoms.PDB_model_num 
_pdbx_unobs_or_zero_occ_atoms.polymer_flag 
_pdbx_unobs_or_zero_occ_atoms.occupancy_flag 
_pdbx_unobs_or_zero_occ_atoms.auth_asym_id 
_pdbx_unobs_or_zero_occ_atoms.auth_comp_id 
_pdbx_unobs_or_zero_occ_atoms.auth_seq_id 
_pdbx_unobs_or_zero_occ_atoms.PDB_ins_code 
_pdbx_unobs_or_zero_occ_atoms.auth_atom_id 
_pdbx_unobs_or_zero_occ_atoms.label_alt_id 
_pdbx_unobs_or_zero_occ_atoms.label_asym_id 
_pdbx_unobs_or_zero_occ_atoms.label_comp_id 
_pdbx_unobs_or_zero_occ_atoms.label_seq_id 
_pdbx_unobs_or_zero_occ_atoms.label_atom_id 
1  1 Y 1 A ASP 4  ? CG  ? A ASP 4  CG  
2  1 Y 1 A ASP 4  ? OD1 ? A ASP 4  OD1 
3  1 Y 1 A ASP 4  ? OD2 ? A ASP 4  OD2 
4  1 Y 1 A GLU 11 ? CD  ? A GLU 11 CD  
5  1 Y 1 A GLU 11 ? OE1 ? A GLU 11 OE1 
6  1 Y 1 A GLU 11 ? OE2 ? A GLU 11 OE2 
7  1 Y 1 A ARG 25 ? CG  ? A ARG 25 CG  
8  1 Y 1 A ARG 25 ? CD  ? A ARG 25 CD  
9  1 Y 1 A ARG 25 ? NE  ? A ARG 25 NE  
10 1 Y 1 A ARG 25 ? CZ  ? A ARG 25 CZ  
11 1 Y 1 A ARG 25 ? NH1 ? A ARG 25 NH1 
12 1 Y 1 A ARG 25 ? NH2 ? A ARG 25 NH2 
13 1 Y 1 B ASP 4  ? CG  ? B ASP 4  CG  
14 1 Y 1 B ASP 4  ? OD1 ? B ASP 4  OD1 
15 1 Y 1 B ASP 4  ? OD2 ? B ASP 4  OD2 
16 1 Y 1 B LYS 8  ? CG  ? B LYS 8  CG  
17 1 Y 1 B LYS 8  ? CD  ? B LYS 8  CD  
18 1 Y 1 B LYS 8  ? CE  ? B LYS 8  CE  
19 1 Y 1 B LYS 8  ? NZ  ? B LYS 8  NZ  
20 1 Y 1 B LYS 22 ? NZ  ? B LYS 22 NZ  
21 1 Y 1 B ARG 25 ? CG  ? B ARG 25 CG  
22 1 Y 1 B ARG 25 ? CD  ? B ARG 25 CD  
23 1 Y 1 B ARG 25 ? NE  ? B ARG 25 NE  
24 1 Y 1 B ARG 25 ? CZ  ? B ARG 25 CZ  
25 1 Y 1 B ARG 25 ? NH1 ? B ARG 25 NH1 
26 1 Y 1 B ARG 25 ? NH2 ? B ARG 25 NH2 
# 
loop_
_software.pdbx_ordinal 
_software.name 
_software.version 
_software.date 
_software.type 
_software.contact_author 
_software.contact_author_email 
_software.classification 
_software.location 
_software.language 
_software.citation_id 
1 DENZO       .              ?               package 'Zbyszek Otwinowski' hkl@hkl-xray.com                 'data reduction'  
http://www.hkl-xray.com/                    ?   ? 
2 SCALEPACK   .              ?               package 'Zbyszek Otwinowski' hkl@hkl-xray.com                 'data scaling'    
http://www.hkl-xray.com/                    ?   ? 
3 PHASER      .              ?               program 'Randy J. Read'      cimr-phaser@lists.cam.ac.uk      phasing           
http://www-structmed.cimr.cam.ac.uk/phaser/ ?   ? 
4 BUSTER-TNT  'BUSTER 2.8.0' ?               program 'Gerard Bricogne'    buster-develop@GlobalPhasing.com refinement        
http://www.globalphasing.com/buster/        ?   ? 
5 PDB_EXTRACT 3.10           'June 10, 2010' package PDB                  deposit@deposit.rcsb.org         'data extraction' 
http://sw-tools.pdb.org/apps/PDB_EXTRACT/   C++ ? 
6 MD2         .              ?               ?       ?                    ?                                'data collection' ? ?   
? 
7 HKL-2000    .              ?               ?       ?                    ?                                'data reduction'  ? ?   
? 
8 HKL-2000    .              ?               ?       ?                    ?                                'data scaling'    ? ?   
? 
9 BUSTER      1.6.0          ?               ?       ?                    ?                                refinement        ? ?   
? 
# 
_cell.length_a           48.349 
_cell.length_b           48.349 
_cell.length_c           39.748 
_cell.angle_alpha        90.000 
_cell.angle_beta         90.000 
_cell.angle_gamma        90.000 
_cell.entry_id           3TWF 
_cell.pdbx_unique_axis   ? 
_cell.Z_PDB              16 
_cell.length_a_esd       ? 
_cell.length_b_esd       ? 
_cell.length_c_esd       ? 
_cell.angle_alpha_esd    ? 
_cell.angle_beta_esd     ? 
_cell.angle_gamma_esd    ? 
# 
_symmetry.space_group_name_H-M             'I 41' 
_symmetry.entry_id                         3TWF 
_symmetry.Int_Tables_number                80 
_symmetry.pdbx_full_space_group_name_H-M   ? 
_symmetry.cell_setting                     ? 
_symmetry.space_group_name_Hall            ? 
# 
_exptl.crystals_number   1 
_exptl.entry_id          3TWF 
_exptl.method            'X-RAY DIFFRACTION' 
# 
_exptl_crystal.id                    1 
_exptl_crystal.density_Matthews      1.62 
_exptl_crystal.density_meas          ? 
_exptl_crystal.density_percent_sol   23.95 
_exptl_crystal.description           ? 
_exptl_crystal.F_000                 ? 
_exptl_crystal.preparation           ? 
# 
_exptl_crystal_grow.crystal_id      1 
_exptl_crystal_grow.method          'VAPOR DIFFUSION, HANGING DROP' 
_exptl_crystal_grow.pH              7.8 
_exptl_crystal_grow.temp            293.15 
_exptl_crystal_grow.pdbx_details    '55% PEG400, 0.1M Tris pH 7.8, vapor diffusion, hanging drop, temperature 293.15K' 
_exptl_crystal_grow.temp_details    ? 
_exptl_crystal_grow.pdbx_pH_range   ? 
# 
_diffrn.id                     1 
_diffrn.ambient_temp           100 
_diffrn.ambient_temp_details   ? 
_diffrn.crystal_id             1 
# 
_diffrn_detector.diffrn_id              1 
_diffrn_detector.detector               CCD 
_diffrn_detector.type                   'MARMOSAIC 225 mm CCD' 
_diffrn_detector.pdbx_collection_date   2011-02-24 
_diffrn_detector.details                ? 
# 
_diffrn_radiation.diffrn_id                        1 
_diffrn_radiation.pdbx_diffrn_protocol             'SINGLE WAVELENGTH' 
_diffrn_radiation.monochromator                    'Diamond [111]' 
_diffrn_radiation.wavelength_id                    1 
_diffrn_radiation.pdbx_monochromatic_or_laue_m_l   M 
_diffrn_radiation.pdbx_scattering_type             x-ray 
# 
_diffrn_radiation_wavelength.id           1 
_diffrn_radiation_wavelength.wavelength   0.97872 
_diffrn_radiation_wavelength.wt           1.0 
# 
_diffrn_source.diffrn_id                   1 
_diffrn_source.source                      SYNCHROTRON 
_diffrn_source.type                        'APS BEAMLINE 21-ID-F' 
_diffrn_source.pdbx_wavelength_list        0.97872 
_diffrn_source.pdbx_wavelength             ? 
_diffrn_source.pdbx_synchrotron_site       APS 
_diffrn_source.pdbx_synchrotron_beamline   21-ID-F 
# 
_reflns.entry_id                     3TWF 
_reflns.d_resolution_high            1.540 
_reflns.d_resolution_low             50.000 
_reflns.number_obs                   6830 
_reflns.pdbx_Rmerge_I_obs            0.053 
_reflns.pdbx_netI_over_sigmaI        17.900 
_reflns.pdbx_chi_squared             0.967 
_reflns.pdbx_redundancy              7.000 
_reflns.percent_possible_obs         98.800 
_reflns.observed_criterion_sigma_F   ? 
_reflns.observed_criterion_sigma_I   -3 
_reflns.number_all                   6913 
_reflns.pdbx_Rsym_value              ? 
_reflns.B_iso_Wilson_estimate        ? 
_reflns.R_free_details               ? 
_reflns.limit_h_max                  ? 
_reflns.limit_h_min                  ? 
_reflns.limit_k_max                  ? 
_reflns.limit_k_min                  ? 
_reflns.limit_l_max                  ? 
_reflns.limit_l_min                  ? 
_reflns.observed_criterion_F_max     ? 
_reflns.observed_criterion_F_min     ? 
_reflns.pdbx_scaling_rejects         ? 
_reflns.pdbx_ordinal                 1 
_reflns.pdbx_diffrn_id               1 
# 
loop_
_reflns_shell.d_res_high 
_reflns_shell.d_res_low 
_reflns_shell.number_measured_obs 
_reflns_shell.number_measured_all 
_reflns_shell.number_unique_obs 
_reflns_shell.Rmerge_I_obs 
_reflns_shell.meanI_over_sigI_obs 
_reflns_shell.pdbx_Rsym_value 
_reflns_shell.pdbx_chi_squared 
_reflns_shell.pdbx_redundancy 
_reflns_shell.percent_possible_obs 
_reflns_shell.number_unique_all 
_reflns_shell.percent_possible_all 
_reflns_shell.pdbx_ordinal 
_reflns_shell.pdbx_diffrn_id 
1.540 1.570  ? ? ? 0.276 ? ? 0.644 6.500 ? 358 100.000 1  1 
1.570 1.600  ? ? ? 0.216 ? ? 0.711 7.500 ? 338 100.000 2  1 
1.600 1.630  ? ? ? 0.174 ? ? 0.693 7.400 ? 332 100.000 3  1 
1.630 1.660  ? ? ? 0.163 ? ? 0.738 7.500 ? 347 100.000 4  1 
1.660 1.690  ? ? ? 0.143 ? ? 0.820 7.400 ? 347 100.000 5  1 
1.690 1.730  ? ? ? 0.136 ? ? 0.848 7.500 ? 337 100.000 6  1 
1.730 1.780  ? ? ? 0.117 ? ? 0.824 7.500 ? 340 100.000 7  1 
1.780 1.830  ? ? ? 0.106 ? ? 0.906 7.400 ? 340 100.000 8  1 
1.830 1.880  ? ? ? 0.092 ? ? 0.955 7.400 ? 350 100.000 9  1 
1.880 1.940  ? ? ? 0.083 ? ? 1.168 7.300 ? 341 100.000 10 1 
1.940 2.010  ? ? ? 0.072 ? ? 1.150 7.400 ? 343 100.000 11 1 
2.010 2.090  ? ? ? 0.061 ? ? 1.160 7.200 ? 355 100.000 12 1 
2.090 2.190  ? ? ? 0.057 ? ? 1.116 7.100 ? 337 100.000 13 1 
2.190 2.300  ? ? ? 0.051 ? ? 1.136 7.100 ? 346 100.000 14 1 
2.300 2.440  ? ? ? 0.051 ? ? 1.058 7.000 ? 346 100.000 15 1 
2.440 2.630  ? ? ? 0.051 ? ? 1.128 6.800 ? 355 100.000 16 1 
2.630 2.900  ? ? ? 0.051 ? ? 1.162 6.400 ? 326 100.000 17 1 
2.900 3.320  ? ? ? 0.049 ? ? 1.084 6.300 ? 360 99.400  18 1 
3.320 4.180  ? ? ? 0.041 ? ? 1.051 6.000 ? 338 97.700  19 1 
4.180 50.000 ? ? ? 0.044 ? ? 1.115 5.500 ? 294 80.500  20 1 
# 
_refine.entry_id                                 3TWF 
_refine.ls_d_res_high                            1.5400 
_refine.ls_d_res_low                             34.1900 
_refine.pdbx_ls_sigma_F                          0.000 
_refine.pdbx_data_cutoff_high_absF               ? 
_refine.pdbx_data_cutoff_low_absF                ? 
_refine.ls_percent_reflns_obs                    ? 
_refine.ls_number_reflns_obs                     6778 
_refine.ls_number_reflns_all                     ? 
_refine.pdbx_ls_cross_valid_method               THROUGHOUT 
_refine.pdbx_R_Free_selection_details            RANDOM 
_refine.details                                  ? 
_refine.ls_R_factor_all                          ? 
_refine.ls_R_factor_obs                          0.1870 
_refine.ls_R_factor_R_work                       0.1859 
_refine.ls_wR_factor_R_work                      ? 
_refine.ls_R_factor_R_free                       0.2092 
_refine.ls_wR_factor_R_free                      ? 
_refine.ls_percent_reflns_R_free                 4.8100 
_refine.ls_number_reflns_R_free                  326 
_refine.ls_R_factor_R_free_error                 ? 
_refine.B_iso_mean                               26.2458 
_refine.solvent_model_param_bsol                 ? 
_refine.solvent_model_param_ksol                 ? 
_refine.pdbx_isotropic_thermal_model             ? 
_refine.aniso_B[1][1]                            0.1219 
_refine.aniso_B[2][2]                            0.1219 
_refine.aniso_B[3][3]                            -0.2437 
_refine.aniso_B[1][2]                            0.0000 
_refine.aniso_B[1][3]                            0.0000 
_refine.aniso_B[2][3]                            0.0000 
_refine.correlation_coeff_Fo_to_Fc               0.9508 
_refine.correlation_coeff_Fo_to_Fc_free          0.9352 
_refine.overall_SU_R_Cruickshank_DPI             ? 
_refine.overall_SU_R_free                        ? 
_refine.pdbx_overall_ESU_R_Free                  ? 
_refine.overall_SU_ML                            ? 
_refine.overall_SU_B                             ? 
_refine.solvent_model_details                    ? 
_refine.pdbx_solvent_vdw_probe_radii             ? 
_refine.pdbx_solvent_ion_probe_radii             ? 
_refine.pdbx_solvent_shrinkage_radii             ? 
_refine.ls_number_parameters                     ? 
_refine.ls_number_restraints                     ? 
_refine.pdbx_starting_model                      ? 
_refine.pdbx_method_to_determine_struct          'MOLECULAR REPLACEMENT' 
_refine.pdbx_stereochemistry_target_values       'maximum likelihood' 
_refine.pdbx_stereochem_target_val_spec_case     ? 
_refine.overall_FOM_work_R_set                   ? 
_refine.B_iso_max                                82.890 
_refine.B_iso_min                                12.420 
_refine.pdbx_overall_phase_error                 ? 
_refine.occupancy_max                            1.000 
_refine.occupancy_min                            0.500 
_refine.pdbx_ls_sigma_I                          ? 
_refine.ls_redundancy_reflns_obs                 ? 
_refine.ls_R_factor_R_free_error_details         ? 
_refine.pdbx_data_cutoff_high_rms_absF           ? 
_refine.overall_FOM_free_R_set                   ? 
_refine.pdbx_diffrn_id                           1 
_refine.pdbx_refine_id                           'X-RAY DIFFRACTION' 
_refine.pdbx_overall_ESU_R                       ? 
_refine.pdbx_TLS_residual_ADP_flag               ? 
_refine.pdbx_overall_SU_R_free_Cruickshank_DPI   ? 
_refine.pdbx_overall_SU_R_Blow_DPI               ? 
_refine.pdbx_overall_SU_R_free_Blow_DPI          ? 
# 
_refine_analyze.entry_id                        3TWF 
_refine_analyze.Luzzati_coordinate_error_obs    0.166 
_refine_analyze.Luzzati_sigma_a_obs             ? 
_refine_analyze.Luzzati_d_res_low_obs           ? 
_refine_analyze.Luzzati_coordinate_error_free   ? 
_refine_analyze.Luzzati_sigma_a_free            ? 
_refine_analyze.Luzzati_d_res_low_free          ? 
_refine_analyze.number_disordered_residues      ? 
_refine_analyze.occupancy_sum_non_hydrogen      ? 
_refine_analyze.occupancy_sum_hydrogen          ? 
_refine_analyze.pdbx_Luzzati_d_res_high_obs     ? 
_refine_analyze.pdbx_refine_id                  'X-RAY DIFFRACTION' 
# 
_refine_hist.pdbx_refine_id                   'X-RAY DIFFRACTION' 
_refine_hist.cycle_id                         LAST 
_refine_hist.pdbx_number_atoms_protein        452 
_refine_hist.pdbx_number_atoms_nucleic_acid   0 
_refine_hist.pdbx_number_atoms_ligand         24 
_refine_hist.number_atoms_solvent             19 
_refine_hist.number_atoms_total               495 
_refine_hist.d_res_high                       1.5400 
_refine_hist.d_res_low                        34.1900 
# 
loop_
_refine_ls_restr.type 
_refine_ls_restr.number 
_refine_ls_restr.dev_ideal 
_refine_ls_restr.dev_ideal_target 
_refine_ls_restr.weight 
_refine_ls_restr.pdbx_restraint_function 
_refine_ls_restr.pdbx_refine_id 
t_dihedral_angle_d        163 ?      ? 2.000  SINUSOIDAL   'X-RAY DIFFRACTION' 
t_trig_c_planes           14  ?      ? 2.000  HARMONIC     'X-RAY DIFFRACTION' 
t_gen_planes              61  ?      ? 5.000  HARMONIC     'X-RAY DIFFRACTION' 
t_it                      479 ?      ? 20.000 HARMONIC     'X-RAY DIFFRACTION' 
t_nbd                     16  ?      ? 5.000  SEMIHARMONIC 'X-RAY DIFFRACTION' 
t_improper_torsion        ?   ?      ? ?      ?            'X-RAY DIFFRACTION' 
t_pseud_angle             ?   ?      ? ?      ?            'X-RAY DIFFRACTION' 
t_chiral_improper_torsion 44  ?      ? 5.000  SEMIHARMONIC 'X-RAY DIFFRACTION' 
t_sum_occupancies         ?   ?      ? ?      ?            'X-RAY DIFFRACTION' 
t_utility_distance        ?   ?      ? ?      ?            'X-RAY DIFFRACTION' 
t_utility_angle           ?   ?      ? ?      ?            'X-RAY DIFFRACTION' 
t_utility_torsion         ?   ?      ? ?      ?            'X-RAY DIFFRACTION' 
t_ideal_dist_contact      501 ?      ? 4.000  SEMIHARMONIC 'X-RAY DIFFRACTION' 
t_bond_d                  479 0.009  ? 2.000  HARMONIC     'X-RAY DIFFRACTION' 
t_angle_deg               651 1.050  ? 2.000  HARMONIC     'X-RAY DIFFRACTION' 
t_omega_torsion           ?   2.030  ? ?      ?            'X-RAY DIFFRACTION' 
t_other_torsion           ?   13.920 ? ?      ?            'X-RAY DIFFRACTION' 
# 
_refine_ls_shell.d_res_high                       1.5400 
_refine_ls_shell.d_res_low                        1.7200 
_refine_ls_shell.pdbx_total_number_of_bins_used   5 
_refine_ls_shell.percent_reflns_obs               ? 
_refine_ls_shell.number_reflns_R_work             1856 
_refine_ls_shell.R_factor_all                     0.1634 
_refine_ls_shell.R_factor_R_work                  0.1614 
_refine_ls_shell.R_factor_R_free                  0.2044 
_refine_ls_shell.percent_reflns_R_free            5.0200 
_refine_ls_shell.number_reflns_R_free             98 
_refine_ls_shell.R_factor_R_free_error            ? 
_refine_ls_shell.number_reflns_all                1954 
_refine_ls_shell.number_reflns_obs                ? 
_refine_ls_shell.redundancy_reflns_obs            ? 
_refine_ls_shell.pdbx_refine_id                   'X-RAY DIFFRACTION' 
# 
_struct.entry_id                  3TWF 
_struct.title                     'Crystal structure of the de novo designed fluorinated peptide alpha4F3a' 
_struct.pdbx_model_details        ? 
_struct.pdbx_CASP_flag            ? 
_struct.pdbx_model_type_details   ? 
# 
_struct_keywords.entry_id        3TWF 
_struct_keywords.text            'alpha helix, de novo designed, fluorinated protein, UNKNOWN FUNCTION' 
_struct_keywords.pdbx_keywords   'UNKNOWN FUNCTION' 
# 
loop_
_struct_asym.id 
_struct_asym.pdbx_blank_PDB_chainid_flag 
_struct_asym.pdbx_modified 
_struct_asym.entity_id 
_struct_asym.details 
A N N 1 ? 
B N N 1 ? 
C N N 2 ? 
D N N 3 ? 
E N N 3 ? 
F N N 4 ? 
G N N 5 ? 
H N N 5 ? 
# 
_struct_ref.id                         1 
_struct_ref.db_name                    PDB 
_struct_ref.db_code                    3TWF 
_struct_ref.pdbx_db_accession          3TWF 
_struct_ref.entity_id                  1 
_struct_ref.pdbx_align_begin           ? 
_struct_ref.pdbx_seq_one_letter_code   GNADELYKELEDLQERLRKLRKKLRSG 
_struct_ref.pdbx_db_isoform            ? 
# 
loop_
_struct_ref_seq.align_id 
_struct_ref_seq.ref_id 
_struct_ref_seq.pdbx_PDB_id_code 
_struct_ref_seq.pdbx_strand_id 
_struct_ref_seq.seq_align_beg 
_struct_ref_seq.pdbx_seq_align_beg_ins_code 
_struct_ref_seq.seq_align_end 
_struct_ref_seq.pdbx_seq_align_end_ins_code 
_struct_ref_seq.pdbx_db_accession 
_struct_ref_seq.db_align_beg 
_struct_ref_seq.pdbx_db_align_beg_ins_code 
_struct_ref_seq.db_align_end 
_struct_ref_seq.pdbx_db_align_end_ins_code 
_struct_ref_seq.pdbx_auth_seq_align_beg 
_struct_ref_seq.pdbx_auth_seq_align_end 
1 1 3TWF A 1 ? 27 ? 3TWF 1 ? 27 ? 1 27 
2 1 3TWF B 1 ? 27 ? 3TWF 1 ? 27 ? 1 27 
# 
loop_
_pdbx_struct_assembly.id 
_pdbx_struct_assembly.details 
_pdbx_struct_assembly.method_details 
_pdbx_struct_assembly.oligomeric_details 
_pdbx_struct_assembly.oligomeric_count 
1 author_defined_assembly ? tetrameric 4 
2 author_defined_assembly ? dimeric    2 
# 
loop_
_pdbx_struct_assembly_gen.assembly_id 
_pdbx_struct_assembly_gen.oper_expression 
_pdbx_struct_assembly_gen.asym_id_list 
1 1,2 A,B,C,D,E,F,G,H 
2 1   A,B,C,D,E,F,G,H 
# 
loop_
_pdbx_struct_oper_list.id 
_pdbx_struct_oper_list.type 
_pdbx_struct_oper_list.name 
_pdbx_struct_oper_list.symmetry_operation 
_pdbx_struct_oper_list.matrix[1][1] 
_pdbx_struct_oper_list.matrix[1][2] 
_pdbx_struct_oper_list.matrix[1][3] 
_pdbx_struct_oper_list.vector[1] 
_pdbx_struct_oper_list.matrix[2][1] 
_pdbx_struct_oper_list.matrix[2][2] 
_pdbx_struct_oper_list.matrix[2][3] 
_pdbx_struct_oper_list.vector[2] 
_pdbx_struct_oper_list.matrix[3][1] 
_pdbx_struct_oper_list.matrix[3][2] 
_pdbx_struct_oper_list.matrix[3][3] 
_pdbx_struct_oper_list.vector[3] 
1 'identity operation'         1_555 x,y,z       1.0000000000  0.0000000000 0.0000000000 0.0000000000  0.0000000000 1.0000000000 0.0000000000 0.0000000000 0.0000000000 0.0000000000 1.0000000000  0.0000000000  
2 'crystal symmetry operation' 6_765 -x+2,-y+1,z -0.8700461938 0.4880607107 0.0694000247 -9.8516874281 0.4880607107 0.8329840748 0.2606420417 3.2971394785 0.0694000247 0.2606420417 -0.9629378810 -4.7397671579 
# 
_struct_biol.id        1 
_struct_biol.details   ? 
# 
loop_
_struct_conf.conf_type_id 
_struct_conf.id 
_struct_conf.pdbx_PDB_helix_id 
_struct_conf.beg_label_comp_id 
_struct_conf.beg_label_asym_id 
_struct_conf.beg_label_seq_id 
_struct_conf.pdbx_beg_PDB_ins_code 
_struct_conf.end_label_comp_id 
_struct_conf.end_label_asym_id 
_struct_conf.end_label_seq_id 
_struct_conf.pdbx_end_PDB_ins_code 
_struct_conf.beg_auth_comp_id 
_struct_conf.beg_auth_asym_id 
_struct_conf.beg_auth_seq_id 
_struct_conf.end_auth_comp_id 
_struct_conf.end_auth_asym_id 
_struct_conf.end_auth_seq_id 
_struct_conf.pdbx_PDB_helix_class 
_struct_conf.details 
_struct_conf.pdbx_PDB_helix_length 
HELX_P HELX_P1 1 ASN A 2 ? ARG A 25 ? ASN A 2 ARG A 25 1 ? 24 
HELX_P HELX_P2 2 ASN B 2 ? SER B 26 ? ASN B 2 SER B 26 1 ? 25 
# 
_struct_conf_type.id          HELX_P 
_struct_conf_type.criteria    ? 
_struct_conf_type.reference   ? 
# 
loop_
_struct_conn.id 
_struct_conn.conn_type_id 
_struct_conn.pdbx_leaving_atom_flag 
_struct_conn.pdbx_PDB_id 
_struct_conn.ptnr1_label_asym_id 
_struct_conn.ptnr1_label_comp_id 
_struct_conn.ptnr1_label_seq_id 
_struct_conn.ptnr1_label_atom_id 
_struct_conn.pdbx_ptnr1_label_alt_id 
_struct_conn.pdbx_ptnr1_PDB_ins_code 
_struct_conn.pdbx_ptnr1_standard_comp_id 
_struct_conn.ptnr1_symmetry 
_struct_conn.ptnr2_label_asym_id 
_struct_conn.ptnr2_label_comp_id 
_struct_conn.ptnr2_label_seq_id 
_struct_conn.ptnr2_label_atom_id 
_struct_conn.pdbx_ptnr2_label_alt_id 
_struct_conn.pdbx_ptnr2_PDB_ins_code 
_struct_conn.ptnr1_auth_asym_id 
_struct_conn.ptnr1_auth_comp_id 
_struct_conn.ptnr1_auth_seq_id 
_struct_conn.ptnr2_auth_asym_id 
_struct_conn.ptnr2_auth_comp_id 
_struct_conn.ptnr2_auth_seq_id 
_struct_conn.ptnr2_symmetry 
_struct_conn.pdbx_ptnr3_label_atom_id 
_struct_conn.pdbx_ptnr3_label_seq_id 
_struct_conn.pdbx_ptnr3_label_comp_id 
_struct_conn.pdbx_ptnr3_label_asym_id 
_struct_conn.pdbx_ptnr3_label_alt_id 
_struct_conn.pdbx_ptnr3_PDB_ins_code 
_struct_conn.details 
_struct_conn.pdbx_dist_value 
_struct_conn.pdbx_value_order 
_struct_conn.pdbx_role 
covale1  covale both ? A GLU 9  C  ? ? ? 1_555 A 6FL 10 N  ? ? A GLU 9  A 6FL 10 1_555 ? ? ? ? ? ? ? 1.329 ? ? 
covale2  covale both ? A 6FL 10 C  ? ? ? 1_555 A GLU 11 N  ? ? A 6FL 10 A GLU 11 1_555 ? ? ? ? ? ? ? 1.358 ? ? 
covale3  covale both ? A ARG 16 C  ? ? ? 1_555 A 6FL 17 N  ? ? A ARG 16 A 6FL 17 1_555 ? ? ? ? ? ? ? 1.330 ? ? 
covale4  covale both ? A 6FL 17 C  ? ? ? 1_555 A ARG 18 N  ? ? A 6FL 17 A ARG 18 1_555 ? ? ? ? ? ? ? 1.356 ? ? 
covale5  covale both ? A LYS 23 C  ? ? ? 1_555 A 6FL 24 N  ? ? A LYS 23 A 6FL 24 1_555 ? ? ? ? ? ? ? 1.354 ? ? 
covale6  covale both ? A 6FL 24 C  ? ? ? 1_555 A ARG 25 N  ? ? A 6FL 24 A ARG 25 1_555 ? ? ? ? ? ? ? 1.344 ? ? 
covale7  covale both ? B GLU 9  C  ? ? ? 1_555 B 6FL 10 N  ? ? B GLU 9  B 6FL 10 1_555 ? ? ? ? ? ? ? 1.355 ? ? 
covale8  covale both ? B 6FL 10 C  ? ? ? 1_555 B GLU 11 N  ? ? B 6FL 10 B GLU 11 1_555 ? ? ? ? ? ? ? 1.320 ? ? 
covale9  covale both ? B ARG 16 C  ? ? ? 1_555 B 6FL 17 N  ? ? B ARG 16 B 6FL 17 1_555 ? ? ? ? ? ? ? 1.347 ? ? 
covale10 covale both ? B 6FL 17 C  ? ? ? 1_555 B ARG 18 N  ? ? B 6FL 17 B ARG 18 1_555 ? ? ? ? ? ? ? 1.345 ? ? 
covale11 covale both ? B LYS 23 C  ? ? ? 1_555 B 6FL 24 N  ? ? B LYS 23 B 6FL 24 1_555 ? ? ? ? ? ? ? 1.329 ? ? 
covale12 covale both ? B 6FL 24 C  ? ? ? 1_555 B ARG 25 N  ? ? B 6FL 24 B ARG 25 1_555 ? ? ? ? ? ? ? 1.350 ? ? 
metalc1  metalc ?    ? B TYR 7  OH ? ? ? 1_555 F NA  .  NA ? ? B TYR 7  B NA  30 1_555 ? ? ? ? ? ? ? 2.235 ? ? 
# 
loop_
_struct_conn_type.id 
_struct_conn_type.criteria 
_struct_conn_type.reference 
covale ? ? 
metalc ? ? 
# 
loop_
_pdbx_modification_feature.ordinal 
_pdbx_modification_feature.label_comp_id 
_pdbx_modification_feature.label_asym_id 
_pdbx_modification_feature.label_seq_id 
_pdbx_modification_feature.label_alt_id 
_pdbx_modification_feature.modified_residue_label_comp_id 
_pdbx_modification_feature.modified_residue_label_asym_id 
_pdbx_modification_feature.modified_residue_label_seq_id 
_pdbx_modification_feature.modified_residue_label_alt_id 
_pdbx_modification_feature.auth_comp_id 
_pdbx_modification_feature.auth_asym_id 
_pdbx_modification_feature.auth_seq_id 
_pdbx_modification_feature.PDB_ins_code 
_pdbx_modification_feature.symmetry 
_pdbx_modification_feature.modified_residue_auth_comp_id 
_pdbx_modification_feature.modified_residue_auth_asym_id 
_pdbx_modification_feature.modified_residue_auth_seq_id 
_pdbx_modification_feature.modified_residue_PDB_ins_code 
_pdbx_modification_feature.modified_residue_symmetry 
_pdbx_modification_feature.comp_id_linking_atom 
_pdbx_modification_feature.modified_residue_id_linking_atom 
_pdbx_modification_feature.modified_residue_id 
_pdbx_modification_feature.ref_pcm_id 
_pdbx_modification_feature.ref_comp_id 
_pdbx_modification_feature.type 
_pdbx_modification_feature.category 
1 6FL A 10 ? . . . . 6FL A 10 ? 1_555 . . . . . . . LEU 1 6FL Fluorination 'Named protein modification' 
2 6FL A 17 ? . . . . 6FL A 17 ? 1_555 . . . . . . . LEU 1 6FL Fluorination 'Named protein modification' 
3 6FL A 24 ? . . . . 6FL A 24 ? 1_555 . . . . . . . LEU 1 6FL Fluorination 'Named protein modification' 
4 6FL B 10 ? . . . . 6FL B 10 ? 1_555 . . . . . . . LEU 1 6FL Fluorination 'Named protein modification' 
5 6FL B 17 ? . . . . 6FL B 17 ? 1_555 . . . . . . . LEU 1 6FL Fluorination 'Named protein modification' 
6 6FL B 24 ? . . . . 6FL B 24 ? 1_555 . . . . . . . LEU 1 6FL Fluorination 'Named protein modification' 
# 
loop_
_struct_site.id 
_struct_site.pdbx_evidence_code 
_struct_site.pdbx_auth_asym_id 
_struct_site.pdbx_auth_comp_id 
_struct_site.pdbx_auth_seq_id 
_struct_site.pdbx_auth_ins_code 
_struct_site.pdbx_num_residues 
_struct_site.details 
AC1 Software A ACE 28 ? 5 'BINDING SITE FOR RESIDUE ACE A 28' 
AC2 Software B PGE 28 ? 6 'BINDING SITE FOR RESIDUE PGE B 28' 
AC3 Software B PGE 29 ? 8 'BINDING SITE FOR RESIDUE PGE B 29' 
AC4 Software B NA  30 ? 5 'BINDING SITE FOR RESIDUE NA B 30'  
# 
loop_
_struct_site_gen.id 
_struct_site_gen.site_id 
_struct_site_gen.pdbx_num_res 
_struct_site_gen.label_comp_id 
_struct_site_gen.label_asym_id 
_struct_site_gen.label_seq_id 
_struct_site_gen.pdbx_auth_ins_code 
_struct_site_gen.auth_comp_id 
_struct_site_gen.auth_asym_id 
_struct_site_gen.auth_seq_id 
_struct_site_gen.label_atom_id 
_struct_site_gen.label_alt_id 
_struct_site_gen.symmetry 
_struct_site_gen.details 
1  AC1 5 GLY A 1  ? GLY A 1  . ? 1_555 ? 
2  AC1 5 GLU A 5  ? GLU A 5  . ? 1_555 ? 
3  AC1 5 ARG B 18 ? ARG B 18 . ? 3_645 ? 
4  AC1 5 ARG B 21 ? ARG B 21 . ? 3_645 ? 
5  AC1 5 HOH H .  ? HOH B 33 . ? 3_645 ? 
6  AC2 6 GLU B 11 ? GLU B 11 . ? 8_665 ? 
7  AC2 6 ASP B 12 ? ASP B 12 . ? 1_555 ? 
8  AC2 6 GLU B 15 ? GLU B 15 . ? 1_555 ? 
9  AC2 6 LYS B 19 ? LYS B 19 . ? 1_555 ? 
10 AC2 6 PGE E .  ? PGE B 29 . ? 1_555 ? 
11 AC2 6 NA  F .  ? NA  B 30 . ? 8_665 ? 
12 AC3 8 GLU A 5  ? GLU A 5  . ? 6_765 ? 
13 AC3 8 GLU A 9  ? GLU A 9  . ? 6_765 ? 
14 AC3 8 GLU B 15 ? GLU B 15 . ? 8_665 ? 
15 AC3 8 ARG B 18 ? ARG B 18 . ? 8_665 ? 
16 AC3 8 LYS B 19 ? LYS B 19 . ? 1_555 ? 
17 AC3 8 LEU B 20 ? LEU B 20 . ? 1_555 ? 
18 AC3 8 LYS B 23 ? LYS B 23 . ? 1_555 ? 
19 AC3 8 PGE D .  ? PGE B 28 . ? 1_555 ? 
20 AC4 5 ARG A 16 ? ARG A 16 . ? 4_564 ? 
21 AC4 5 TYR B 7  ? TYR B 7  . ? 1_555 ? 
22 AC4 5 ASP B 12 ? ASP B 12 . ? 7_644 ? 
23 AC4 5 ARG B 16 ? ARG B 16 . ? 7_644 ? 
24 AC4 5 PGE D .  ? PGE B 28 . ? 7_644 ? 
# 
_pdbx_entry_details.entry_id                   3TWF 
_pdbx_entry_details.compound_details           ? 
_pdbx_entry_details.source_details             ? 
_pdbx_entry_details.nonpolymer_details         ? 
_pdbx_entry_details.sequence_details           ? 
_pdbx_entry_details.has_ligand_of_interest     ? 
_pdbx_entry_details.has_protein_modification   Y 
# 
loop_
_pdbx_validate_close_contact.id 
_pdbx_validate_close_contact.PDB_model_num 
_pdbx_validate_close_contact.auth_atom_id_1 
_pdbx_validate_close_contact.auth_asym_id_1 
_pdbx_validate_close_contact.auth_comp_id_1 
_pdbx_validate_close_contact.auth_seq_id_1 
_pdbx_validate_close_contact.PDB_ins_code_1 
_pdbx_validate_close_contact.label_alt_id_1 
_pdbx_validate_close_contact.auth_atom_id_2 
_pdbx_validate_close_contact.auth_asym_id_2 
_pdbx_validate_close_contact.auth_comp_id_2 
_pdbx_validate_close_contact.auth_seq_id_2 
_pdbx_validate_close_contact.PDB_ins_code_2 
_pdbx_validate_close_contact.label_alt_id_2 
_pdbx_validate_close_contact.dist 
1 1 N A GLY 1 ? ? C A ACE 28 ? ? 1.53 
2 1 N A GLY 1 ? ? O A ACE 28 ? ? 2.18 
# 
loop_
_pdbx_refine_tls.pdbx_refine_id 
_pdbx_refine_tls.id 
_pdbx_refine_tls.details 
_pdbx_refine_tls.method 
_pdbx_refine_tls.origin_x 
_pdbx_refine_tls.origin_y 
_pdbx_refine_tls.origin_z 
_pdbx_refine_tls.T[1][1] 
_pdbx_refine_tls.T[2][2] 
_pdbx_refine_tls.T[3][3] 
_pdbx_refine_tls.T[1][2] 
_pdbx_refine_tls.T[1][3] 
_pdbx_refine_tls.T[2][3] 
_pdbx_refine_tls.L[1][1] 
_pdbx_refine_tls.L[2][2] 
_pdbx_refine_tls.L[3][3] 
_pdbx_refine_tls.L[1][2] 
_pdbx_refine_tls.L[1][3] 
_pdbx_refine_tls.L[2][3] 
_pdbx_refine_tls.S[1][1] 
_pdbx_refine_tls.S[2][2] 
_pdbx_refine_tls.S[3][3] 
_pdbx_refine_tls.S[1][2] 
_pdbx_refine_tls.S[1][3] 
_pdbx_refine_tls.S[2][3] 
_pdbx_refine_tls.S[2][1] 
_pdbx_refine_tls.S[3][1] 
_pdbx_refine_tls.S[3][2] 
'X-RAY DIFFRACTION' 1 ? refined 1.5932  -0.3403 -4.3462 -0.0436 0.0384 -0.0185 -0.0181 -0.0013 -0.0217 -0.1344 1.4497 1.9093 -0.7404 0.1863 -0.1238 -0.0257 -0.0479 0.0736 0.0966 0.0570  -0.0478 -0.0377 0.0989  -0.1064 
'X-RAY DIFFRACTION' 2 ? refined -1.3442 0.4778  4.3982  -0.0356 0.0066 -0.0158 -0.0012 0.0009  0.0008  1.6035  1.3086 1.6853 -0.0824 0.1913 -0.5509 -0.0854 0.0397  0.0455 0.0054 -0.0455 -0.0075 0.0296  -0.0493 -0.0943 
# 
loop_
_pdbx_refine_tls_group.pdbx_refine_id 
_pdbx_refine_tls_group.id 
_pdbx_refine_tls_group.refine_tls_id 
_pdbx_refine_tls_group.beg_auth_asym_id 
_pdbx_refine_tls_group.beg_auth_seq_id 
_pdbx_refine_tls_group.end_auth_asym_id 
_pdbx_refine_tls_group.end_auth_seq_id 
_pdbx_refine_tls_group.selection_details 
_pdbx_refine_tls_group.beg_label_asym_id 
_pdbx_refine_tls_group.beg_label_seq_id 
_pdbx_refine_tls_group.end_label_asym_id 
_pdbx_refine_tls_group.end_label_seq_id 
_pdbx_refine_tls_group.selection 
'X-RAY DIFFRACTION' 1 1 A 1 A 25 '{ A|1 - A|25 }' ? ? ? ? ? 
'X-RAY DIFFRACTION' 2 2 B 1 B 26 '{ B|1 - B|26 }' ? ? ? ? ? 
# 
_phasing.method   MR 
# 
loop_
_pdbx_unobs_or_zero_occ_residues.id 
_pdbx_unobs_or_zero_occ_residues.PDB_model_num 
_pdbx_unobs_or_zero_occ_residues.polymer_flag 
_pdbx_unobs_or_zero_occ_residues.occupancy_flag 
_pdbx_unobs_or_zero_occ_residues.auth_asym_id 
_pdbx_unobs_or_zero_occ_residues.auth_comp_id 
_pdbx_unobs_or_zero_occ_residues.auth_seq_id 
_pdbx_unobs_or_zero_occ_residues.PDB_ins_code 
_pdbx_unobs_or_zero_occ_residues.label_asym_id 
_pdbx_unobs_or_zero_occ_residues.label_comp_id 
_pdbx_unobs_or_zero_occ_residues.label_seq_id 
1 1 Y 1 A SER 26 ? A SER 26 
2 1 Y 1 A GLY 27 ? A GLY 27 
3 1 Y 1 B GLY 27 ? B GLY 27 
# 
loop_
_chem_comp_atom.comp_id 
_chem_comp_atom.atom_id 
_chem_comp_atom.type_symbol 
_chem_comp_atom.pdbx_aromatic_flag 
_chem_comp_atom.pdbx_stereo_config 
_chem_comp_atom.pdbx_ordinal 
6FL C    C  N N 1   
6FL N    N  N N 2   
6FL O    O  N N 3   
6FL CA   C  N S 4   
6FL CB   C  N N 5   
6FL CG   C  N N 6   
6FL FAC  F  N N 7   
6FL FAD  F  N N 8   
6FL FAE  F  N N 9   
6FL FAF  F  N N 10  
6FL FAG  F  N N 11  
6FL FAH  F  N N 12  
6FL CD1  C  N N 13  
6FL CD2  C  N N 14  
6FL OXT  O  N N 15  
6FL H    H  N N 16  
6FL H2   H  N N 17  
6FL HA   H  N N 18  
6FL HB   H  N N 19  
6FL HBA  H  N N 20  
6FL HG   H  N N 21  
6FL HXT  H  N N 22  
ACE C    C  N N 23  
ACE O    O  N N 24  
ACE CH3  C  N N 25  
ACE H    H  N N 26  
ACE H1   H  N N 27  
ACE H2   H  N N 28  
ACE H3   H  N N 29  
ALA N    N  N N 30  
ALA CA   C  N S 31  
ALA C    C  N N 32  
ALA O    O  N N 33  
ALA CB   C  N N 34  
ALA OXT  O  N N 35  
ALA H    H  N N 36  
ALA H2   H  N N 37  
ALA HA   H  N N 38  
ALA HB1  H  N N 39  
ALA HB2  H  N N 40  
ALA HB3  H  N N 41  
ALA HXT  H  N N 42  
ARG N    N  N N 43  
ARG CA   C  N S 44  
ARG C    C  N N 45  
ARG O    O  N N 46  
ARG CB   C  N N 47  
ARG CG   C  N N 48  
ARG CD   C  N N 49  
ARG NE   N  N N 50  
ARG CZ   C  N N 51  
ARG NH1  N  N N 52  
ARG NH2  N  N N 53  
ARG OXT  O  N N 54  
ARG H    H  N N 55  
ARG H2   H  N N 56  
ARG HA   H  N N 57  
ARG HB2  H  N N 58  
ARG HB3  H  N N 59  
ARG HG2  H  N N 60  
ARG HG3  H  N N 61  
ARG HD2  H  N N 62  
ARG HD3  H  N N 63  
ARG HE   H  N N 64  
ARG HH11 H  N N 65  
ARG HH12 H  N N 66  
ARG HH21 H  N N 67  
ARG HH22 H  N N 68  
ARG HXT  H  N N 69  
ASN N    N  N N 70  
ASN CA   C  N S 71  
ASN C    C  N N 72  
ASN O    O  N N 73  
ASN CB   C  N N 74  
ASN CG   C  N N 75  
ASN OD1  O  N N 76  
ASN ND2  N  N N 77  
ASN OXT  O  N N 78  
ASN H    H  N N 79  
ASN H2   H  N N 80  
ASN HA   H  N N 81  
ASN HB2  H  N N 82  
ASN HB3  H  N N 83  
ASN HD21 H  N N 84  
ASN HD22 H  N N 85  
ASN HXT  H  N N 86  
ASP N    N  N N 87  
ASP CA   C  N S 88  
ASP C    C  N N 89  
ASP O    O  N N 90  
ASP CB   C  N N 91  
ASP CG   C  N N 92  
ASP OD1  O  N N 93  
ASP OD2  O  N N 94  
ASP OXT  O  N N 95  
ASP H    H  N N 96  
ASP H2   H  N N 97  
ASP HA   H  N N 98  
ASP HB2  H  N N 99  
ASP HB3  H  N N 100 
ASP HD2  H  N N 101 
ASP HXT  H  N N 102 
GLN N    N  N N 103 
GLN CA   C  N S 104 
GLN C    C  N N 105 
GLN O    O  N N 106 
GLN CB   C  N N 107 
GLN CG   C  N N 108 
GLN CD   C  N N 109 
GLN OE1  O  N N 110 
GLN NE2  N  N N 111 
GLN OXT  O  N N 112 
GLN H    H  N N 113 
GLN H2   H  N N 114 
GLN HA   H  N N 115 
GLN HB2  H  N N 116 
GLN HB3  H  N N 117 
GLN HG2  H  N N 118 
GLN HG3  H  N N 119 
GLN HE21 H  N N 120 
GLN HE22 H  N N 121 
GLN HXT  H  N N 122 
GLU N    N  N N 123 
GLU CA   C  N S 124 
GLU C    C  N N 125 
GLU O    O  N N 126 
GLU CB   C  N N 127 
GLU CG   C  N N 128 
GLU CD   C  N N 129 
GLU OE1  O  N N 130 
GLU OE2  O  N N 131 
GLU OXT  O  N N 132 
GLU H    H  N N 133 
GLU H2   H  N N 134 
GLU HA   H  N N 135 
GLU HB2  H  N N 136 
GLU HB3  H  N N 137 
GLU HG2  H  N N 138 
GLU HG3  H  N N 139 
GLU HE2  H  N N 140 
GLU HXT  H  N N 141 
GLY N    N  N N 142 
GLY CA   C  N N 143 
GLY C    C  N N 144 
GLY O    O  N N 145 
GLY OXT  O  N N 146 
GLY H    H  N N 147 
GLY H2   H  N N 148 
GLY HA2  H  N N 149 
GLY HA3  H  N N 150 
GLY HXT  H  N N 151 
HOH O    O  N N 152 
HOH H1   H  N N 153 
HOH H2   H  N N 154 
LEU N    N  N N 155 
LEU CA   C  N S 156 
LEU C    C  N N 157 
LEU O    O  N N 158 
LEU CB   C  N N 159 
LEU CG   C  N N 160 
LEU CD1  C  N N 161 
LEU CD2  C  N N 162 
LEU OXT  O  N N 163 
LEU H    H  N N 164 
LEU H2   H  N N 165 
LEU HA   H  N N 166 
LEU HB2  H  N N 167 
LEU HB3  H  N N 168 
LEU HG   H  N N 169 
LEU HD11 H  N N 170 
LEU HD12 H  N N 171 
LEU HD13 H  N N 172 
LEU HD21 H  N N 173 
LEU HD22 H  N N 174 
LEU HD23 H  N N 175 
LEU HXT  H  N N 176 
LYS N    N  N N 177 
LYS CA   C  N S 178 
LYS C    C  N N 179 
LYS O    O  N N 180 
LYS CB   C  N N 181 
LYS CG   C  N N 182 
LYS CD   C  N N 183 
LYS CE   C  N N 184 
LYS NZ   N  N N 185 
LYS OXT  O  N N 186 
LYS H    H  N N 187 
LYS H2   H  N N 188 
LYS HA   H  N N 189 
LYS HB2  H  N N 190 
LYS HB3  H  N N 191 
LYS HG2  H  N N 192 
LYS HG3  H  N N 193 
LYS HD2  H  N N 194 
LYS HD3  H  N N 195 
LYS HE2  H  N N 196 
LYS HE3  H  N N 197 
LYS HZ1  H  N N 198 
LYS HZ2  H  N N 199 
LYS HZ3  H  N N 200 
LYS HXT  H  N N 201 
NA  NA   NA N N 202 
PGE C1   C  N N 203 
PGE O1   O  N N 204 
PGE C2   C  N N 205 
PGE O2   O  N N 206 
PGE C3   C  N N 207 
PGE C4   C  N N 208 
PGE O4   O  N N 209 
PGE C6   C  N N 210 
PGE C5   C  N N 211 
PGE O3   O  N N 212 
PGE H1   H  N N 213 
PGE H12  H  N N 214 
PGE HO1  H  N N 215 
PGE H2   H  N N 216 
PGE H22  H  N N 217 
PGE H3   H  N N 218 
PGE H32  H  N N 219 
PGE H4   H  N N 220 
PGE H42  H  N N 221 
PGE HO4  H  N N 222 
PGE H6   H  N N 223 
PGE H62  H  N N 224 
PGE H5   H  N N 225 
PGE H52  H  N N 226 
SER N    N  N N 227 
SER CA   C  N S 228 
SER C    C  N N 229 
SER O    O  N N 230 
SER CB   C  N N 231 
SER OG   O  N N 232 
SER OXT  O  N N 233 
SER H    H  N N 234 
SER H2   H  N N 235 
SER HA   H  N N 236 
SER HB2  H  N N 237 
SER HB3  H  N N 238 
SER HG   H  N N 239 
SER HXT  H  N N 240 
TYR N    N  N N 241 
TYR CA   C  N S 242 
TYR C    C  N N 243 
TYR O    O  N N 244 
TYR CB   C  N N 245 
TYR CG   C  Y N 246 
TYR CD1  C  Y N 247 
TYR CD2  C  Y N 248 
TYR CE1  C  Y N 249 
TYR CE2  C  Y N 250 
TYR CZ   C  Y N 251 
TYR OH   O  N N 252 
TYR OXT  O  N N 253 
TYR H    H  N N 254 
TYR H2   H  N N 255 
TYR HA   H  N N 256 
TYR HB2  H  N N 257 
TYR HB3  H  N N 258 
TYR HD1  H  N N 259 
TYR HD2  H  N N 260 
TYR HE1  H  N N 261 
TYR HE2  H  N N 262 
TYR HH   H  N N 263 
TYR HXT  H  N N 264 
# 
loop_
_chem_comp_bond.comp_id 
_chem_comp_bond.atom_id_1 
_chem_comp_bond.atom_id_2 
_chem_comp_bond.value_order 
_chem_comp_bond.pdbx_aromatic_flag 
_chem_comp_bond.pdbx_stereo_config 
_chem_comp_bond.pdbx_ordinal 
6FL C   O    doub N N 1   
6FL C   CA   sing N N 2   
6FL C   OXT  sing N N 3   
6FL N   CA   sing N N 4   
6FL N   H    sing N N 5   
6FL N   H2   sing N N 6   
6FL CA  CB   sing N N 7   
6FL CA  HA   sing N N 8   
6FL CB  CG   sing N N 9   
6FL CB  HB   sing N N 10  
6FL CB  HBA  sing N N 11  
6FL CG  CD1  sing N N 12  
6FL CG  CD2  sing N N 13  
6FL CG  HG   sing N N 14  
6FL FAC CD1  sing N N 15  
6FL FAD CD1  sing N N 16  
6FL FAE CD1  sing N N 17  
6FL FAF CD2  sing N N 18  
6FL FAG CD2  sing N N 19  
6FL FAH CD2  sing N N 20  
6FL OXT HXT  sing N N 21  
ACE C   O    doub N N 22  
ACE C   CH3  sing N N 23  
ACE C   H    sing N N 24  
ACE CH3 H1   sing N N 25  
ACE CH3 H2   sing N N 26  
ACE CH3 H3   sing N N 27  
ALA N   CA   sing N N 28  
ALA N   H    sing N N 29  
ALA N   H2   sing N N 30  
ALA CA  C    sing N N 31  
ALA CA  CB   sing N N 32  
ALA CA  HA   sing N N 33  
ALA C   O    doub N N 34  
ALA C   OXT  sing N N 35  
ALA CB  HB1  sing N N 36  
ALA CB  HB2  sing N N 37  
ALA CB  HB3  sing N N 38  
ALA OXT HXT  sing N N 39  
ARG N   CA   sing N N 40  
ARG N   H    sing N N 41  
ARG N   H2   sing N N 42  
ARG CA  C    sing N N 43  
ARG CA  CB   sing N N 44  
ARG CA  HA   sing N N 45  
ARG C   O    doub N N 46  
ARG C   OXT  sing N N 47  
ARG CB  CG   sing N N 48  
ARG CB  HB2  sing N N 49  
ARG CB  HB3  sing N N 50  
ARG CG  CD   sing N N 51  
ARG CG  HG2  sing N N 52  
ARG CG  HG3  sing N N 53  
ARG CD  NE   sing N N 54  
ARG CD  HD2  sing N N 55  
ARG CD  HD3  sing N N 56  
ARG NE  CZ   sing N N 57  
ARG NE  HE   sing N N 58  
ARG CZ  NH1  sing N N 59  
ARG CZ  NH2  doub N N 60  
ARG NH1 HH11 sing N N 61  
ARG NH1 HH12 sing N N 62  
ARG NH2 HH21 sing N N 63  
ARG NH2 HH22 sing N N 64  
ARG OXT HXT  sing N N 65  
ASN N   CA   sing N N 66  
ASN N   H    sing N N 67  
ASN N   H2   sing N N 68  
ASN CA  C    sing N N 69  
ASN CA  CB   sing N N 70  
ASN CA  HA   sing N N 71  
ASN C   O    doub N N 72  
ASN C   OXT  sing N N 73  
ASN CB  CG   sing N N 74  
ASN CB  HB2  sing N N 75  
ASN CB  HB3  sing N N 76  
ASN CG  OD1  doub N N 77  
ASN CG  ND2  sing N N 78  
ASN ND2 HD21 sing N N 79  
ASN ND2 HD22 sing N N 80  
ASN OXT HXT  sing N N 81  
ASP N   CA   sing N N 82  
ASP N   H    sing N N 83  
ASP N   H2   sing N N 84  
ASP CA  C    sing N N 85  
ASP CA  CB   sing N N 86  
ASP CA  HA   sing N N 87  
ASP C   O    doub N N 88  
ASP C   OXT  sing N N 89  
ASP CB  CG   sing N N 90  
ASP CB  HB2  sing N N 91  
ASP CB  HB3  sing N N 92  
ASP CG  OD1  doub N N 93  
ASP CG  OD2  sing N N 94  
ASP OD2 HD2  sing N N 95  
ASP OXT HXT  sing N N 96  
GLN N   CA   sing N N 97  
GLN N   H    sing N N 98  
GLN N   H2   sing N N 99  
GLN CA  C    sing N N 100 
GLN CA  CB   sing N N 101 
GLN CA  HA   sing N N 102 
GLN C   O    doub N N 103 
GLN C   OXT  sing N N 104 
GLN CB  CG   sing N N 105 
GLN CB  HB2  sing N N 106 
GLN CB  HB3  sing N N 107 
GLN CG  CD   sing N N 108 
GLN CG  HG2  sing N N 109 
GLN CG  HG3  sing N N 110 
GLN CD  OE1  doub N N 111 
GLN CD  NE2  sing N N 112 
GLN NE2 HE21 sing N N 113 
GLN NE2 HE22 sing N N 114 
GLN OXT HXT  sing N N 115 
GLU N   CA   sing N N 116 
GLU N   H    sing N N 117 
GLU N   H2   sing N N 118 
GLU CA  C    sing N N 119 
GLU CA  CB   sing N N 120 
GLU CA  HA   sing N N 121 
GLU C   O    doub N N 122 
GLU C   OXT  sing N N 123 
GLU CB  CG   sing N N 124 
GLU CB  HB2  sing N N 125 
GLU CB  HB3  sing N N 126 
GLU CG  CD   sing N N 127 
GLU CG  HG2  sing N N 128 
GLU CG  HG3  sing N N 129 
GLU CD  OE1  doub N N 130 
GLU CD  OE2  sing N N 131 
GLU OE2 HE2  sing N N 132 
GLU OXT HXT  sing N N 133 
GLY N   CA   sing N N 134 
GLY N   H    sing N N 135 
GLY N   H2   sing N N 136 
GLY CA  C    sing N N 137 
GLY CA  HA2  sing N N 138 
GLY CA  HA3  sing N N 139 
GLY C   O    doub N N 140 
GLY C   OXT  sing N N 141 
GLY OXT HXT  sing N N 142 
HOH O   H1   sing N N 143 
HOH O   H2   sing N N 144 
LEU N   CA   sing N N 145 
LEU N   H    sing N N 146 
LEU N   H2   sing N N 147 
LEU CA  C    sing N N 148 
LEU CA  CB   sing N N 149 
LEU CA  HA   sing N N 150 
LEU C   O    doub N N 151 
LEU C   OXT  sing N N 152 
LEU CB  CG   sing N N 153 
LEU CB  HB2  sing N N 154 
LEU CB  HB3  sing N N 155 
LEU CG  CD1  sing N N 156 
LEU CG  CD2  sing N N 157 
LEU CG  HG   sing N N 158 
LEU CD1 HD11 sing N N 159 
LEU CD1 HD12 sing N N 160 
LEU CD1 HD13 sing N N 161 
LEU CD2 HD21 sing N N 162 
LEU CD2 HD22 sing N N 163 
LEU CD2 HD23 sing N N 164 
LEU OXT HXT  sing N N 165 
LYS N   CA   sing N N 166 
LYS N   H    sing N N 167 
LYS N   H2   sing N N 168 
LYS CA  C    sing N N 169 
LYS CA  CB   sing N N 170 
LYS CA  HA   sing N N 171 
LYS C   O    doub N N 172 
LYS C   OXT  sing N N 173 
LYS CB  CG   sing N N 174 
LYS CB  HB2  sing N N 175 
LYS CB  HB3  sing N N 176 
LYS CG  CD   sing N N 177 
LYS CG  HG2  sing N N 178 
LYS CG  HG3  sing N N 179 
LYS CD  CE   sing N N 180 
LYS CD  HD2  sing N N 181 
LYS CD  HD3  sing N N 182 
LYS CE  NZ   sing N N 183 
LYS CE  HE2  sing N N 184 
LYS CE  HE3  sing N N 185 
LYS NZ  HZ1  sing N N 186 
LYS NZ  HZ2  sing N N 187 
LYS NZ  HZ3  sing N N 188 
LYS OXT HXT  sing N N 189 
PGE C1  O1   sing N N 190 
PGE C1  C2   sing N N 191 
PGE C1  H1   sing N N 192 
PGE C1  H12  sing N N 193 
PGE O1  HO1  sing N N 194 
PGE C2  O2   sing N N 195 
PGE C2  H2   sing N N 196 
PGE C2  H22  sing N N 197 
PGE O2  C3   sing N N 198 
PGE C3  C4   sing N N 199 
PGE C3  H3   sing N N 200 
PGE C3  H32  sing N N 201 
PGE C4  O3   sing N N 202 
PGE C4  H4   sing N N 203 
PGE C4  H42  sing N N 204 
PGE O4  C6   sing N N 205 
PGE O4  HO4  sing N N 206 
PGE C6  C5   sing N N 207 
PGE C6  H6   sing N N 208 
PGE C6  H62  sing N N 209 
PGE C5  O3   sing N N 210 
PGE C5  H5   sing N N 211 
PGE C5  H52  sing N N 212 
SER N   CA   sing N N 213 
SER N   H    sing N N 214 
SER N   H2   sing N N 215 
SER CA  C    sing N N 216 
SER CA  CB   sing N N 217 
SER CA  HA   sing N N 218 
SER C   O    doub N N 219 
SER C   OXT  sing N N 220 
SER CB  OG   sing N N 221 
SER CB  HB2  sing N N 222 
SER CB  HB3  sing N N 223 
SER OG  HG   sing N N 224 
SER OXT HXT  sing N N 225 
TYR N   CA   sing N N 226 
TYR N   H    sing N N 227 
TYR N   H2   sing N N 228 
TYR CA  C    sing N N 229 
TYR CA  CB   sing N N 230 
TYR CA  HA   sing N N 231 
TYR C   O    doub N N 232 
TYR C   OXT  sing N N 233 
TYR CB  CG   sing N N 234 
TYR CB  HB2  sing N N 235 
TYR CB  HB3  sing N N 236 
TYR CG  CD1  doub Y N 237 
TYR CG  CD2  sing Y N 238 
TYR CD1 CE1  sing Y N 239 
TYR CD1 HD1  sing N N 240 
TYR CD2 CE2  doub Y N 241 
TYR CD2 HD2  sing N N 242 
TYR CE1 CZ   doub Y N 243 
TYR CE1 HE1  sing N N 244 
TYR CE2 CZ   sing Y N 245 
TYR CE2 HE2  sing N N 246 
TYR CZ  OH   sing N N 247 
TYR OH  HH   sing N N 248 
TYR OXT HXT  sing N N 249 
# 
_atom_sites.entry_id                    3TWF 
_atom_sites.fract_transf_matrix[1][1]   -0.00942397 
_atom_sites.fract_transf_matrix[1][2]   -0.00010867 
_atom_sites.fract_transf_matrix[1][3]   0.01841096 
_atom_sites.fract_transf_matrix[2][1]   -0.01764027 
_atom_sites.fract_transf_matrix[2][2]   0.00597593 
_atom_sites.fract_transf_matrix[2][3]   -0.00899421 
_atom_sites.fract_transf_matrix[3][1]   -0.00641292 
_atom_sites.fract_transf_matrix[3][2]   -0.02408466 
_atom_sites.fract_transf_matrix[3][3]   -0.00342473 
_atom_sites.fract_transf_vector[1]      0.997392 
_atom_sites.fract_transf_vector[2]      0.381941 
_atom_sites.fract_transf_vector[3]      -0.330389 
# 
loop_
_atom_type.symbol 
C  
F  
N  
NA 
O  
# 
loop_
_atom_site.group_PDB 
_atom_site.id 
_atom_site.type_symbol 
_atom_site.label_atom_id 
_atom_site.label_alt_id 
_atom_site.label_comp_id 
_atom_site.label_asym_id 
_atom_site.label_entity_id 
_atom_site.label_seq_id 
_atom_site.pdbx_PDB_ins_code 
_atom_site.Cartn_x 
_atom_site.Cartn_y 
_atom_site.Cartn_z 
_atom_site.occupancy 
_atom_site.B_iso_or_equiv 
_atom_site.pdbx_formal_charge 
_atom_site.auth_seq_id 
_atom_site.auth_comp_id 
_atom_site.auth_asym_id 
_atom_site.auth_atom_id 
_atom_site.pdbx_PDB_model_num 
ATOM   1   N  N   . GLY A 1 1  ? -6.122 -14.155 -13.363 1.00 38.88 ? 1  GLY A N   1 
ATOM   2   C  CA  . GLY A 1 1  ? -7.309 -14.203 -12.522 1.00 39.71 ? 1  GLY A CA  1 
ATOM   3   C  C   . GLY A 1 1  ? -7.142 -15.126 -11.340 1.00 42.78 ? 1  GLY A C   1 
ATOM   4   O  O   . GLY A 1 1  ? -8.063 -15.865 -10.988 1.00 45.21 ? 1  GLY A O   1 
ATOM   5   N  N   . ASN A 1 2  ? -5.947 -15.089 -10.734 1.00 36.26 ? 2  ASN A N   1 
ATOM   6   C  CA  . ASN A 1 2  ? -5.567 -15.913 -9.595  1.00 34.27 ? 2  ASN A CA  1 
ATOM   7   C  C   . ASN A 1 2  ? -4.976 -15.094 -8.442  1.00 34.39 ? 2  ASN A C   1 
ATOM   8   O  O   . ASN A 1 2  ? -4.805 -13.872 -8.553  1.00 31.47 ? 2  ASN A O   1 
ATOM   9   C  CB  . ASN A 1 2  ? -4.555 -16.966 -10.049 1.00 32.44 ? 2  ASN A CB  1 
ATOM   10  C  CG  . ASN A 1 2  ? -3.314 -16.443 -10.729 1.00 52.60 ? 2  ASN A CG  1 
ATOM   11  O  OD1 . ASN A 1 2  ? -3.002 -15.244 -10.707 1.00 36.01 ? 2  ASN A OD1 1 
ATOM   12  N  ND2 . ASN A 1 2  ? -2.562 -17.350 -11.333 1.00 45.99 ? 2  ASN A ND2 1 
ATOM   13  N  N   . ALA A 1 3  ? -4.617 -15.782 -7.346  1.00 30.56 ? 3  ALA A N   1 
ATOM   14  C  CA  . ALA A 1 3  ? -4.004 -15.159 -6.178  1.00 29.69 ? 3  ALA A CA  1 
ATOM   15  C  C   . ALA A 1 3  ? -2.686 -14.438 -6.525  1.00 30.04 ? 3  ALA A C   1 
ATOM   16  O  O   . ALA A 1 3  ? -2.454 -13.346 -6.004  1.00 26.88 ? 3  ALA A O   1 
ATOM   17  C  CB  . ALA A 1 3  ? -3.769 -16.196 -5.087  1.00 30.89 ? 3  ALA A CB  1 
ATOM   18  N  N   . ASP A 1 4  ? -1.840 -15.019 -7.413  1.00 26.76 ? 4  ASP A N   1 
ATOM   19  C  CA  . ASP A 1 4  ? -0.566 -14.390 -7.813  1.00 25.52 ? 4  ASP A CA  1 
ATOM   20  C  C   . ASP A 1 4  ? -0.800 -12.999 -8.428  1.00 24.53 ? 4  ASP A C   1 
ATOM   21  O  O   . ASP A 1 4  ? -0.075 -12.045 -8.108  1.00 22.91 ? 4  ASP A O   1 
ATOM   22  C  CB  . ASP A 1 4  ? 0.180  -15.288 -8.809  1.00 28.99 ? 4  ASP A CB  1 
ATOM   23  N  N   . GLU A 1 5  ? -1.838 -12.882 -9.287  1.00 22.08 ? 5  GLU A N   1 
ATOM   24  C  CA  . GLU A 1 5  ? -2.187 -11.616 -9.952  1.00 20.40 ? 5  GLU A CA  1 
ATOM   25  C  C   . GLU A 1 5  ? -2.654 -10.575 -8.963  1.00 22.17 ? 5  GLU A C   1 
ATOM   26  O  O   . GLU A 1 5  ? -2.211 -9.415  -9.038  1.00 20.32 ? 5  GLU A O   1 
ATOM   27  C  CB  . GLU A 1 5  ? -3.271 -11.840 -11.022 1.00 22.79 ? 5  GLU A CB  1 
ATOM   28  C  CG  . GLU A 1 5  ? -3.307 -10.727 -12.047 1.00 27.42 ? 5  GLU A CG  1 
ATOM   29  C  CD  . GLU A 1 5  ? -2.010 -10.504 -12.805 1.00 29.38 ? 5  GLU A CD  1 
ATOM   30  O  OE1 . GLU A 1 5  ? -1.302 -11.498 -13.088 1.00 29.39 ? 5  GLU A OE1 1 
ATOM   31  O  OE2 . GLU A 1 5  ? -1.687 -9.330  -13.084 1.00 33.66 ? 5  GLU A OE2 1 
ATOM   32  N  N   . LEU A 1 6  ? -3.505 -10.979 -7.997  1.00 20.91 ? 6  LEU A N   1 
ATOM   33  C  CA  . LEU A 1 6  ? -3.976 -10.066 -6.954  1.00 20.59 ? 6  LEU A CA  1 
ATOM   34  C  C   . LEU A 1 6  ? -2.805 -9.663  -6.062  1.00 20.99 ? 6  LEU A C   1 
ATOM   35  O  O   . LEU A 1 6  ? -2.672 -8.488  -5.724  1.00 19.75 ? 6  LEU A O   1 
ATOM   36  C  CB  . LEU A 1 6  ? -5.083 -10.729 -6.115  1.00 22.32 ? 6  LEU A CB  1 
ATOM   37  C  CG  . LEU A 1 6  ? -6.455 -10.771 -6.764  1.00 30.75 ? 6  LEU A CG  1 
ATOM   38  C  CD1 . LEU A 1 6  ? -7.312 -11.848 -6.148  1.00 32.20 ? 6  LEU A CD1 1 
ATOM   39  C  CD2 . LEU A 1 6  ? -7.147 -9.412  -6.681  1.00 37.78 ? 6  LEU A CD2 1 
ATOM   40  N  N   . TYR A 1 7  ? -1.893 -10.617 -5.752  1.00 18.78 ? 7  TYR A N   1 
ATOM   41  C  CA  . TYR A 1 7  ? -0.722 -10.314 -4.935  1.00 18.50 ? 7  TYR A CA  1 
ATOM   42  C  C   . TYR A 1 7  ? 0.130  -9.234  -5.621  1.00 21.05 ? 7  TYR A C   1 
ATOM   43  O  O   . TYR A 1 7  ? 0.462  -8.230  -4.991  1.00 19.13 ? 7  TYR A O   1 
ATOM   44  C  CB  . TYR A 1 7  ? 0.090  -11.589 -4.681  1.00 20.05 ? 7  TYR A CB  1 
ATOM   45  C  CG  . TYR A 1 7  ? 1.283  -11.363 -3.789  1.00 22.55 ? 7  TYR A CG  1 
ATOM   46  C  CD1 . TYR A 1 7  ? 1.192  -11.554 -2.416  1.00 24.27 ? 7  TYR A CD1 1 
ATOM   47  C  CD2 . TYR A 1 7  ? 2.507  -10.953 -4.317  1.00 24.61 ? 7  TYR A CD2 1 
ATOM   48  C  CE1 . TYR A 1 7  ? 2.290  -11.345 -1.584  1.00 26.21 ? 7  TYR A CE1 1 
ATOM   49  C  CE2 . TYR A 1 7  ? 3.606  -10.724 -3.493  1.00 25.39 ? 7  TYR A CE2 1 
ATOM   50  C  CZ  . TYR A 1 7  ? 3.493  -10.930 -2.128  1.00 33.07 ? 7  TYR A CZ  1 
ATOM   51  O  OH  . TYR A 1 7  ? 4.574  -10.740 -1.304  1.00 36.39 ? 7  TYR A OH  1 
ATOM   52  N  N   . LYS A 1 8  ? 0.443  -9.410  -6.922  1.00 18.15 ? 8  LYS A N   1 
ATOM   53  C  CA  . LYS A 1 8  ? 1.264  -8.416  -7.633  1.00 17.39 ? 8  LYS A CA  1 
ATOM   54  C  C   . LYS A 1 8  ? 0.560  -7.067  -7.696  1.00 18.69 ? 8  LYS A C   1 
ATOM   55  O  O   . LYS A 1 8  ? 1.205  -6.036  -7.558  1.00 18.29 ? 8  LYS A O   1 
ATOM   56  C  CB  . LYS A 1 8  ? 1.565  -8.895  -9.051  1.00 20.12 ? 8  LYS A CB  1 
ATOM   57  C  CG  . LYS A 1 8  ? 2.489  -10.096 -9.079  1.00 22.47 ? 8  LYS A CG  1 
ATOM   58  C  CD  . LYS A 1 8  ? 2.709  -10.550 -10.537 1.00 20.12 ? 8  LYS A CD  1 
ATOM   59  C  CE  . LYS A 1 8  ? 1.430  -11.048 -11.179 1.00 23.81 ? 8  LYS A CE  1 
ATOM   60  N  NZ  . LYS A 1 8  ? 1.628  -11.394 -12.613 1.00 25.67 ? 8  LYS A NZ  1 
ATOM   61  N  N   . GLU A 1 9  ? -0.760 -7.081  -7.900  1.00 18.29 ? 9  GLU A N   1 
ATOM   62  C  CA  . GLU A 1 9  ? -1.564 -5.876  -7.944  1.00 17.43 ? 9  GLU A CA  1 
ATOM   63  C  C   . GLU A 1 9  ? -1.464 -5.137  -6.629  1.00 18.90 ? 9  GLU A C   1 
ATOM   64  O  O   . GLU A 1 9  ? -1.293 -3.921  -6.633  1.00 19.83 ? 9  GLU A O   1 
ATOM   65  C  CB  . GLU A 1 9  ? -3.040 -6.226  -8.214  1.00 19.02 ? 9  GLU A CB  1 
ATOM   66  C  CG  . GLU A 1 9  ? -3.904 -4.977  -8.386  1.00 25.28 ? 9  GLU A CG  1 
ATOM   67  C  CD  . GLU A 1 9  ? -3.369 -3.928  -9.350  1.00 42.14 ? 9  GLU A CD  1 
ATOM   68  O  OE1 . GLU A 1 9  ? -2.882 -4.296  -10.447 1.00 31.29 ? 9  GLU A OE1 1 
ATOM   69  O  OE2 . GLU A 1 9  ? -3.394 -2.733  -8.975  1.00 41.28 ? 9  GLU A OE2 1 
HETATM 70  C  C   . 6FL A 1 10 ? -0.178 -4.641  -3.945  1.00 18.79 ? 10 6FL A C   1 
HETATM 71  N  N   . 6FL A 1 10 ? -1.603 -5.854  -5.519  1.00 16.62 ? 10 6FL A N   1 
HETATM 72  O  O   . 6FL A 1 10 ? -0.091 -3.555  -3.359  1.00 18.80 ? 10 6FL A O   1 
HETATM 73  C  CA  . 6FL A 1 10 ? -1.562 -5.238  -4.197  1.00 16.97 ? 10 6FL A CA  1 
HETATM 74  C  CB  . 6FL A 1 10 ? -1.918 -6.250  -3.081  1.00 20.80 ? 10 6FL A CB  1 
HETATM 75  C  CG  . 6FL A 1 10 ? -3.325 -6.907  -3.166  1.00 22.78 ? 10 6FL A CG  1 
HETATM 76  F  FAC . 6FL A 1 10 ? -4.663 -8.528  -2.094  1.00 30.05 ? 10 6FL A FAC 1 
HETATM 77  F  FAD . 6FL A 1 10 ? -2.487 -8.707  -2.003  1.00 27.50 ? 10 6FL A FAD 1 
HETATM 78  F  FAE . 6FL A 1 10 ? -3.495 -7.187  -0.837  1.00 27.31 ? 10 6FL A FAE 1 
HETATM 79  F  FAF . 6FL A 1 10 ? -4.348 -5.251  -4.389  1.00 25.12 ? 10 6FL A FAF 1 
HETATM 80  F  FAG . 6FL A 1 10 ? -5.634 -6.485  -3.139  1.00 28.20 ? 10 6FL A FAG 1 
HETATM 81  F  FAH . 6FL A 1 10 ? -4.280 -4.939  -2.313  1.00 33.72 ? 10 6FL A FAH 1 
HETATM 82  C  CD1 . 6FL A 1 10 ? -3.511 -7.860  -1.998  1.00 26.22 ? 10 6FL A CD1 1 
HETATM 83  C  CD2 . 6FL A 1 10 ? -4.435 -5.875  -3.245  1.00 26.96 ? 10 6FL A CD2 1 
ATOM   84  N  N   . GLU A 1 11 ? 0.909  -5.340  -4.362  1.00 15.87 ? 11 GLU A N   1 
ATOM   85  C  CA  . GLU A 1 11 ? 2.271  -4.819  -4.158  1.00 15.21 ? 11 GLU A CA  1 
ATOM   86  C  C   . GLU A 1 11 ? 2.433  -3.536  -4.989  1.00 17.74 ? 11 GLU A C   1 
ATOM   87  O  O   . GLU A 1 11 ? 3.042  -2.556  -4.532  1.00 17.81 ? 11 GLU A O   1 
ATOM   88  C  CB  . GLU A 1 11 ? 3.312  -5.858  -4.599  1.00 17.29 ? 11 GLU A CB  1 
ATOM   89  C  CG  . GLU A 1 11 ? 4.689  -5.508  -4.054  1.00 25.49 ? 11 GLU A CG  1 
ATOM   90  N  N   . ASP A 1 12 ? 1.883  -3.538  -6.225  1.00 16.29 ? 12 ASP A N   1 
ATOM   91  C  CA  . ASP A 1 12 ? 1.957  -2.381  -7.102  1.00 16.30 ? 12 ASP A CA  1 
ATOM   92  C  C   . ASP A 1 12 ? 1.237  -1.170  -6.456  1.00 18.15 ? 12 ASP A C   1 
ATOM   93  O  O   . ASP A 1 12 ? 1.823  -0.091  -6.356  1.00 17.87 ? 12 ASP A O   1 
ATOM   94  C  CB  . ASP A 1 12 ? 1.360  -2.774  -8.450  1.00 16.75 ? 12 ASP A CB  1 
ATOM   95  C  CG  . ASP A 1 12 ? 1.465  -1.763  -9.556  1.00 20.68 ? 12 ASP A CG  1 
ATOM   96  O  OD1 . ASP A 1 12 ? 2.364  -0.917  -9.496  1.00 23.37 ? 12 ASP A OD1 1 
ATOM   97  O  OD2 . ASP A 1 12 ? 0.695  -1.882  -10.526 1.00 26.10 ? 12 ASP A OD2 1 
ATOM   98  N  N   . LEU A 1 13 ? 0.012  -1.368  -5.966  1.00 16.11 ? 13 LEU A N   1 
ATOM   99  C  CA  A LEU A 1 13 ? -0.720 -0.294  -5.303  0.50 14.96 ? 13 LEU A CA  1 
ATOM   100 C  CA  B LEU A 1 13 ? -0.754 -0.324  -5.271  0.50 15.37 ? 13 LEU A CA  1 
ATOM   101 C  C   . LEU A 1 13 ? 0.055  0.206   -4.065  1.00 17.92 ? 13 LEU A C   1 
ATOM   102 O  O   . LEU A 1 13 ? 0.160  1.425   -3.867  1.00 16.02 ? 13 LEU A O   1 
ATOM   103 C  CB  A LEU A 1 13 ? -2.106 -0.789  -4.908  0.50 15.55 ? 13 LEU A CB  1 
ATOM   104 C  CB  B LEU A 1 13 ? -2.082 -0.899  -4.753  0.50 16.25 ? 13 LEU A CB  1 
ATOM   105 C  CG  A LEU A 1 13 ? -2.915 0.079   -3.954  0.50 18.96 ? 13 LEU A CG  1 
ATOM   106 C  CG  B LEU A 1 13 ? -3.137 -1.334  -5.788  0.50 21.42 ? 13 LEU A CG  1 
ATOM   107 C  CD1 A LEU A 1 13 ? -3.331 1.437   -4.581  0.50 20.10 ? 13 LEU A CD1 1 
ATOM   108 C  CD1 B LEU A 1 13 ? -4.174 -2.222  -5.153  0.50 21.82 ? 13 LEU A CD1 1 
ATOM   109 C  CD2 A LEU A 1 13 ? -4.068 -0.664  -3.461  0.50 20.24 ? 13 LEU A CD2 1 
ATOM   110 C  CD2 B LEU A 1 13 ? -3.829 -0.148  -6.436  0.50 23.18 ? 13 LEU A CD2 1 
ATOM   111 N  N   . GLN A 1 14 ? 0.581  -0.706  -3.244  1.00 15.63 ? 14 GLN A N   1 
ATOM   112 C  CA  . GLN A 1 14 ? 1.352  -0.307  -2.073  1.00 14.58 ? 14 GLN A CA  1 
ATOM   113 C  C   . GLN A 1 14 ? 2.566  0.545   -2.453  1.00 16.45 ? 14 GLN A C   1 
ATOM   114 O  O   . GLN A 1 14 ? 2.823  1.576   -1.784  1.00 16.38 ? 14 GLN A O   1 
ATOM   115 C  CB  . GLN A 1 14 ? 1.776  -1.576  -1.326  1.00 15.07 ? 14 GLN A CB  1 
ATOM   116 C  CG  . GLN A 1 14 ? 2.354  -1.326  0.043   1.00 15.97 ? 14 GLN A CG  1 
ATOM   117 C  CD  . GLN A 1 14 ? 3.005  -2.569  0.525   1.00 19.19 ? 14 GLN A CD  1 
ATOM   118 O  OE1 . GLN A 1 14 ? 2.398  -3.646  0.501   1.00 18.68 ? 14 GLN A OE1 1 
ATOM   119 N  NE2 . GLN A 1 14 ? 4.277  -2.458  0.867   1.00 22.13 ? 14 GLN A NE2 1 
ATOM   120 N  N   . GLU A 1 15 ? 3.319  0.117   -3.496  1.00 14.59 ? 15 GLU A N   1 
ATOM   121 C  CA  . GLU A 1 15 ? 4.481  0.894   -3.916  1.00 17.09 ? 15 GLU A CA  1 
ATOM   122 C  C   . GLU A 1 15 ? 4.123  2.227   -4.552  1.00 16.48 ? 15 GLU A C   1 
ATOM   123 O  O   . GLU A 1 15 ? 4.864  3.202   -4.376  1.00 16.87 ? 15 GLU A O   1 
ATOM   124 C  CB  . GLU A 1 15 ? 5.487  0.056   -4.701  1.00 20.36 ? 15 GLU A CB  1 
ATOM   125 C  CG  . GLU A 1 15 ? 6.141  -0.976  -3.783  1.00 24.53 ? 15 GLU A CG  1 
ATOM   126 C  CD  . GLU A 1 15 ? 6.788  -0.414  -2.519  1.00 37.66 ? 15 GLU A CD  1 
ATOM   127 O  OE1 . GLU A 1 15 ? 7.505  0.607   -2.621  1.00 37.53 ? 15 GLU A OE1 1 
ATOM   128 O  OE2 . GLU A 1 15 ? 6.546  -0.967  -1.421  1.00 26.18 ? 15 GLU A OE2 1 
ATOM   129 N  N   . ARG A 1 16 ? 2.948  2.314   -5.216  1.00 14.95 ? 16 ARG A N   1 
ATOM   130 C  CA  . ARG A 1 16 ? 2.487  3.604   -5.732  1.00 14.79 ? 16 ARG A CA  1 
ATOM   131 C  C   . ARG A 1 16 ? 2.182  4.552   -4.582  1.00 16.94 ? 16 ARG A C   1 
ATOM   132 O  O   . ARG A 1 16 ? 2.470  5.741   -4.681  1.00 17.27 ? 16 ARG A O   1 
ATOM   133 C  CB  . ARG A 1 16 ? 1.268  3.406   -6.631  1.00 15.16 ? 16 ARG A CB  1 
ATOM   134 C  CG  . ARG A 1 16 ? 1.691  2.719   -7.928  1.00 16.78 ? 16 ARG A CG  1 
ATOM   135 C  CD  . ARG A 1 16 ? 0.498  2.296   -8.739  1.00 19.41 ? 16 ARG A CD  1 
ATOM   136 N  NE  . ARG A 1 16 ? -0.154 3.469   -9.313  1.00 21.10 ? 16 ARG A NE  1 
ATOM   137 C  CZ  . ARG A 1 16 ? -1.044 3.398   -10.292 1.00 31.25 ? 16 ARG A CZ  1 
ATOM   138 N  NH1 . ARG A 1 16 ? -1.395 2.217   -10.796 1.00 25.89 ? 16 ARG A NH1 1 
ATOM   139 N  NH2 . ARG A 1 16 ? -1.614 4.503   -10.758 1.00 23.08 ? 16 ARG A NH2 1 
HETATM 140 C  C   . 6FL A 1 17 ? 2.749  5.328   -1.678  1.00 15.36 ? 17 6FL A C   1 
HETATM 141 N  N   . 6FL A 1 17 ? 1.659  4.030   -3.477  1.00 14.83 ? 17 6FL A N   1 
HETATM 142 O  O   . 6FL A 1 17 ? 2.863  6.473   -1.230  1.00 15.29 ? 17 6FL A O   1 
HETATM 143 C  CA  . 6FL A 1 17 ? 1.410  4.897   -2.322  1.00 14.62 ? 17 6FL A CA  1 
HETATM 144 C  CB  . 6FL A 1 17 ? 0.517  4.247   -1.298  1.00 14.32 ? 17 6FL A CB  1 
HETATM 145 C  CG  . 6FL A 1 17 ? -0.849 3.791   -1.845  1.00 15.06 ? 17 6FL A CG  1 
HETATM 146 F  FAC . 6FL A 1 17 ? -2.807 2.615   -1.111  1.00 19.49 ? 17 6FL A FAC 1 
HETATM 147 F  FAD . 6FL A 1 17 ? -0.984 2.308   -0.084  1.00 19.11 ? 17 6FL A FAD 1 
HETATM 148 F  FAE . 6FL A 1 17 ? -2.042 4.162   0.164   1.00 18.19 ? 17 6FL A FAE 1 
HETATM 149 F  FAF . 6FL A 1 17 ? -1.006 5.099   -3.809  1.00 18.63 ? 17 6FL A FAF 1 
HETATM 150 F  FAG . 6FL A 1 17 ? -2.862 4.477   -2.894  1.00 18.63 ? 17 6FL A FAG 1 
HETATM 151 F  FAH . 6FL A 1 17 ? -1.606 6.002   -1.976  1.00 20.43 ? 17 6FL A FAH 1 
HETATM 152 C  CD1 . 6FL A 1 17 ? -1.704 3.222   -0.699  1.00 18.20 ? 17 6FL A CD1 1 
HETATM 153 C  CD2 . 6FL A 1 17 ? -1.605 4.872   -2.637  1.00 17.90 ? 17 6FL A CD2 1 
ATOM   154 N  N   . ARG A 1 18 ? 3.739  4.407   -1.571  1.00 13.34 ? 18 ARG A N   1 
ATOM   155 C  CA  . ARG A 1 18 ? 5.042  4.789   -1.025  1.00 13.29 ? 18 ARG A CA  1 
ATOM   156 C  C   . ARG A 1 18 ? 5.652  5.892   -1.896  1.00 18.10 ? 18 ARG A C   1 
ATOM   157 O  O   . ARG A 1 18 ? 6.199  6.849   -1.352  1.00 18.07 ? 18 ARG A O   1 
ATOM   158 C  CB  . ARG A 1 18 ? 5.974  3.597   -0.951  1.00 14.88 ? 18 ARG A CB  1 
ATOM   159 C  CG  . ARG A 1 18 ? 7.141  3.931   -0.012  1.00 17.21 ? 18 ARG A CG  1 
ATOM   160 C  CD  . ARG A 1 18 ? 8.367  3.087   -0.197  1.00 22.15 ? 18 ARG A CD  1 
ATOM   161 N  NE  . ARG A 1 18 ? 8.104  1.665   -0.025  1.00 21.78 ? 18 ARG A NE  1 
ATOM   162 C  CZ  . ARG A 1 18 ? 8.393  0.953   1.066   1.00 26.03 ? 18 ARG A CZ  1 
ATOM   163 N  NH1 . ARG A 1 18 ? 8.905  1.545   2.145   1.00 23.18 ? 18 ARG A NH1 1 
ATOM   164 N  NH2 . ARG A 1 18 ? 8.118  -0.346  1.107   1.00 24.20 ? 18 ARG A NH2 1 
ATOM   165 N  N   . LYS A 1 19 ? 5.539  5.763   -3.249  1.00 16.92 ? 19 LYS A N   1 
ATOM   166 C  CA  . LYS A 1 19 ? 6.067  6.795   -4.164  1.00 17.74 ? 19 LYS A CA  1 
ATOM   167 C  C   . LYS A 1 19 ? 5.385  8.148   -3.902  1.00 18.95 ? 19 LYS A C   1 
ATOM   168 O  O   . LYS A 1 19 ? 6.082  9.158   -3.873  1.00 19.97 ? 19 LYS A O   1 
ATOM   169 C  CB  . LYS A 1 19 ? 5.900  6.365   -5.636  1.00 20.63 ? 19 LYS A CB  1 
ATOM   170 C  CG  . LYS A 1 19 ? 6.884  5.264   -6.066  1.00 39.41 ? 19 LYS A CG  1 
ATOM   171 C  CD  . LYS A 1 19 ? 8.369  5.665   -5.967  1.00 52.32 ? 19 LYS A CD  1 
ATOM   172 C  CE  . LYS A 1 19 ? 9.298  4.475   -5.895  1.00 62.94 ? 19 LYS A CE  1 
ATOM   173 N  NZ  . LYS A 1 19 ? 9.176  3.742   -4.604  1.00 72.13 ? 19 LYS A NZ  1 
ATOM   174 N  N   . LEU A 1 20 ? 4.040  8.184   -3.662  1.00 17.07 ? 20 LEU A N   1 
ATOM   175 C  CA  . LEU A 1 20 ? 3.393  9.466   -3.330  1.00 17.49 ? 20 LEU A CA  1 
ATOM   176 C  C   . LEU A 1 20 ? 3.936  10.033  -2.030  1.00 20.40 ? 20 LEU A C   1 
ATOM   177 O  O   . LEU A 1 20 ? 4.151  11.247  -1.942  1.00 21.74 ? 20 LEU A O   1 
ATOM   178 C  CB  . LEU A 1 20 ? 1.871  9.350   -3.192  1.00 18.54 ? 20 LEU A CB  1 
ATOM   179 C  CG  . LEU A 1 20 ? 1.070  9.093   -4.439  1.00 22.73 ? 20 LEU A CG  1 
ATOM   180 C  CD1 . LEU A 1 20 ? -0.399 8.897   -4.076  1.00 21.82 ? 20 LEU A CD1 1 
ATOM   181 C  CD2 . LEU A 1 20 ? 1.205  10.251  -5.440  1.00 23.48 ? 20 LEU A CD2 1 
ATOM   182 N  N   . ARG A 1 21 ? 4.142  9.185   -1.008  1.00 16.87 ? 21 ARG A N   1 
ATOM   183 C  CA  . ARG A 1 21 ? 4.653  9.668   0.268   1.00 17.69 ? 21 ARG A CA  1 
ATOM   184 C  C   . ARG A 1 21 ? 6.072  10.253  0.087   1.00 21.55 ? 21 ARG A C   1 
ATOM   185 O  O   . ARG A 1 21 ? 6.388  11.290  0.686   1.00 20.05 ? 21 ARG A O   1 
ATOM   186 C  CB  . ARG A 1 21 ? 4.673  8.544   1.317   1.00 16.56 ? 21 ARG A CB  1 
ATOM   187 C  CG  . ARG A 1 21 ? 5.202  9.070   2.669   1.00 20.13 ? 21 ARG A CG  1 
ATOM   188 C  CD  . ARG A 1 21 ? 6.676  8.748   2.938   1.00 20.33 ? 21 ARG A CD  1 
ATOM   189 N  NE  . ARG A 1 21 ? 6.783  7.321   3.150   1.00 17.89 ? 21 ARG A NE  1 
ATOM   190 C  CZ  . ARG A 1 21 ? 7.879  6.596   3.020   1.00 19.37 ? 21 ARG A CZ  1 
ATOM   191 N  NH1 . ARG A 1 21 ? 7.838  5.292   3.220   1.00 18.92 ? 21 ARG A NH1 1 
ATOM   192 N  NH2 . ARG A 1 21 ? 9.015  7.159   2.629   1.00 19.49 ? 21 ARG A NH2 1 
ATOM   193 N  N   . LYS A 1 22 ? 6.926  9.556   -0.684  1.00 18.25 ? 22 LYS A N   1 
ATOM   194 C  CA  . LYS A 1 22 ? 8.316  9.991   -0.908  1.00 20.74 ? 22 LYS A CA  1 
ATOM   195 C  C   . LYS A 1 22 ? 8.366  11.336  -1.661  1.00 27.45 ? 22 LYS A C   1 
ATOM   196 O  O   . LYS A 1 22 ? 9.183  12.211  -1.328  1.00 28.59 ? 22 LYS A O   1 
ATOM   197 C  CB  . LYS A 1 22 ? 9.076  8.906   -1.690  1.00 22.08 ? 22 LYS A CB  1 
ATOM   198 C  CG  . LYS A 1 22 ? 9.403  7.672   -0.868  1.00 22.65 ? 22 LYS A CG  1 
ATOM   199 C  CD  . LYS A 1 22 ? 9.941  6.492   -1.714  1.00 35.55 ? 22 LYS A CD  1 
ATOM   200 C  CE  . LYS A 1 22 ? 11.412 6.575   -2.055  1.00 47.79 ? 22 LYS A CE  1 
ATOM   201 N  NZ  . LYS A 1 22 ? 12.291 6.394   -0.865  1.00 56.06 ? 22 LYS A NZ  1 
ATOM   202 N  N   . LYS A 1 23 ? 7.478  11.507  -2.653  1.00 25.89 ? 23 LYS A N   1 
ATOM   203 C  CA  . LYS A 1 23 ? 7.396  12.736  -3.455  1.00 27.01 ? 23 LYS A CA  1 
ATOM   204 C  C   . LYS A 1 23 ? 6.866  13.879  -2.588  1.00 33.56 ? 23 LYS A C   1 
ATOM   205 O  O   . LYS A 1 23 ? 7.353  15.001  -2.698  1.00 34.94 ? 23 LYS A O   1 
ATOM   206 C  CB  . LYS A 1 23 ? 6.480  12.533  -4.665  1.00 28.36 ? 23 LYS A CB  1 
ATOM   207 C  CG  . LYS A 1 23 ? 7.091  11.716  -5.804  1.00 45.45 ? 23 LYS A CG  1 
ATOM   208 C  CD  . LYS A 1 23 ? 6.110  11.512  -6.971  1.00 57.28 ? 23 LYS A CD  1 
ATOM   209 C  CE  . LYS A 1 23 ? 5.038  10.474  -6.713  1.00 68.00 ? 23 LYS A CE  1 
ATOM   210 N  NZ  . LYS A 1 23 ? 4.073  10.367  -7.841  1.00 79.45 ? 23 LYS A NZ  1 
HETATM 211 C  C   . 6FL A 1 24 ? 6.346  15.081  0.194   1.00 34.89 ? 24 6FL A C   1 
HETATM 212 N  N   . 6FL A 1 24 ? 5.889  13.578  -1.700  1.00 30.38 ? 24 6FL A N   1 
HETATM 213 O  O   . 6FL A 1 24 ? 6.334  16.275  0.517   1.00 36.28 ? 24 6FL A O   1 
HETATM 214 C  CA  . 6FL A 1 24 ? 5.288  14.537  -0.774  1.00 30.79 ? 24 6FL A CA  1 
HETATM 215 C  CB  . 6FL A 1 24 ? 4.173  13.776  -0.025  1.00 32.13 ? 24 6FL A CB  1 
HETATM 216 C  CG  . 6FL A 1 24 ? 3.501  14.604  1.070   1.00 35.53 ? 24 6FL A CG  1 
HETATM 217 F  FAC . 6FL A 1 24 ? 2.145  12.764  1.687   1.00 37.19 ? 24 6FL A FAC 1 
HETATM 218 F  FAD . 6FL A 1 24 ? 3.995  13.047  2.722   1.00 36.30 ? 24 6FL A FAD 1 
HETATM 219 F  FAE . 6FL A 1 24 ? 2.368  14.382  3.118   1.00 38.44 ? 24 6FL A FAE 1 
HETATM 220 F  FAF . 6FL A 1 24 ? 2.795  16.126  -0.570  1.00 41.65 ? 24 6FL A FAF 1 
HETATM 221 F  FAG . 6FL A 1 24 ? 1.404  14.636  0.107   1.00 40.22 ? 24 6FL A FAG 1 
HETATM 222 F  FAH . 6FL A 1 24 ? 1.894  16.290  1.424   1.00 39.96 ? 24 6FL A FAH 1 
HETATM 223 C  CD1 . 6FL A 1 24 ? 2.981  13.677  2.179   1.00 38.07 ? 24 6FL A CD1 1 
HETATM 224 C  CD2 . 6FL A 1 24 ? 2.363  15.452  0.493   1.00 39.69 ? 24 6FL A CD2 1 
ATOM   225 N  N   . ARG A 1 25 ? 7.281  14.211  0.610   0.50 29.17 ? 25 ARG A N   1 
ATOM   226 C  CA  . ARG A 1 25 ? 8.390  14.531  1.508   0.50 42.98 ? 25 ARG A CA  1 
ATOM   227 C  C   . ARG A 1 25 ? 9.662  14.799  0.706   0.50 80.61 ? 25 ARG A C   1 
ATOM   228 O  O   . ARG A 1 25 ? 9.988  15.949  0.427   0.50 48.64 ? 25 ARG A O   1 
ATOM   229 C  CB  . ARG A 1 25 ? 8.623  13.377  2.492   0.50 41.67 ? 25 ARG A CB  1 
ATOM   230 N  N   . GLY B 1 1  ? -8.098 17.897  6.870   1.00 38.36 ? 1  GLY B N   1 
ATOM   231 C  CA  . GLY B 1 1  ? -7.211 17.674  5.736   1.00 35.87 ? 1  GLY B CA  1 
ATOM   232 C  C   . GLY B 1 1  ? -5.946 18.484  5.860   1.00 36.40 ? 1  GLY B C   1 
ATOM   233 O  O   . GLY B 1 1  ? -6.018 19.714  5.876   1.00 37.00 ? 1  GLY B O   1 
ATOM   234 N  N   . ASN B 1 2  ? -4.787 17.800  6.039   1.00 29.31 ? 2  ASN B N   1 
ATOM   235 C  CA  . ASN B 1 2  ? -3.452 18.395  6.209   1.00 28.95 ? 2  ASN B CA  1 
ATOM   236 C  C   . ASN B 1 2  ? -2.337 17.359  5.905   1.00 30.71 ? 2  ASN B C   1 
ATOM   237 O  O   . ASN B 1 2  ? -2.644 16.184  5.674   1.00 27.55 ? 2  ASN B O   1 
ATOM   238 C  CB  . ASN B 1 2  ? -3.291 19.026  7.619   1.00 29.15 ? 2  ASN B CB  1 
ATOM   239 C  CG  . ASN B 1 2  ? -3.299 18.021  8.745   1.00 38.82 ? 2  ASN B CG  1 
ATOM   240 O  OD1 . ASN B 1 2  ? -2.510 17.087  8.761   1.00 34.28 ? 2  ASN B OD1 1 
ATOM   241 N  ND2 . ASN B 1 2  ? -4.171 18.204  9.724   1.00 28.93 ? 2  ASN B ND2 1 
ATOM   242 N  N   . ALA B 1 3  ? -1.057 17.792  5.888   1.00 28.25 ? 3  ALA B N   1 
ATOM   243 C  CA  . ALA B 1 3  ? 0.103  16.942  5.559   1.00 27.91 ? 3  ALA B CA  1 
ATOM   244 C  C   . ALA B 1 3  ? 0.275  15.753  6.498   1.00 28.42 ? 3  ALA B C   1 
ATOM   245 O  O   . ALA B 1 3  ? 0.590  14.668  6.028   1.00 26.73 ? 3  ALA B O   1 
ATOM   246 C  CB  . ALA B 1 3  ? 1.380  17.766  5.538   1.00 30.68 ? 3  ALA B CB  1 
ATOM   247 N  N   . ASP B 1 4  ? 0.057  15.962  7.813   1.00 25.52 ? 4  ASP B N   1 
ATOM   248 C  CA  . ASP B 1 4  ? 0.141  14.916  8.833   1.00 25.47 ? 4  ASP B CA  1 
ATOM   249 C  C   . ASP B 1 4  ? -0.939 13.842  8.614   1.00 25.49 ? 4  ASP B C   1 
ATOM   250 O  O   . ASP B 1 4  ? -0.628 12.662  8.715   1.00 23.58 ? 4  ASP B O   1 
ATOM   251 C  CB  . ASP B 1 4  ? 0.007  15.527  10.237  1.00 29.44 ? 4  ASP B CB  1 
ATOM   252 N  N   . GLU B 1 5  ? -2.185 14.236  8.312   1.00 23.28 ? 5  GLU B N   1 
ATOM   253 C  CA  . GLU B 1 5  ? -3.285 13.295  8.035   1.00 22.18 ? 5  GLU B CA  1 
ATOM   254 C  C   . GLU B 1 5  ? -2.966 12.495  6.769   1.00 24.85 ? 5  GLU B C   1 
ATOM   255 O  O   . GLU B 1 5  ? -3.172 11.287  6.734   1.00 23.14 ? 5  GLU B O   1 
ATOM   256 C  CB  . GLU B 1 5  ? -4.631 14.043  7.868   1.00 24.79 ? 5  GLU B CB  1 
ATOM   257 C  CG  . GLU B 1 5  ? -5.812 13.089  7.792   1.00 34.51 ? 5  GLU B CG  1 
ATOM   258 C  CD  . GLU B 1 5  ? -7.198 13.688  7.897   1.00 57.60 ? 5  GLU B CD  1 
ATOM   259 O  OE1 . GLU B 1 5  ? -7.408 14.812  7.392   1.00 40.26 ? 5  GLU B OE1 1 
ATOM   260 O  OE2 . GLU B 1 5  ? -8.093 12.994  8.427   1.00 62.11 ? 5  GLU B OE2 1 
ATOM   261 N  N   . LEU B 1 6  ? -2.506 13.177  5.711   1.00 20.67 ? 6  LEU B N   1 
ATOM   262 C  CA  . LEU B 1 6  ? -2.190 12.500  4.447   1.00 20.22 ? 6  LEU B CA  1 
ATOM   263 C  C   . LEU B 1 6  ? -1.082 11.463  4.682   1.00 20.02 ? 6  LEU B C   1 
ATOM   264 O  O   . LEU B 1 6  ? -1.200 10.295  4.281   1.00 18.42 ? 6  LEU B O   1 
ATOM   265 C  CB  . LEU B 1 6  ? -1.728 13.572  3.450   1.00 22.39 ? 6  LEU B CB  1 
ATOM   266 C  CG  . LEU B 1 6  ? -1.595 13.244  1.986   1.00 29.34 ? 6  LEU B CG  1 
ATOM   267 C  CD1 . LEU B 1 6  ? -2.899 12.701  1.406   1.00 30.71 ? 6  LEU B CD1 1 
ATOM   268 C  CD2 . LEU B 1 6  ? -1.250 14.505  1.252   1.00 31.98 ? 6  LEU B CD2 1 
ATOM   269 N  N   . TYR B 1 7  ? -0.024 11.875  5.388   1.00 17.99 ? 7  TYR B N   1 
ATOM   270 C  CA  . TYR B 1 7  ? 1.078  10.988  5.686   1.00 17.86 ? 7  TYR B CA  1 
ATOM   271 C  C   . TYR B 1 7  ? 0.610  9.786   6.512   1.00 20.01 ? 7  TYR B C   1 
ATOM   272 O  O   . TYR B 1 7  ? 0.906  8.652   6.144   1.00 17.63 ? 7  TYR B O   1 
ATOM   273 C  CB  . TYR B 1 7  ? 2.209  11.781  6.384   1.00 19.21 ? 7  TYR B CB  1 
ATOM   274 C  CG  . TYR B 1 7  ? 3.319  10.906  6.909   1.00 21.55 ? 7  TYR B CG  1 
ATOM   275 C  CD1 . TYR B 1 7  ? 4.172  10.234  6.041   1.00 22.87 ? 7  TYR B CD1 1 
ATOM   276 C  CD2 . TYR B 1 7  ? 3.543  10.780  8.275   1.00 23.88 ? 7  TYR B CD2 1 
ATOM   277 C  CE1 . TYR B 1 7  ? 5.238  9.471   6.519   1.00 25.98 ? 7  TYR B CE1 1 
ATOM   278 C  CE2 . TYR B 1 7  ? 4.569  9.974   8.765   1.00 25.54 ? 7  TYR B CE2 1 
ATOM   279 C  CZ  . TYR B 1 7  ? 5.413  9.322   7.881   1.00 28.96 ? 7  TYR B CZ  1 
ATOM   280 O  OH  . TYR B 1 7  ? 6.461  8.565   8.344   1.00 31.20 ? 7  TYR B OH  1 
ATOM   281 N  N   . LYS B 1 8  ? -0.143 10.021  7.602   1.00 16.70 ? 8  LYS B N   1 
ATOM   282 C  CA  . LYS B 1 8  ? -0.595 8.934   8.472   1.00 17.10 ? 8  LYS B CA  1 
ATOM   283 C  C   . LYS B 1 8  ? -1.480 7.963   7.697   1.00 19.82 ? 8  LYS B C   1 
ATOM   284 O  O   . LYS B 1 8  ? -1.276 6.751   7.794   1.00 18.53 ? 8  LYS B O   1 
ATOM   285 C  CB  . LYS B 1 8  ? -1.327 9.492   9.699   1.00 22.78 ? 8  LYS B CB  1 
ATOM   286 N  N   . GLU B 1 9  ? -2.436 8.476   6.906   1.00 16.79 ? 9  GLU B N   1 
ATOM   287 C  CA  . GLU B 1 9  ? -3.316 7.609   6.133   1.00 15.61 ? 9  GLU B CA  1 
ATOM   288 C  C   . GLU B 1 9  ? -2.501 6.829   5.140   1.00 16.46 ? 9  GLU B C   1 
ATOM   289 O  O   . GLU B 1 9  ? -2.775 5.645   4.977   1.00 16.16 ? 9  GLU B O   1 
ATOM   290 C  CB  . GLU B 1 9  ? -4.446 8.391   5.445   1.00 17.65 ? 9  GLU B CB  1 
ATOM   291 C  CG  . GLU B 1 9  ? -5.487 7.527   4.731   1.00 21.78 ? 9  GLU B CG  1 
ATOM   292 C  CD  . GLU B 1 9  ? -6.365 6.579   5.536   1.00 32.84 ? 9  GLU B CD  1 
ATOM   293 O  OE1 . GLU B 1 9  ? -5.912 6.032   6.567   1.00 31.76 ? 9  GLU B OE1 1 
ATOM   294 O  OE2 . GLU B 1 9  ? -7.496 6.317   5.073   1.00 25.92 ? 9  GLU B OE2 1 
HETATM 295 C  C   . 6FL B 1 10 ? 0.016  5.625   4.124   1.00 14.51 ? 10 6FL B C   1 
HETATM 296 N  N   . 6FL B 1 10 ? -1.567 7.480   4.404   1.00 14.82 ? 10 6FL B N   1 
HETATM 297 O  O   . 6FL B 1 10 ? 0.147  4.550   3.564   1.00 15.37 ? 10 6FL B O   1 
HETATM 298 C  CA  . 6FL B 1 10 ? -0.780 6.739   3.414   1.00 15.45 ? 10 6FL B CA  1 
HETATM 299 C  CB  . 6FL B 1 10 ? 0.244  7.641   2.683   1.00 14.22 ? 10 6FL B CB  1 
HETATM 300 C  CG  . 6FL B 1 10 ? -0.452 8.708   1.795   1.00 14.36 ? 10 6FL B CG  1 
HETATM 301 F  FAC . 6FL B 1 10 ? 0.038  10.716  0.665   1.00 19.95 ? 10 6FL B FAC 1 
HETATM 302 F  FAD . 6FL B 1 10 ? 1.438  10.003  2.153   1.00 22.40 ? 10 6FL B FAD 1 
HETATM 303 F  FAE . 6FL B 1 10 ? 1.308  8.963   0.288   1.00 22.35 ? 10 6FL B FAE 1 
HETATM 304 F  FAF . 6FL B 1 10 ? -2.443 7.621   1.221   1.00 19.95 ? 10 6FL B FAF 1 
HETATM 305 F  FAG . 6FL B 1 10 ? -1.650 9.015   -0.189  1.00 21.83 ? 10 6FL B FAG 1 
HETATM 306 F  FAH . 6FL B 1 10 ? -0.685 7.127   0.097   1.00 22.86 ? 10 6FL B FAH 1 
HETATM 307 C  CD1 . 6FL B 1 10 ? 0.596  9.627   1.200   1.00 19.17 ? 10 6FL B CD1 1 
HETATM 308 C  CD2 . 6FL B 1 10 ? -1.339 8.095   0.696   1.00 20.02 ? 10 6FL B CD2 1 
ATOM   309 N  N   . GLU B 1 11 ? 0.592  5.888   5.282   1.00 13.78 ? 11 GLU B N   1 
ATOM   310 C  CA  . GLU B 1 11 ? 1.368  4.861   5.959   1.00 13.15 ? 11 GLU B CA  1 
ATOM   311 C  C   . GLU B 1 11 ? 0.484  3.772   6.551   1.00 15.19 ? 11 GLU B C   1 
ATOM   312 O  O   . GLU B 1 11 ? 0.853  2.590   6.503   1.00 14.85 ? 11 GLU B O   1 
ATOM   313 C  CB  . GLU B 1 11 ? 2.287  5.481   7.003   1.00 14.89 ? 11 GLU B CB  1 
ATOM   314 C  CG  . GLU B 1 11 ? 3.354  6.355   6.372   1.00 17.35 ? 11 GLU B CG  1 
ATOM   315 C  CD  . GLU B 1 11 ? 4.300  5.593   5.462   1.00 20.56 ? 11 GLU B CD  1 
ATOM   316 O  OE1 . GLU B 1 11 ? 4.769  4.509   5.866   1.00 18.15 ? 11 GLU B OE1 1 
ATOM   317 O  OE2 . GLU B 1 11 ? 4.507  6.040   4.315   1.00 21.62 ? 11 GLU B OE2 1 
ATOM   318 N  N   . ASP B 1 12 ? -0.702 4.133   7.091   1.00 13.30 ? 12 ASP B N   1 
ATOM   319 C  CA  . ASP B 1 12 ? -1.607 3.092   7.589   1.00 13.43 ? 12 ASP B CA  1 
ATOM   320 C  C   . ASP B 1 12 ? -2.048 2.180   6.421   1.00 13.83 ? 12 ASP B C   1 
ATOM   321 O  O   . ASP B 1 12 ? -2.078 0.952   6.568   1.00 15.01 ? 12 ASP B O   1 
ATOM   322 C  CB  . ASP B 1 12 ? -2.845 3.731   8.213   1.00 14.81 ? 12 ASP B CB  1 
ATOM   323 C  CG  . ASP B 1 12 ? -3.859 2.691   8.651   1.00 25.23 ? 12 ASP B CG  1 
ATOM   324 O  OD1 . ASP B 1 12 ? -3.833 2.315   9.829   1.00 28.80 ? 12 ASP B OD1 1 
ATOM   325 O  OD2 . ASP B 1 12 ? -4.605 2.170   7.775   1.00 26.26 ? 12 ASP B OD2 1 
ATOM   326 N  N   . LEU B 1 13 ? -2.410 2.776   5.267   1.00 12.89 ? 13 LEU B N   1 
ATOM   327 C  CA  . LEU B 1 13 ? -2.852 1.962   4.143   1.00 13.59 ? 13 LEU B CA  1 
ATOM   328 C  C   . LEU B 1 13 ? -1.750 1.044   3.622   1.00 13.88 ? 13 LEU B C   1 
ATOM   329 O  O   . LEU B 1 13 ? -2.017 -0.109  3.273   1.00 13.54 ? 13 LEU B O   1 
ATOM   330 C  CB  . LEU B 1 13 ? -3.334 2.872   3.035   1.00 13.56 ? 13 LEU B CB  1 
ATOM   331 C  CG  . LEU B 1 13 ? -4.686 3.498   3.341   1.00 17.74 ? 13 LEU B CG  1 
ATOM   332 C  CD1 . LEU B 1 13 ? -4.994 4.564   2.321   1.00 18.27 ? 13 LEU B CD1 1 
ATOM   333 C  CD2 . LEU B 1 13 ? -5.774 2.439   3.437   1.00 22.39 ? 13 LEU B CD2 1 
ATOM   334 N  N   . GLN B 1 14 ? -0.506 1.538   3.554   1.00 13.11 ? 14 GLN B N   1 
ATOM   335 C  CA  . GLN B 1 14 ? 0.569  0.685   3.110   1.00 12.42 ? 14 GLN B CA  1 
ATOM   336 C  C   . GLN B 1 14 ? 0.722  -0.502  4.060   1.00 14.17 ? 14 GLN B C   1 
ATOM   337 O  O   . GLN B 1 14 ? 0.877  -1.621  3.602   1.00 14.79 ? 14 GLN B O   1 
ATOM   338 C  CB  . GLN B 1 14 ? 1.880  1.473   3.020   1.00 13.61 ? 14 GLN B CB  1 
ATOM   339 C  CG  . GLN B 1 14 ? 1.958  2.344   1.782   1.00 14.38 ? 14 GLN B CG  1 
ATOM   340 C  CD  . GLN B 1 14 ? 3.130  3.243   1.900   1.00 14.60 ? 14 GLN B CD  1 
ATOM   341 O  OE1 . GLN B 1 14 ? 4.267  2.820   1.681   1.00 16.99 ? 14 GLN B OE1 1 
ATOM   342 N  NE2 . GLN B 1 14 ? 2.901  4.477   2.337   1.00 16.29 ? 14 GLN B NE2 1 
ATOM   343 N  N   . GLU B 1 15 ? 0.651  -0.271  5.384   1.00 13.15 ? 15 GLU B N   1 
ATOM   344 C  CA  . GLU B 1 15 ? 0.806  -1.363  6.347   1.00 13.55 ? 15 GLU B CA  1 
ATOM   345 C  C   . GLU B 1 15 ? -0.373 -2.348  6.255   1.00 14.96 ? 15 GLU B C   1 
ATOM   346 O  O   . GLU B 1 15 ? -0.166 -3.570  6.290   1.00 15.96 ? 15 GLU B O   1 
ATOM   347 C  CB  . GLU B 1 15 ? 1.001  -0.793  7.762   1.00 16.31 ? 15 GLU B CB  1 
ATOM   348 C  CG  . GLU B 1 15 ? 1.219  -1.875  8.806   1.00 20.82 ? 15 GLU B CG  1 
ATOM   349 C  CD  . GLU B 1 15 ? 2.463  -2.740  8.670   1.00 26.54 ? 15 GLU B CD  1 
ATOM   350 O  OE1 . GLU B 1 15 ? 3.398  -2.347  7.936   1.00 24.16 ? 15 GLU B OE1 1 
ATOM   351 O  OE2 . GLU B 1 15 ? 2.486  -3.834  9.280   1.00 30.43 ? 15 GLU B OE2 1 
ATOM   352 N  N   . ARG B 1 16 ? -1.595 -1.835  6.072   1.00 13.71 ? 16 ARG B N   1 
ATOM   353 C  CA  . ARG B 1 16 ? -2.780 -2.675  5.899   1.00 12.65 ? 16 ARG B CA  1 
ATOM   354 C  C   . ARG B 1 16 ? -2.575 -3.563  4.660   1.00 15.44 ? 16 ARG B C   1 
ATOM   355 O  O   . ARG B 1 16 ? -2.895 -4.754  4.728   1.00 15.62 ? 16 ARG B O   1 
ATOM   356 C  CB  . ARG B 1 16 ? -4.009 -1.801  5.747   1.00 14.48 ? 16 ARG B CB  1 
ATOM   357 C  CG  . ARG B 1 16 ? -5.267 -2.627  5.710   1.00 16.55 ? 16 ARG B CG  1 
ATOM   358 C  CD  . ARG B 1 16 ? -6.434 -1.745  5.395   1.00 17.35 ? 16 ARG B CD  1 
ATOM   359 N  NE  . ARG B 1 16 ? -7.656 -2.531  5.422   1.00 19.89 ? 16 ARG B NE  1 
ATOM   360 C  CZ  . ARG B 1 16 ? -8.401 -2.743  6.508   1.00 19.16 ? 16 ARG B CZ  1 
ATOM   361 N  NH1 . ARG B 1 16 ? -8.085 -2.167  7.666   1.00 18.70 ? 16 ARG B NH1 1 
ATOM   362 N  NH2 . ARG B 1 16 ? -9.496 -3.489  6.432   1.00 18.51 ? 16 ARG B NH2 1 
HETATM 363 C  C   . 6FL B 1 17 ? -0.636 -4.827  2.584   1.00 16.38 ? 17 6FL B C   1 
HETATM 364 N  N   . 6FL B 1 17 ? -1.977 -3.007  3.589   1.00 14.55 ? 17 6FL B N   1 
HETATM 365 O  O   . 6FL B 1 17 ? -0.719 -5.898  2.000   1.00 16.11 ? 17 6FL B O   1 
HETATM 366 C  CA  . 6FL B 1 17 ? -1.730 -3.790  2.378   1.00 14.99 ? 17 6FL B CA  1 
HETATM 367 C  CB  . 6FL B 1 17 ? -1.471 -2.894  1.166   1.00 15.26 ? 17 6FL B CB  1 
HETATM 368 C  CG  . 6FL B 1 17 ? -2.676 -2.023  0.854   1.00 14.92 ? 17 6FL B CG  1 
HETATM 369 F  FAC . 6FL B 1 17 ? -3.600 -3.959  -0.066  1.00 24.98 ? 17 6FL B FAC 1 
HETATM 370 F  FAD . 6FL B 1 17 ? -4.515 -3.229  1.795   1.00 19.78 ? 17 6FL B FAD 1 
HETATM 371 F  FAE . 6FL B 1 17 ? -4.821 -2.168  -0.109  1.00 25.13 ? 17 6FL B FAE 1 
HETATM 372 F  FAF . 6FL B 1 17 ? -2.019 -1.848  -1.395  1.00 24.26 ? 17 6FL B FAF 1 
HETATM 373 F  FAG . 6FL B 1 17 ? -3.205 -0.211  -0.531  1.00 21.18 ? 17 6FL B FAG 1 
HETATM 374 F  FAH . 6FL B 1 17 ? -1.105 -0.535  0.002   1.00 21.54 ? 17 6FL B FAH 1 
HETATM 375 C  CD1 . 6FL B 1 17 ? -3.957 -2.866  0.626   1.00 21.03 ? 17 6FL B CD1 1 
HETATM 376 C  CD2 . 6FL B 1 17 ? -2.249 -1.126  -0.297  1.00 20.16 ? 17 6FL B CD2 1 
ATOM   377 N  N   . ARG B 1 18 ? 0.402  -4.526  3.384   1.00 14.17 ? 18 ARG B N   1 
ATOM   378 C  CA  . ARG B 1 18 ? 1.439  -5.532  3.690   1.00 14.09 ? 18 ARG B CA  1 
ATOM   379 C  C   . ARG B 1 18 ? 0.758  -6.709  4.405   1.00 17.49 ? 18 ARG B C   1 
ATOM   380 O  O   . ARG B 1 18 ? 1.009  -7.856  4.050   1.00 16.75 ? 18 ARG B O   1 
ATOM   381 C  CB  . ARG B 1 18 ? 2.544  -4.951  4.598   1.00 14.63 ? 18 ARG B CB  1 
ATOM   382 C  CG  . ARG B 1 18 ? 3.454  -3.914  3.914   1.00 17.14 ? 18 ARG B CG  1 
ATOM   383 C  CD  . ARG B 1 18 ? 4.534  -3.399  4.866   1.00 18.74 ? 18 ARG B CD  1 
ATOM   384 N  NE  . ARG B 1 18 ? 5.196  -2.249  4.244   1.00 17.73 ? 18 ARG B NE  1 
ATOM   385 C  CZ  . ARG B 1 18 ? 4.998  -0.976  4.575   1.00 16.73 ? 18 ARG B CZ  1 
ATOM   386 N  NH1 . ARG B 1 18 ? 4.255  -0.662  5.637   1.00 17.33 ? 18 ARG B NH1 1 
ATOM   387 N  NH2 . ARG B 1 18 ? 5.555  -0.011  3.865   1.00 18.21 ? 18 ARG B NH2 1 
ATOM   388 N  N   . LYS B 1 19 ? -0.124 -6.415  5.375   1.00 14.82 ? 19 LYS B N   1 
ATOM   389 C  CA  . LYS B 1 19 ? -0.801 -7.492  6.118   1.00 15.07 ? 19 LYS B CA  1 
ATOM   390 C  C   . LYS B 1 19 ? -1.740 -8.289  5.212   1.00 18.91 ? 19 LYS B C   1 
ATOM   391 O  O   . LYS B 1 19 ? -1.792 -9.529  5.314   1.00 18.94 ? 19 LYS B O   1 
ATOM   392 C  CB  . LYS B 1 19 ? -1.574 -6.914  7.278   1.00 16.48 ? 19 LYS B CB  1 
ATOM   393 C  CG  . LYS B 1 19 ? -0.731 -6.238  8.329   1.00 22.63 ? 19 LYS B CG  1 
ATOM   394 C  CD  . LYS B 1 19 ? -1.694 -5.729  9.412   1.00 27.20 ? 19 LYS B CD  1 
ATOM   395 C  CE  . LYS B 1 19 ? -1.040 -4.936  10.489  1.00 36.91 ? 19 LYS B CE  1 
ATOM   396 N  NZ  . LYS B 1 19 ? -2.055 -4.485  11.460  1.00 32.35 ? 19 LYS B NZ  1 
ATOM   397 N  N   . LEU B 1 20 ? -2.465 -7.598  4.312   1.00 16.86 ? 20 LEU B N   1 
ATOM   398 C  CA  . LEU B 1 20 ? -3.387 -8.296  3.430   1.00 16.19 ? 20 LEU B CA  1 
ATOM   399 C  C   . LEU B 1 20 ? -2.611 -9.206  2.452   1.00 19.74 ? 20 LEU B C   1 
ATOM   400 O  O   . LEU B 1 20 ? -3.019 -10.363 2.228   1.00 19.23 ? 20 LEU B O   1 
ATOM   401 C  CB  . LEU B 1 20 ? -4.276 -7.288  2.696   1.00 16.22 ? 20 LEU B CB  1 
ATOM   402 C  CG  . LEU B 1 20 ? -5.195 -7.867  1.593   1.00 19.72 ? 20 LEU B CG  1 
ATOM   403 C  CD1 . LEU B 1 20 ? -6.096 -9.000  2.130   1.00 21.61 ? 20 LEU B CD1 1 
ATOM   404 C  CD2 . LEU B 1 20 ? -6.083 -6.781  1.026   1.00 20.85 ? 20 LEU B CD2 1 
ATOM   405 N  N   . ARG B 1 21 ? -1.508 -8.699  1.875   1.00 17.62 ? 21 ARG B N   1 
ATOM   406 C  CA  . ARG B 1 21 ? -0.685 -9.498  0.961   1.00 18.90 ? 21 ARG B CA  1 
ATOM   407 C  C   . ARG B 1 21 ? -0.165 -10.740 1.685   1.00 23.00 ? 21 ARG B C   1 
ATOM   408 O  O   . ARG B 1 21 ? -0.194 -11.841 1.119   1.00 23.32 ? 21 ARG B O   1 
ATOM   409 C  CB  . ARG B 1 21 ? 0.502  -8.662  0.453   1.00 20.59 ? 21 ARG B CB  1 
ATOM   410 C  CG  . ARG B 1 21 ? 0.127  -7.641  -0.597  1.00 24.68 ? 21 ARG B CG  1 
ATOM   411 C  CD  . ARG B 1 21 ? 1.283  -6.661  -0.813  1.00 30.13 ? 21 ARG B CD  1 
ATOM   412 N  NE  . ARG B 1 21 ? 2.498  -7.375  -1.177  1.00 29.60 ? 21 ARG B NE  1 
ATOM   413 C  CZ  . ARG B 1 21 ? 3.728  -6.985  -0.876  1.00 43.59 ? 21 ARG B CZ  1 
ATOM   414 N  NH1 . ARG B 1 21 ? 3.930  -5.859  -0.206  1.00 27.98 ? 21 ARG B NH1 1 
ATOM   415 N  NH2 . ARG B 1 21 ? 4.769  -7.713  -1.253  1.00 38.84 ? 21 ARG B NH2 1 
ATOM   416 N  N   . LYS B 1 22 ? 0.304  -10.552 2.949   1.00 20.52 ? 22 LYS B N   1 
ATOM   417 C  CA  . LYS B 1 22 ? 0.884  -11.607 3.787   1.00 21.89 ? 22 LYS B CA  1 
ATOM   418 C  C   . LYS B 1 22 ? -0.141 -12.709 3.995   1.00 26.79 ? 22 LYS B C   1 
ATOM   419 O  O   . LYS B 1 22 ? 0.165  -13.875 3.763   1.00 27.33 ? 22 LYS B O   1 
ATOM   420 C  CB  . LYS B 1 22 ? 1.313  -11.039 5.160   1.00 25.24 ? 22 LYS B CB  1 
ATOM   421 C  CG  . LYS B 1 22 ? 2.215  -11.947 5.994   1.00 46.36 ? 22 LYS B CG  1 
ATOM   422 C  CD  . LYS B 1 22 ? 2.315  -11.477 7.455   1.00 55.52 ? 22 LYS B CD  1 
ATOM   423 C  CE  . LYS B 1 22 ? 3.211  -10.278 7.663   1.00 67.76 ? 22 LYS B CE  1 
ATOM   424 N  N   . LYS B 1 23 ? -1.367 -12.355 4.412   1.00 23.52 ? 23 LYS B N   1 
ATOM   425 C  CA  . LYS B 1 23 ? -2.370 -13.385 4.668   1.00 24.81 ? 23 LYS B CA  1 
ATOM   426 C  C   . LYS B 1 23 ? -2.946 -14.037 3.405   1.00 30.76 ? 23 LYS B C   1 
ATOM   427 O  O   . LYS B 1 23 ? -3.402 -15.184 3.444   1.00 30.47 ? 23 LYS B O   1 
ATOM   428 C  CB  . LYS B 1 23 ? -3.438 -12.890 5.631   1.00 27.85 ? 23 LYS B CB  1 
ATOM   429 C  CG  . LYS B 1 23 ? -4.379 -11.880 5.048   1.00 32.59 ? 23 LYS B CG  1 
ATOM   430 C  CD  . LYS B 1 23 ? -5.707 -11.953 5.780   1.00 34.02 ? 23 LYS B CD  1 
ATOM   431 C  CE  . LYS B 1 23 ? -6.623 -10.900 5.261   1.00 36.19 ? 23 LYS B CE  1 
ATOM   432 N  NZ  . LYS B 1 23 ? -7.850 -10.807 6.077   1.00 35.25 ? 23 LYS B NZ  1 
HETATM 433 C  C   . 6FL B 1 24 ? -2.524 -14.999 0.539   1.00 37.22 ? 24 6FL B C   1 
HETATM 434 N  N   . 6FL B 1 24 ? -2.913 -13.315 2.290   1.00 27.88 ? 24 6FL B N   1 
HETATM 435 O  O   . 6FL B 1 24 ? -3.064 -16.025 0.110   1.00 37.29 ? 24 6FL B O   1 
HETATM 436 C  CA  . 6FL B 1 24 ? -3.394 -13.829 1.018   1.00 29.21 ? 24 6FL B CA  1 
HETATM 437 C  CB  . 6FL B 1 24 ? -3.362 -12.688 0.007   1.00 31.12 ? 24 6FL B CB  1 
HETATM 438 C  CG  . 6FL B 1 24 ? -4.115 -13.115 -1.237  1.00 34.94 ? 24 6FL B CG  1 
HETATM 439 F  FAC . 6FL B 1 24 ? -2.266 -13.467 -2.628  1.00 38.77 ? 24 6FL B FAC 1 
HETATM 440 F  FAD . 6FL B 1 24 ? -4.118 -12.952 -3.560  1.00 40.93 ? 24 6FL B FAD 1 
HETATM 441 F  FAE . 6FL B 1 24 ? -2.997 -11.420 -2.440  1.00 35.15 ? 24 6FL B FAE 1 
HETATM 442 F  FAF . 6FL B 1 24 ? -5.373 -11.220 -1.413  1.00 39.28 ? 24 6FL B FAF 1 
HETATM 443 F  FAG . 6FL B 1 24 ? -6.287 -13.088 -2.123  1.00 43.25 ? 24 6FL B FAG 1 
HETATM 444 F  FAH . 6FL B 1 24 ? -6.059 -12.702 -0.012  1.00 38.11 ? 24 6FL B FAH 1 
HETATM 445 C  CD1 . 6FL B 1 24 ? -3.350 -12.711 -2.504  1.00 37.16 ? 24 6FL B CD1 1 
HETATM 446 C  CD2 . 6FL B 1 24 ? -5.515 -12.515 -1.205  1.00 38.28 ? 24 6FL B CD2 1 
ATOM   447 N  N   . ARG B 1 25 ? -1.186 -14.858 0.646   1.00 34.59 ? 25 ARG B N   1 
ATOM   448 C  CA  . ARG B 1 25 ? -0.232 -15.910 0.263   1.00 35.73 ? 25 ARG B CA  1 
ATOM   449 C  C   . ARG B 1 25 ? -0.294 -17.081 1.252   1.00 40.98 ? 25 ARG B C   1 
ATOM   450 O  O   . ARG B 1 25 ? -0.189 -18.236 0.835   1.00 43.23 ? 25 ARG B O   1 
ATOM   451 C  CB  . ARG B 1 25 ? 1.195  -15.344 0.177   1.00 35.47 ? 25 ARG B CB  1 
ATOM   452 N  N   . SER B 1 26 ? -0.483 -16.788 2.551   0.50 35.27 ? 26 SER B N   1 
ATOM   453 C  CA  . SER B 1 26 ? -0.560 -17.810 3.597   0.50 51.15 ? 26 SER B CA  1 
ATOM   454 C  C   . SER B 1 26 ? -1.928 -18.493 3.611   0.50 82.89 ? 26 SER B C   1 
ATOM   455 O  O   . SER B 1 26 ? -2.165 -19.391 4.417   0.50 45.59 ? 26 SER B O   1 
ATOM   456 C  CB  . SER B 1 26 ? -0.230 -17.213 4.961   0.50 53.52 ? 26 SER B CB  1 
ATOM   457 O  OG  . SER B 1 26 ? -1.279 -16.410 5.475   0.50 60.98 ? 26 SER B OG  1 
HETATM 458 C  C   . ACE C 2 .  ? -5.026 -13.472 -14.188 1.00 31.84 ? 28 ACE A C   1 
HETATM 459 O  O   . ACE C 2 .  ? -5.295 -12.271 -14.091 1.00 33.12 ? 28 ACE A O   1 
HETATM 460 C  CH3 . ACE C 2 .  ? -3.834 -13.948 -15.009 1.00 33.63 ? 28 ACE A CH3 1 
HETATM 461 C  C1  . PGE D 3 .  ? -2.963 -1.223  9.780   1.00 36.28 ? 28 PGE B C1  1 
HETATM 462 O  O1  . PGE D 3 .  ? -1.839 -1.390  10.655  1.00 39.19 ? 28 PGE B O1  1 
HETATM 463 C  C2  . PGE D 3 .  ? -3.621 -2.583  9.568   1.00 32.83 ? 28 PGE B C2  1 
HETATM 464 O  O2  . PGE D 3 .  ? -4.990 -2.555  9.884   1.00 35.87 ? 28 PGE B O2  1 
HETATM 465 C  C3  . PGE D 3 .  ? -5.560 -3.877  9.765   1.00 32.27 ? 28 PGE B C3  1 
HETATM 466 C  C4  . PGE D 3 .  ? -5.223 -4.602  11.044  1.00 30.54 ? 28 PGE B C4  1 
HETATM 467 O  O4  . PGE D 3 .  ? -4.413 -8.141  13.480  1.00 46.21 ? 28 PGE B O4  1 
HETATM 468 C  C6  . PGE D 3 .  ? -4.293 -7.110  12.492  1.00 41.10 ? 28 PGE B C6  1 
HETATM 469 C  C5  . PGE D 3 .  ? -5.647 -6.426  12.364  1.00 39.01 ? 28 PGE B C5  1 
HETATM 470 O  O3  . PGE D 3 .  ? -5.800 -5.896  11.045  1.00 35.10 ? 28 PGE B O3  1 
HETATM 471 C  C1  . PGE E 3 .  ? -4.246 -8.451  9.113   1.00 47.22 ? 29 PGE B C1  1 
HETATM 472 O  O1  . PGE E 3 .  ? -3.654 -9.690  9.527   1.00 48.81 ? 29 PGE B O1  1 
HETATM 473 C  C2  . PGE E 3 .  ? -5.138 -8.665  7.886   1.00 45.97 ? 29 PGE B C2  1 
HETATM 474 O  O2  . PGE E 3 .  ? -5.620 -7.387  7.417   1.00 44.85 ? 29 PGE B O2  1 
HETATM 475 C  C3  . PGE E 3 .  ? -6.213 -7.511  6.092   1.00 41.38 ? 29 PGE B C3  1 
HETATM 476 C  C4  . PGE E 3 .  ? -7.517 -6.728  6.029   1.00 39.27 ? 29 PGE B C4  1 
HETATM 477 O  O4  . PGE E 3 .  ? -9.478 -10.047 3.197   1.00 35.02 ? 29 PGE B O4  1 
HETATM 478 C  C6  . PGE E 3 .  ? -9.624 -8.654  3.526   1.00 32.24 ? 29 PGE B C6  1 
HETATM 479 C  C5  . PGE E 3 .  ? -8.879 -8.338  4.822   1.00 32.16 ? 29 PGE B C5  1 
HETATM 480 O  O3  . PGE E 3 .  ? -8.362 -7.004  4.877   1.00 37.82 ? 29 PGE B O3  1 
HETATM 481 NA NA  . NA  F 4 .  ? 7.868  6.831   8.431   1.00 30.25 ? 30 NA  B NA  1 
HETATM 482 O  O   . HOH G 5 .  ? -1.910 -7.645  -11.238 1.00 36.16 ? 29 HOH A O   1 
HETATM 483 O  O   . HOH G 5 .  ? -1.453 -0.558  -9.461  1.00 24.85 ? 30 HOH A O   1 
HETATM 484 O  O   . HOH G 5 .  ? 2.426  6.792   -7.171  1.00 35.00 ? 31 HOH A O   1 
HETATM 485 O  O   . HOH G 5 .  ? 11.101 11.671  4.473   1.00 44.19 ? 32 HOH A O   1 
HETATM 486 O  O   . HOH G 5 .  ? -2.367 -19.143 -7.610  1.00 57.36 ? 33 HOH A O   1 
HETATM 487 O  O   . HOH G 5 .  ? 10.241 10.095  2.452   1.00 17.74 ? 34 HOH A O   1 
HETATM 488 O  O   . HOH G 5 .  ? 12.669 9.729   -0.132  1.00 44.99 ? 35 HOH A O   1 
HETATM 489 O  O   . HOH G 5 .  ? 4.758  -8.628  -6.390  1.00 49.31 ? 36 HOH A O   1 
HETATM 490 O  O   . HOH G 5 .  ? 4.135  -11.483 1.391   1.00 20.46 ? 37 HOH A O   1 
HETATM 491 O  O   . HOH G 5 .  ? 12.599 3.395   -2.111  1.00 47.03 ? 38 HOH A O   1 
HETATM 492 O  O   . HOH H 5 .  ? 3.543  1.972   6.385   1.00 19.36 ? 31 HOH B O   1 
HETATM 493 O  O   . HOH H 5 .  ? 5.869  2.996   3.856   1.00 21.36 ? 32 HOH B O   1 
HETATM 494 O  O   . HOH H 5 .  ? 5.260  -6.750  6.653   1.00 28.26 ? 33 HOH B O   1 
HETATM 495 O  O   . HOH H 5 .  ? 5.148  0.297   0.970   1.00 26.56 ? 34 HOH B O   1 
HETATM 496 O  O   . HOH H 5 .  ? -5.923 16.532  2.979   1.00 36.20 ? 35 HOH B O   1 
HETATM 497 O  O   . HOH H 5 .  ? 2.969  -6.451  8.480   1.00 50.31 ? 36 HOH B O   1 
HETATM 498 O  O   . HOH H 5 .  ? -3.978 -17.100 5.648   1.00 53.88 ? 37 HOH B O   1 
HETATM 499 O  O   . HOH H 5 .  ? -5.124 21.119  2.261   1.00 51.31 ? 38 HOH B O   1 
HETATM 500 O  O   . HOH H 5 .  ? 2.320  -8.277  10.422  1.00 57.36 ? 39 HOH B O   1 
# 
loop_
_atom_site_anisotrop.id 
_atom_site_anisotrop.type_symbol 
_atom_site_anisotrop.pdbx_label_atom_id 
_atom_site_anisotrop.pdbx_label_alt_id 
_atom_site_anisotrop.pdbx_label_comp_id 
_atom_site_anisotrop.pdbx_label_asym_id 
_atom_site_anisotrop.pdbx_label_seq_id 
_atom_site_anisotrop.pdbx_PDB_ins_code 
_atom_site_anisotrop.U[1][1] 
_atom_site_anisotrop.U[2][2] 
_atom_site_anisotrop.U[3][3] 
_atom_site_anisotrop.U[1][2] 
_atom_site_anisotrop.U[1][3] 
_atom_site_anisotrop.U[2][3] 
_atom_site_anisotrop.pdbx_auth_seq_id 
_atom_site_anisotrop.pdbx_auth_comp_id 
_atom_site_anisotrop.pdbx_auth_asym_id 
_atom_site_anisotrop.pdbx_auth_atom_id 
1   N N   . GLY A 1  ? 0.5645 0.5130 0.3999 -0.0929 -0.0486 -0.0546 1  GLY A N   
2   C CA  . GLY A 1  ? 0.5609 0.5301 0.4179 -0.1091 -0.0496 -0.0575 1  GLY A CA  
3   C C   . GLY A 1  ? 0.6072 0.5638 0.4545 -0.1185 -0.0431 -0.0575 1  GLY A C   
4   O O   . GLY A 1  ? 0.6383 0.5939 0.4855 -0.1349 -0.0461 -0.0599 1  GLY A O   
5   N N   . ASN A 2  ? 0.5308 0.4773 0.3695 -0.1080 -0.0344 -0.0546 2  ASN A N   
6   C CA  . ASN A 2  ? 0.5154 0.4460 0.3406 -0.1128 -0.0276 -0.0547 2  ASN A CA  
7   C C   . ASN A 2  ? 0.5054 0.4520 0.3493 -0.1054 -0.0181 -0.0528 2  ASN A C   
8   O O   . ASN A 2  ? 0.4535 0.4225 0.3197 -0.0968 -0.0170 -0.0511 2  ASN A O   
9   C CB  . ASN A 2  ? 0.5177 0.4112 0.3038 -0.1054 -0.0282 -0.0538 2  ASN A CB  
10  C CG  . ASN A 2  ? 0.7762 0.6661 0.5562 -0.0861 -0.0260 -0.0503 2  ASN A CG  
11  O OD1 . ASN A 2  ? 0.5499 0.4637 0.3549 -0.0777 -0.0226 -0.0482 2  ASN A OD1 
12  N ND2 . ASN A 2  ? 0.7143 0.5732 0.4597 -0.0786 -0.0274 -0.0491 2  ASN A ND2 
13  N N   . ALA A 3  ? 0.4661 0.3978 0.2973 -0.1081 -0.0119 -0.0532 3  ALA A N   
14  C CA  . ALA A 3  ? 0.4478 0.3888 0.2916 -0.1009 -0.0041 -0.0520 3  ALA A CA  
15  C C   . ALA A 3  ? 0.4509 0.3940 0.2965 -0.0835 -0.0024 -0.0490 3  ALA A C   
16  O O   . ALA A 3  ? 0.3967 0.3596 0.2649 -0.0776 0.0006  -0.0475 3  ALA A O   
17  C CB  . ALA A 3  ? 0.4779 0.3955 0.3003 -0.1053 0.0014  -0.0535 3  ALA A CB  
18  N N   . ASP A 4  ? 0.4242 0.3469 0.2459 -0.0751 -0.0045 -0.0478 4  ASP A N   
19  C CA  . ASP A 4  ? 0.4063 0.3325 0.2308 -0.0590 -0.0021 -0.0443 4  ASP A CA  
20  C C   . ASP A 4  ? 0.3758 0.3284 0.2278 -0.0555 -0.0038 -0.0421 4  ASP A C   
21  O O   . ASP A 4  ? 0.3451 0.3116 0.2139 -0.0472 -0.0002 -0.0395 4  ASP A O   
22  C CB  . ASP A 4  ? 0.4692 0.3698 0.2623 -0.0508 -0.0039 -0.0428 4  ASP A CB  
23  N N   . GLU A 5  ? 0.3416 0.3001 0.1975 -0.0621 -0.0097 -0.0435 5  GLU A N   
24  C CA  . GLU A 5  ? 0.3056 0.2862 0.1835 -0.0584 -0.0120 -0.0423 5  GLU A CA  
25  C C   . GLU A 5  ? 0.3105 0.3158 0.2162 -0.0612 -0.0094 -0.0426 5  GLU A C   
26  O O   . GLU A 5  ? 0.2773 0.2963 0.1983 -0.0531 -0.0076 -0.0400 5  GLU A O   
27  C CB  . GLU A 5  ? 0.3375 0.3173 0.2110 -0.0646 -0.0203 -0.0448 5  GLU A CB  
28  C CG  . GLU A 5  ? 0.3883 0.3807 0.2729 -0.0560 -0.0228 -0.0433 5  GLU A CG  
29  C CD  . GLU A 5  ? 0.4211 0.4018 0.2936 -0.0414 -0.0191 -0.0388 5  GLU A CD  
30  O OE1 . GLU A 5  ? 0.4371 0.3946 0.2848 -0.0375 -0.0181 -0.0374 5  GLU A OE1 
31  O OE2 . GLU A 5  ? 0.4658 0.4600 0.3531 -0.0336 -0.0167 -0.0362 5  GLU A OE2 
32  N N   . LEU A 6  ? 0.2916 0.3010 0.2021 -0.0723 -0.0086 -0.0452 6  LEU A N   
33  C CA  . LEU A 6  ? 0.2726 0.3032 0.2064 -0.0738 -0.0055 -0.0452 6  LEU A CA  
34  C C   . LEU A 6  ? 0.2785 0.3053 0.2137 -0.0650 -0.0001 -0.0429 6  LEU A C   
35  O O   . LEU A 6  ? 0.2519 0.2940 0.2045 -0.0594 0.0009  -0.0412 6  LEU A O   
36  C CB  . LEU A 6  ? 0.2928 0.3263 0.2290 -0.0873 -0.0043 -0.0478 6  LEU A CB  
37  C CG  . LEU A 6  ? 0.3914 0.4396 0.3374 -0.0972 -0.0101 -0.0500 6  LEU A CG  
38  C CD1 . LEU A 6  ? 0.4131 0.4563 0.3542 -0.1125 -0.0089 -0.0520 6  LEU A CD1 
39  C CD2 . LEU A 6  ? 0.4618 0.5396 0.4342 -0.0936 -0.0108 -0.0495 6  LEU A CD2 
40  N N   . TYR A 7  ? 0.2643 0.2696 0.1796 -0.0625 0.0026  -0.0430 7  TYR A N   
41  C CA  . TYR A 7  ? 0.2615 0.2633 0.1780 -0.0535 0.0065  -0.0413 7  TYR A CA  
42  C C   . TYR A 7  ? 0.2862 0.2988 0.2148 -0.0433 0.0059  -0.0376 7  TYR A C   
43  O O   . TYR A 7  ? 0.2528 0.2769 0.1975 -0.0393 0.0068  -0.0361 7  TYR A O   
44  C CB  . TYR A 7  ? 0.2982 0.2749 0.1887 -0.0511 0.0086  -0.0423 7  TYR A CB  
45  C CG  . TYR A 7  ? 0.3305 0.3042 0.2222 -0.0416 0.0116  -0.0414 7  TYR A CG  
46  C CD1 . TYR A 7  ? 0.3549 0.3225 0.2447 -0.0433 0.0142  -0.0437 7  TYR A CD1 
47  C CD2 . TYR A 7  ? 0.3545 0.3313 0.2493 -0.0306 0.0117  -0.0382 7  TYR A CD2 
48  C CE1 . TYR A 7  ? 0.3805 0.3445 0.2710 -0.0340 0.0154  -0.0435 7  TYR A CE1 
49  C CE2 . TYR A 7  ? 0.3631 0.3398 0.2618 -0.0225 0.0132  -0.0374 7  TYR A CE2 
50  C CZ  . TYR A 7  ? 0.4637 0.4332 0.3596 -0.0240 0.0143  -0.0405 7  TYR A CZ  
51  O OH  . TYR A 7  ? 0.5055 0.4734 0.4039 -0.0155 0.0143  -0.0406 7  TYR A OH  
52  N N   . LYS A 8  ? 0.2539 0.2618 0.1738 -0.0393 0.0041  -0.0359 8  LYS A N   
53  C CA  . LYS A 8  ? 0.2379 0.2548 0.1682 -0.0300 0.0050  -0.0316 8  LYS A CA  
54  C C   . LYS A 8  ? 0.2410 0.2772 0.1921 -0.0315 0.0030  -0.0312 8  LYS A C   
55  O O   . LYS A 8  ? 0.2286 0.2736 0.1928 -0.0261 0.0044  -0.0283 8  LYS A O   
56  C CB  . LYS A 8  ? 0.2815 0.2874 0.1956 -0.0251 0.0042  -0.0297 8  LYS A CB  
57  C CG  . LYS A 8  ? 0.3256 0.3116 0.2167 -0.0200 0.0065  -0.0291 8  LYS A CG  
58  C CD  . LYS A 8  ? 0.3065 0.2793 0.1786 -0.0136 0.0056  -0.0267 8  LYS A CD  
59  C CE  . LYS A 8  ? 0.3596 0.3245 0.2206 -0.0221 -0.0007 -0.0304 8  LYS A CE  
60  N NZ  . LYS A 8  ? 0.3949 0.3446 0.2357 -0.0145 -0.0026 -0.0282 8  LYS A NZ  
61  N N   . GLU A 9  ? 0.2327 0.2755 0.1866 -0.0387 -0.0005 -0.0342 9  GLU A N   
62  C CA  . GLU A 9  ? 0.2102 0.2710 0.1811 -0.0390 -0.0027 -0.0344 9  GLU A CA  
63  C C   . GLU A 9  ? 0.2215 0.2908 0.2057 -0.0384 -0.0005 -0.0339 9  GLU A C   
64  O O   . GLU A 9  ? 0.2266 0.3051 0.2219 -0.0334 -0.0010 -0.0317 9  GLU A O   
65  C CB  . GLU A 9  ? 0.2275 0.2956 0.1996 -0.0474 -0.0070 -0.0383 9  GLU A CB  
66  C CG  . GLU A 9  ? 0.2948 0.3828 0.2831 -0.0456 -0.0097 -0.0387 9  GLU A CG  
67  C CD  . GLU A 9  ? 0.5077 0.5966 0.4969 -0.0360 -0.0106 -0.0361 9  GLU A CD  
68  O OE1 . GLU A 9  ? 0.3782 0.4553 0.3551 -0.0324 -0.0113 -0.0351 9  GLU A OE1 
69  O OE2 . GLU A 9  ? 0.4897 0.5887 0.4899 -0.0317 -0.0100 -0.0347 9  GLU A OE2 
70  C C   . 6FL A 10 ? 0.2191 0.2831 0.2118 -0.0338 0.0040  -0.0323 10 6FL A C   
71  N N   . 6FL A 10 ? 0.1956 0.2594 0.1763 -0.0431 0.0016  -0.0357 10 6FL A N   
72  O O   . 6FL A 10 ? 0.2135 0.2841 0.2168 -0.0304 0.0030  -0.0309 10 6FL A O   
73  C CA  . 6FL A 10 ? 0.1955 0.2640 0.1854 -0.0417 0.0034  -0.0354 10 6FL A CA  
74  C CB  . 6FL A 10 ? 0.2499 0.3089 0.2316 -0.0476 0.0064  -0.0379 10 6FL A CB  
75  C CG  . 6FL A 10 ? 0.2732 0.3378 0.2544 -0.0579 0.0065  -0.0405 10 6FL A CG  
76  F FAC . 6FL A 10 ? 0.3714 0.4281 0.3423 -0.0742 0.0115  -0.0441 10 6FL A FAC 
77  F FAD . 6FL A 10 ? 0.3530 0.3851 0.3070 -0.0610 0.0119  -0.0428 10 6FL A FAD 
78  F FAE . 6FL A 10 ? 0.3346 0.3902 0.3130 -0.0591 0.0136  -0.0415 10 6FL A FAE 
79  F FAF . 6FL A 10 ? 0.2863 0.3799 0.2884 -0.0544 0.0007  -0.0395 10 6FL A FAF 
80  F FAG . 6FL A 10 ? 0.3255 0.4199 0.3262 -0.0681 0.0052  -0.0424 10 6FL A FAG 
81  F FAH . 6FL A 10 ? 0.3946 0.4861 0.4007 -0.0525 0.0062  -0.0387 10 6FL A FAH 
82  C CD1 . 6FL A 10 ? 0.3242 0.3765 0.2955 -0.0634 0.0111  -0.0423 10 6FL A CD1 
83  C CD2 . 6FL A 10 ? 0.3129 0.3999 0.3114 -0.0584 0.0047  -0.0403 10 6FL A CD2 
84  N N   . GLU A 11 ? 0.1890 0.2419 0.1720 -0.0305 0.0054  -0.0313 11 GLU A N   
85  C CA  . GLU A 11 ? 0.1791 0.2312 0.1676 -0.0236 0.0058  -0.0281 11 GLU A CA  
86  C C   . GLU A 11 ? 0.2034 0.2667 0.2042 -0.0206 0.0046  -0.0245 11 GLU A C   
87  O O   . GLU A 11 ? 0.1992 0.2667 0.2107 -0.0177 0.0035  -0.0221 11 GLU A O   
88  C CB  . GLU A 11 ? 0.2135 0.2544 0.1890 -0.0197 0.0081  -0.0272 11 GLU A CB  
89  C CG  . GLU A 11 ? 0.3145 0.3565 0.2976 -0.0133 0.0085  -0.0248 11 GLU A CG  
90  N N   . ASP A 12 ? 0.1854 0.2511 0.1823 -0.0212 0.0043  -0.0242 12 ASP A N   
91  C CA  . ASP A 12 ? 0.1808 0.2536 0.1851 -0.0178 0.0037  -0.0211 12 ASP A CA  
92  C C   . ASP A 12 ? 0.1976 0.2796 0.2125 -0.0185 0.0009  -0.0218 12 ASP A C   
93  O O   . ASP A 12 ? 0.1907 0.2750 0.2132 -0.0156 0.0004  -0.0186 12 ASP A O   
94  C CB  . ASP A 12 ? 0.1905 0.2609 0.1850 -0.0175 0.0032  -0.0219 12 ASP A CB  
95  C CG  . ASP A 12 ? 0.2385 0.3118 0.2352 -0.0125 0.0033  -0.0190 12 ASP A CG  
96  O OD1 . ASP A 12 ? 0.2694 0.3447 0.2738 -0.0093 0.0056  -0.0148 12 ASP A OD1 
97  O OD2 . ASP A 12 ? 0.3102 0.3822 0.2992 -0.0120 0.0011  -0.0207 12 ASP A OD2 
98  N N   . LEU A 13 ? 0.1702 0.2570 0.1849 -0.0225 -0.0008 -0.0254 13 LEU A N   
99  C CA  A LEU A 13 ? 0.1505 0.2455 0.1725 -0.0214 -0.0031 -0.0258 13 LEU A CA  
100 C CA  B LEU A 13 ? 0.1557 0.2507 0.1777 -0.0216 -0.0031 -0.0259 13 LEU A CA  
101 C C   . LEU A 13 ? 0.1881 0.2783 0.2144 -0.0193 -0.0034 -0.0241 13 LEU A C   
102 O O   . LEU A 13 ? 0.1621 0.2538 0.1927 -0.0159 -0.0057 -0.0220 13 LEU A O   
103 C CB  A LEU A 13 ? 0.1553 0.2580 0.1776 -0.0261 -0.0036 -0.0295 13 LEU A CB  
104 C CB  B LEU A 13 ? 0.1645 0.2664 0.1865 -0.0265 -0.0032 -0.0296 13 LEU A CB  
105 C CG  A LEU A 13 ? 0.1936 0.3048 0.2220 -0.0240 -0.0045 -0.0298 13 LEU A CG  
106 C CG  B LEU A 13 ? 0.2281 0.3377 0.2483 -0.0300 -0.0051 -0.0323 13 LEU A CG  
107 C CD1 A LEU A 13 ? 0.2046 0.3234 0.2356 -0.0182 -0.0077 -0.0287 13 LEU A CD1 
108 C CD1 B LEU A 13 ? 0.2311 0.3459 0.2521 -0.0375 -0.0042 -0.0353 13 LEU A CD1 
109 C CD2 A LEU A 13 ? 0.2069 0.3257 0.2366 -0.0296 -0.0030 -0.0326 13 LEU A CD2 
110 C CD2 B LEU A 13 ? 0.2450 0.3657 0.2699 -0.0251 -0.0083 -0.0322 13 LEU A CD2 
111 N N   . GLN A 14 ? 0.1629 0.2451 0.1858 -0.0209 -0.0017 -0.0252 14 GLN A N   
112 C CA  . GLN A 14 ? 0.1508 0.2266 0.1764 -0.0181 -0.0032 -0.0242 14 GLN A CA  
113 C C   . GLN A 14 ? 0.1723 0.2478 0.2050 -0.0152 -0.0051 -0.0202 14 GLN A C   
114 O O   . GLN A 14 ? 0.1706 0.2441 0.2077 -0.0131 -0.0088 -0.0186 14 GLN A O   
115 C CB  . GLN A 14 ? 0.1630 0.2287 0.1809 -0.0193 -0.0010 -0.0266 14 GLN A CB  
116 C CG  . GLN A 14 ? 0.1772 0.2343 0.1951 -0.0159 -0.0034 -0.0270 14 GLN A CG  
117 C CD  . GLN A 14 ? 0.2250 0.2708 0.2334 -0.0155 -0.0014 -0.0293 14 GLN A CD  
118 O OE1 . GLN A 14 ? 0.2235 0.2646 0.2215 -0.0190 0.0022  -0.0320 14 GLN A OE1 
119 N NE2 . GLN A 14 ? 0.2625 0.3043 0.2742 -0.0111 -0.0040 -0.0283 14 GLN A NE2 
120 N N   . GLU A 15 ? 0.1484 0.2248 0.1812 -0.0150 -0.0025 -0.0181 15 GLU A N   
121 C CA  . GLU A 15 ? 0.1766 0.2548 0.2180 -0.0130 -0.0028 -0.0136 15 GLU A CA  
122 C C   . GLU A 15 ? 0.1666 0.2484 0.2113 -0.0127 -0.0042 -0.0110 15 GLU A C   
123 O O   . GLU A 15 ? 0.1693 0.2503 0.2212 -0.0126 -0.0064 -0.0076 15 GLU A O   
124 C CB  . GLU A 15 ? 0.2183 0.2967 0.2588 -0.0114 0.0014  -0.0113 15 GLU A CB  
125 C CG  . GLU A 15 ? 0.2739 0.3469 0.3114 -0.0100 0.0013  -0.0136 15 GLU A CG  
126 C CD  . GLU A 15 ? 0.4377 0.5093 0.4838 -0.0094 -0.0034 -0.0137 15 GLU A CD  
127 O OE1 . GLU A 15 ? 0.4304 0.5070 0.4887 -0.0097 -0.0057 -0.0097 15 GLU A OE1 
128 O OE2 . GLU A 15 ? 0.2972 0.3610 0.3366 -0.0088 -0.0053 -0.0176 15 GLU A OE2 
129 N N   . ARG A 16 ? 0.1483 0.2330 0.1869 -0.0125 -0.0038 -0.0129 16 ARG A N   
130 C CA  . ARG A 16 ? 0.1459 0.2320 0.1840 -0.0106 -0.0056 -0.0114 16 ARG A CA  
131 C C   . ARG A 16 ? 0.1737 0.2571 0.2127 -0.0097 -0.0104 -0.0117 16 ARG A C   
132 O O   . ARG A 16 ? 0.1793 0.2587 0.2183 -0.0084 -0.0127 -0.0088 16 ARG A O   
133 C CB  . ARG A 16 ? 0.1514 0.2421 0.1825 -0.0095 -0.0053 -0.0143 16 ARG A CB  
134 C CG  . ARG A 16 ? 0.1741 0.2628 0.2008 -0.0088 -0.0015 -0.0130 16 ARG A CG  
135 C CD  . ARG A 16 ? 0.2088 0.3006 0.2279 -0.0082 -0.0028 -0.0168 16 ARG A CD  
136 N NE  . ARG A 16 ? 0.2307 0.3243 0.2469 -0.0041 -0.0050 -0.0170 16 ARG A NE  
137 C CZ  . ARG A 16 ? 0.3608 0.4565 0.3702 -0.0016 -0.0069 -0.0197 16 ARG A CZ  
138 N NH1 . ARG A 16 ? 0.2944 0.3899 0.2993 -0.0038 -0.0072 -0.0223 16 ARG A NH1 
139 N NH2 . ARG A 16 ? 0.2587 0.3549 0.2634 0.0036  -0.0093 -0.0203 16 ARG A NH2 
140 C C   . 6FL A 17 ? 0.1581 0.2270 0.1988 -0.0081 -0.0194 -0.0119 17 6FL A C   
141 N N   . 6FL A 17 ? 0.1475 0.2307 0.1852 -0.0100 -0.0116 -0.0148 17 6FL A N   
142 O O   . 6FL A 17 ? 0.1604 0.2219 0.1987 -0.0063 -0.0244 -0.0100 17 6FL A O   
143 C CA  . 6FL A 17 ? 0.1473 0.2251 0.1832 -0.0074 -0.0160 -0.0148 17 6FL A CA  
144 C CB  . 6FL A 17 ? 0.1443 0.2231 0.1766 -0.0067 -0.0153 -0.0181 17 6FL A CB  
145 C CG  . 6FL A 17 ? 0.1503 0.2409 0.1810 -0.0075 -0.0124 -0.0208 17 6FL A CG  
146 F FAC . 6FL A 17 ? 0.2023 0.3060 0.2322 -0.0104 -0.0079 -0.0256 17 6FL A FAC 
147 F FAD . 6FL A 17 ? 0.2052 0.2884 0.2326 -0.0102 -0.0090 -0.0241 17 6FL A FAD 
148 F FAE . 6FL A 17 ? 0.1929 0.2809 0.2176 -0.0019 -0.0132 -0.0221 17 6FL A FAE 
149 F FAF . 6FL A 17 ? 0.1944 0.2901 0.2232 -0.0042 -0.0141 -0.0186 17 6FL A FAF 
150 F FAG . 6FL A 17 ? 0.1898 0.2992 0.2188 -0.0038 -0.0130 -0.0231 17 6FL A FAG 
151 F FAH . 6FL A 17 ? 0.2207 0.3110 0.2448 0.0015  -0.0179 -0.0185 17 6FL A FAH 
152 C CD1 . 6FL A 17 ? 0.1903 0.2822 0.2189 -0.0076 -0.0106 -0.0232 17 6FL A CD1 
153 C CD2 . 6FL A 17 ? 0.1849 0.2819 0.2135 -0.0036 -0.0144 -0.0203 17 6FL A CD2 
154 N N   . ARG A 18 ? 0.1305 0.1993 0.1769 -0.0103 -0.0177 -0.0118 18 ARG A N   
155 C CA  . ARG A 18 ? 0.1291 0.1928 0.1829 -0.0112 -0.0218 -0.0094 18 ARG A CA  
156 C C   . ARG A 18 ? 0.1876 0.2528 0.2474 -0.0133 -0.0225 -0.0045 18 ARG A C   
157 O O   . ARG A 18 ? 0.1886 0.2470 0.2511 -0.0145 -0.0284 -0.0023 18 ARG A O   
158 C CB  . ARG A 18 ? 0.1469 0.2129 0.2056 -0.0117 -0.0192 -0.0102 18 ARG A CB  
159 C CG  . ARG A 18 ? 0.1754 0.2366 0.2420 -0.0117 -0.0254 -0.0091 18 ARG A CG  
160 C CD  . ARG A 18 ? 0.2329 0.3003 0.3082 -0.0116 -0.0234 -0.0083 18 ARG A CD  
161 N NE  . ARG A 18 ? 0.2321 0.2974 0.2979 -0.0088 -0.0192 -0.0124 18 ARG A NE  
162 C CZ  . ARG A 18 ? 0.2905 0.3475 0.3510 -0.0056 -0.0219 -0.0162 18 ARG A CZ  
163 N NH1 . ARG A 18 ? 0.2554 0.3057 0.3196 -0.0041 -0.0297 -0.0167 18 ARG A NH1 
164 N NH2 . ARG A 18 ? 0.2726 0.3255 0.3214 -0.0036 -0.0173 -0.0196 18 ARG A NH2 
165 N N   . LYS A 19 ? 0.1704 0.2423 0.2303 -0.0139 -0.0166 -0.0028 19 LYS A N   
166 C CA  . LYS A 19 ? 0.1798 0.2512 0.2429 -0.0157 -0.0156 0.0021  19 LYS A CA  
167 C C   . LYS A 19 ? 0.2013 0.2635 0.2552 -0.0145 -0.0208 0.0024  19 LYS A C   
168 O O   . LYS A 19 ? 0.2156 0.2712 0.2720 -0.0175 -0.0240 0.0064  19 LYS A O   
169 C CB  . LYS A 19 ? 0.2157 0.2924 0.2759 -0.0144 -0.0083 0.0033  19 LYS A CB  
170 C CG  . LYS A 19 ? 0.4487 0.5322 0.5165 -0.0147 -0.0028 0.0052  19 LYS A CG  
171 C CD  . LYS A 19 ? 0.6061 0.6932 0.6887 -0.0178 -0.0025 0.0106  19 LYS A CD  
172 C CE  . LYS A 19 ? 0.7355 0.8304 0.8257 -0.0163 0.0009  0.0111  19 LYS A CE  
173 N NZ  . LYS A 19 ? 0.8532 0.9456 0.9419 -0.0153 -0.0042 0.0060  19 LYS A NZ  
174 N N   . LEU A 20 ? 0.1816 0.2427 0.2242 -0.0101 -0.0221 -0.0014 20 LEU A N   
175 C CA  . LEU A 20 ? 0.1940 0.2455 0.2250 -0.0067 -0.0272 -0.0011 20 LEU A CA  
176 C C   . LEU A 20 ? 0.2349 0.2747 0.2656 -0.0074 -0.0346 -0.0001 20 LEU A C   
177 O O   . LEU A 20 ? 0.2583 0.2859 0.2819 -0.0077 -0.0394 0.0026  20 LEU A O   
178 C CB  . LEU A 20 ? 0.2092 0.2650 0.2304 -0.0007 -0.0270 -0.0052 20 LEU A CB  
179 C CG  . LEU A 20 ? 0.2601 0.3252 0.2781 0.0014  -0.0226 -0.0071 20 LEU A CG  
180 C CD1 . LEU A 20 ? 0.2477 0.3209 0.2603 0.0063  -0.0233 -0.0112 20 LEU A CD1 
181 C CD2 . LEU A 20 ? 0.2752 0.3324 0.2845 0.0033  -0.0228 -0.0043 20 LEU A CD2 
182 N N   . ARG A 21 ? 0.1881 0.2289 0.2238 -0.0075 -0.0359 -0.0024 21 ARG A N   
183 C CA  . ARG A 21 ? 0.2037 0.2311 0.2371 -0.0069 -0.0440 -0.0020 21 ARG A CA  
184 C C   . ARG A 21 ? 0.2503 0.2740 0.2944 -0.0137 -0.0480 0.0022  21 ARG A C   
185 O O   . ARG A 21 ? 0.2381 0.2473 0.2766 -0.0145 -0.0562 0.0041  21 ARG A O   
186 C CB  . ARG A 21 ? 0.1888 0.2165 0.2241 -0.0050 -0.0440 -0.0057 21 ARG A CB  
187 C CG  . ARG A 21 ? 0.2411 0.2521 0.2719 -0.0030 -0.0535 -0.0056 21 ARG A CG  
188 C CD  . ARG A 21 ? 0.2386 0.2503 0.2837 -0.0078 -0.0575 -0.0047 21 ARG A CD  
189 N NE  . ARG A 21 ? 0.2037 0.2229 0.2531 -0.0065 -0.0524 -0.0083 21 ARG A NE  
190 C CZ  . ARG A 21 ? 0.2155 0.2427 0.2780 -0.0092 -0.0517 -0.0083 21 ARG A CZ  
191 N NH1 . ARG A 21 ? 0.2091 0.2396 0.2701 -0.0067 -0.0468 -0.0118 21 ARG A NH1 
192 N NH2 . ARG A 21 ? 0.2107 0.2426 0.2872 -0.0144 -0.0552 -0.0045 21 ARG A NH2 
193 N N   . LYS A 22 ? 0.1991 0.2359 0.2585 -0.0183 -0.0424 0.0040  22 LYS A N   
194 C CA  . LYS A 22 ? 0.2250 0.2639 0.2991 -0.0252 -0.0446 0.0085  22 LYS A CA  
195 C C   . LYS A 22 ? 0.3144 0.3454 0.3834 -0.0290 -0.0451 0.0132  22 LYS A C   
196 O O   . LYS A 22 ? 0.3299 0.3528 0.4035 -0.0349 -0.0518 0.0166  22 LYS A O   
197 C CB  . LYS A 22 ? 0.2313 0.2871 0.3204 -0.0271 -0.0364 0.0098  22 LYS A CB  
198 C CG  . LYS A 22 ? 0.2353 0.2958 0.3294 -0.0242 -0.0373 0.0058  22 LYS A CG  
199 C CD  . LYS A 22 ? 0.3909 0.4662 0.4936 -0.0234 -0.0284 0.0067  22 LYS A CD  
200 C CE  . LYS A 22 ? 0.5358 0.6224 0.6578 -0.0275 -0.0275 0.0117  22 LYS A CE  
201 N NZ  . LYS A 22 ? 0.6372 0.7237 0.7690 -0.0277 -0.0359 0.0099  22 LYS A NZ  
202 N N   . LYS A 23 ? 0.2978 0.3297 0.3560 -0.0257 -0.0389 0.0130  23 LYS A N   
203 C CA  . LYS A 23 ? 0.3187 0.3405 0.3671 -0.0276 -0.0384 0.0168  23 LYS A CA  
204 C C   . LYS A 23 ? 0.4143 0.4162 0.4447 -0.0251 -0.0480 0.0160  23 LYS A C   
205 O O   . LYS A 23 ? 0.4381 0.4262 0.4633 -0.0300 -0.0521 0.0200  23 LYS A O   
206 C CB  . LYS A 23 ? 0.3373 0.3640 0.3761 -0.0224 -0.0303 0.0154  23 LYS A CB  
207 C CG  . LYS A 23 ? 0.5453 0.5855 0.5963 -0.0244 -0.0207 0.0179  23 LYS A CG  
208 C CD  . LYS A 23 ? 0.6986 0.7406 0.7372 -0.0182 -0.0145 0.0158  23 LYS A CD  
209 C CE  . LYS A 23 ? 0.8327 0.8830 0.8680 -0.0127 -0.0145 0.0096  23 LYS A CE  
210 N NZ  . LYS A 23 ? 0.9811 1.0328 1.0047 -0.0071 -0.0106 0.0073  23 LYS A NZ  
211 C C   . 6FL A 24 ? 0.4523 0.4175 0.4558 -0.0179 -0.0703 0.0130  24 6FL A C   
212 N N   . 6FL A 24 ? 0.3784 0.3776 0.3986 -0.0174 -0.0514 0.0114  24 6FL A N   
213 O O   . 6FL A 24 ? 0.4826 0.4266 0.4694 -0.0177 -0.0781 0.0151  24 6FL A O   
214 C CA  . 6FL A 24 ? 0.3966 0.3764 0.3970 -0.0121 -0.0601 0.0106  24 6FL A CA  
215 C CB  . 6FL A 24 ? 0.4137 0.3990 0.4081 -0.0031 -0.0591 0.0057  24 6FL A CB  
216 C CG  . 6FL A 24 ? 0.4704 0.4364 0.4434 0.0050  -0.0671 0.0050  24 6FL A CG  
217 F FAC . 6FL A 24 ? 0.4815 0.4705 0.4611 0.0132  -0.0580 -0.0015 24 6FL A FAC 
218 F FAD . 6FL A 24 ? 0.4736 0.4442 0.4612 0.0055  -0.0691 0.0011  24 6FL A FAD 
219 F FAE . 6FL A 24 ? 0.5179 0.4708 0.4718 0.0196  -0.0726 0.0013  24 6FL A FAE 
220 F FAF . 6FL A 24 ? 0.5578 0.5153 0.5093 0.0081  -0.0643 0.0077  24 6FL A FAF 
221 F FAG . 6FL A 24 ? 0.5302 0.5104 0.4876 0.0176  -0.0584 0.0016  24 6FL A FAG 
222 F FAH . 6FL A 24 ? 0.5481 0.4902 0.4800 0.0211  -0.0730 0.0052  24 6FL A FAH 
223 C CD1 . 6FL A 24 ? 0.5008 0.4709 0.4748 0.0109  -0.0667 0.0014  24 6FL A CD1 
224 C CD2 . 6FL A 24 ? 0.5312 0.4926 0.4842 0.0130  -0.0657 0.0049  24 6FL A CD2 
225 N N   . ARG A 25 ? 0.3694 0.3454 0.3932 -0.0228 -0.0708 0.0126  25 ARG A N   
226 C CA  . ARG A 25 ? 0.5450 0.5115 0.5767 -0.0286 -0.0811 0.0141  25 ARG A CA  
227 C C   . ARG A 25 ? 1.0118 0.9874 1.0636 -0.0405 -0.0794 0.0193  25 ARG A C   
228 O O   . ARG A 25 ? 0.6134 0.5758 0.6591 -0.0467 -0.0835 0.0235  25 ARG A O   
229 C CB  . ARG A 25 ? 0.5231 0.4963 0.5640 -0.0251 -0.0829 0.0100  25 ARG A CB  
230 N N   . GLY B 1  ? 0.5417 0.4287 0.4873 0.1046  -0.0281 -0.0162 1  GLY B N   
231 C CA  . GLY B 1  ? 0.5069 0.3963 0.4597 0.0896  -0.0333 -0.0083 1  GLY B CA  
232 C C   . GLY B 1  ? 0.5260 0.3871 0.4700 0.0809  -0.0410 -0.0109 1  GLY B C   
233 O O   . GLY B 1  ? 0.5441 0.3795 0.4821 0.0868  -0.0453 -0.0121 1  GLY B O   
234 N N   . ASN B 2  ? 0.4350 0.3002 0.3786 0.0672  -0.0431 -0.0119 2  ASN B N   
235 C CA  . ASN B 2  ? 0.4395 0.2829 0.3773 0.0561  -0.0509 -0.0135 2  ASN B CA  
236 C C   . ASN B 2  ? 0.4536 0.3143 0.3988 0.0412  -0.0512 -0.0097 2  ASN B C   
237 O O   . ASN B 2  ? 0.4028 0.2886 0.3552 0.0405  -0.0453 -0.0075 2  ASN B O   
238 C CB  . ASN B 2  ? 0.4554 0.2750 0.3770 0.0614  -0.0539 -0.0256 2  ASN B CB  
239 C CG  . ASN B 2  ? 0.5750 0.4092 0.4908 0.0629  -0.0495 -0.0327 2  ASN B CG  
240 O OD1 . ASN B 2  ? 0.5109 0.3600 0.4317 0.0522  -0.0496 -0.0305 2  ASN B OD1 
241 N ND2 . ASN B 2  ? 0.4549 0.2848 0.3597 0.0766  -0.0451 -0.0410 2  ASN B ND2 
242 N N   . ALA B 3  ? 0.4272 0.2745 0.3716 0.0293  -0.0581 -0.0087 3  ALA B N   
243 C CA  . ALA B 3  ? 0.4149 0.2780 0.3677 0.0159  -0.0586 -0.0043 3  ALA B CA  
244 C C   . ALA B 3  ? 0.4165 0.2953 0.3679 0.0159  -0.0550 -0.0098 3  ALA B C   
245 O O   . ALA B 3  ? 0.3849 0.2849 0.3456 0.0109  -0.0509 -0.0056 3  ALA B O   
246 C CB  . ALA B 3  ? 0.4558 0.3014 0.4087 0.0040  -0.0672 -0.0022 3  ALA B CB  
247 N N   . ASP B 4  ? 0.3878 0.2552 0.3266 0.0220  -0.0565 -0.0193 4  ASP B N   
248 C CA  . ASP B 4  ? 0.3840 0.2646 0.3193 0.0231  -0.0534 -0.0240 4  ASP B CA  
249 C C   . ASP B 4  ? 0.3747 0.2782 0.3158 0.0304  -0.0438 -0.0218 4  ASP B C   
250 O O   . ASP B 4  ? 0.3425 0.2638 0.2896 0.0263  -0.0405 -0.0197 4  ASP B O   
251 C CB  . ASP B 4  ? 0.4464 0.3085 0.3638 0.0294  -0.0569 -0.0347 4  ASP B CB  
252 N N   . GLU B 5  ? 0.3468 0.2501 0.2875 0.0408  -0.0398 -0.0217 5  GLU B N   
253 C CA  . GLU B 5  ? 0.3229 0.2488 0.2712 0.0466  -0.0316 -0.0187 5  GLU B CA  
254 C C   . GLU B 5  ? 0.3466 0.2891 0.3084 0.0376  -0.0304 -0.0109 5  GLU B C   
255 O O   . GLU B 5  ? 0.3168 0.2778 0.2847 0.0358  -0.0256 -0.0094 5  GLU B O   
256 C CB  . GLU B 5  ? 0.3572 0.2803 0.3045 0.0594  -0.0287 -0.0190 5  GLU B CB  
257 C CG  . GLU B 5  ? 0.4692 0.4173 0.4248 0.0651  -0.0209 -0.0163 5  GLU B CG  
258 C CD  . GLU B 5  ? 0.7607 0.7111 0.7167 0.0794  -0.0169 -0.0166 5  GLU B CD  
259 O OE1 . GLU B 5  ? 0.5464 0.4820 0.5013 0.0846  -0.0203 -0.0155 5  GLU B OE1 
260 O OE2 . GLU B 5  ? 0.8108 0.7794 0.7698 0.0853  -0.0101 -0.0168 5  GLU B OE2 
261 N N   . LEU B 6  ? 0.2949 0.2301 0.2605 0.0325  -0.0344 -0.0058 6  LEU B N   
262 C CA  . LEU B 6  ? 0.2808 0.2309 0.2565 0.0247  -0.0329 0.0011  6  LEU B CA  
263 C C   . LEU B 6  ? 0.2742 0.2332 0.2534 0.0160  -0.0320 0.0007  6  LEU B C   
264 O O   . LEU B 6  ? 0.2460 0.2220 0.2316 0.0138  -0.0274 0.0022  6  LEU B O   
265 C CB  . LEU B 6  ? 0.3120 0.2503 0.2886 0.0205  -0.0377 0.0070  6  LEU B CB  
266 C CG  . LEU B 6  ? 0.3934 0.3445 0.3771 0.0148  -0.0363 0.0149  6  LEU B CG  
267 C CD1 . LEU B 6  ? 0.4043 0.3713 0.3913 0.0209  -0.0323 0.0164  6  LEU B CD1 
268 C CD2 . LEU B 6  ? 0.4321 0.3683 0.4148 0.0121  -0.0413 0.0212  6  LEU B CD2 
269 N N   . TYR B 7  ? 0.2535 0.2009 0.2289 0.0114  -0.0369 -0.0016 7  TYR B N   
270 C CA  . TYR B 7  ? 0.2475 0.2036 0.2276 0.0041  -0.0368 -0.0012 7  TYR B CA  
271 C C   . TYR B 7  ? 0.2711 0.2389 0.2502 0.0083  -0.0319 -0.0045 7  TYR B C   
272 O O   . TYR B 7  ? 0.2336 0.2156 0.2205 0.0050  -0.0280 -0.0020 7  TYR B O   
273 C CB  . TYR B 7  ? 0.2707 0.2122 0.2468 -0.0017 -0.0446 -0.0029 7  TYR B CB  
274 C CG  . TYR B 7  ? 0.2954 0.2470 0.2765 -0.0078 -0.0455 -0.0024 7  TYR B CG  
275 C CD1 . TYR B 7  ? 0.3033 0.2691 0.2967 -0.0144 -0.0431 0.0037  7  TYR B CD1 
276 C CD2 . TYR B 7  ? 0.3291 0.2762 0.3022 -0.0062 -0.0488 -0.0077 7  TYR B CD2 
277 C CE1 . TYR B 7  ? 0.3372 0.3128 0.3368 -0.0189 -0.0440 0.0050  7  TYR B CE1 
278 C CE2 . TYR B 7  ? 0.3448 0.3024 0.3233 -0.0114 -0.0505 -0.0060 7  TYR B CE2 
279 C CZ  . TYR B 7  ? 0.3786 0.3503 0.3715 -0.0174 -0.0480 0.0005  7  TYR B CZ  
280 O OH  . TYR B 7  ? 0.4011 0.3836 0.4009 -0.0212 -0.0496 0.0030  7  TYR B OH  
281 N N   . LYS B 8  ? 0.2342 0.1963 0.2040 0.0161  -0.0315 -0.0097 8  LYS B N   
282 C CA  . LYS B 8  ? 0.2360 0.2093 0.2044 0.0197  -0.0267 -0.0116 8  LYS B CA  
283 C C   . LYS B 8  ? 0.2619 0.2516 0.2394 0.0208  -0.0201 -0.0080 8  LYS B C   
284 O O   . LYS B 8  ? 0.2401 0.2408 0.2230 0.0178  -0.0169 -0.0064 8  LYS B O   
285 C CB  . LYS B 8  ? 0.3151 0.2800 0.2704 0.0286  -0.0264 -0.0176 8  LYS B CB  
286 N N   . GLU B 9  ? 0.2225 0.2134 0.2021 0.0247  -0.0188 -0.0066 9  GLU B N   
287 C CA  . GLU B 9  ? 0.1995 0.2062 0.1876 0.0246  -0.0142 -0.0035 9  GLU B CA  
288 C C   . GLU B 9  ? 0.2060 0.2186 0.2011 0.0162  -0.0140 -0.0007 9  GLU B C   
289 O O   . GLU B 9  ? 0.1966 0.2204 0.1970 0.0140  -0.0103 0.0000  9  GLU B O   
290 C CB  . GLU B 9  ? 0.2245 0.2324 0.2139 0.0305  -0.0142 -0.0017 9  GLU B CB  
291 C CG  . GLU B 9  ? 0.2678 0.2938 0.2661 0.0301  -0.0106 0.0014  9  GLU B CG  
292 C CD  . GLU B 9  ? 0.4022 0.4413 0.4040 0.0329  -0.0055 0.0009  9  GLU B CD  
293 O OE1 . GLU B 9  ? 0.3902 0.4277 0.3887 0.0322  -0.0036 -0.0011 9  GLU B OE1 
294 O OE2 . GLU B 9  ? 0.3078 0.3604 0.3168 0.0346  -0.0038 0.0037  9  GLU B OE2 
295 C C   . 6FL B 10 ? 0.1766 0.1937 0.1809 0.0020  -0.0140 0.0026  10 6FL B C   
296 N N   . 6FL B 10 ? 0.1873 0.1930 0.1826 0.0114  -0.0176 0.0013  10 6FL B N   
297 O O   . 6FL B 10 ? 0.1832 0.2084 0.1924 -0.0006 -0.0104 0.0030  10 6FL B O   
298 C CA  . 6FL B 10 ? 0.1909 0.2039 0.1921 0.0044  -0.0161 0.0039  10 6FL B CA  
299 C CB  . 6FL B 10 ? 0.1775 0.1839 0.1790 -0.0005 -0.0196 0.0074  10 6FL B CB  
300 C CG  . 6FL B 10 ? 0.1816 0.1836 0.1805 0.0015  -0.0218 0.0107  10 6FL B CG  
301 F FAC . 6FL B 10 ? 0.2584 0.2449 0.2547 -0.0019 -0.0282 0.0188  10 6FL B FAC 
302 F FAD . 6FL B 10 ? 0.2890 0.2742 0.2877 -0.0064 -0.0287 0.0136  10 6FL B FAD 
303 F FAE . 6FL B 10 ? 0.2801 0.2852 0.2839 -0.0098 -0.0221 0.0184  10 6FL B FAE 
304 F FAF . 6FL B 10 ? 0.2454 0.2654 0.2471 0.0070  -0.0169 0.0096  10 6FL B FAF 
305 F FAG . 6FL B 10 ? 0.2728 0.2845 0.2719 0.0025  -0.0212 0.0169  10 6FL B FAG 
306 F FAH . 6FL B 10 ? 0.2806 0.3035 0.2845 -0.0031 -0.0156 0.0124  10 6FL B FAH 
307 C CD1 . 6FL B 10 ? 0.2448 0.2393 0.2443 -0.0043 -0.0252 0.0154  10 6FL B CD1 
308 C CD2 . 6FL B 10 ? 0.2483 0.2628 0.2494 0.0020  -0.0187 0.0123  10 6FL B CD2 
309 N N   . GLU B 11 ? 0.1707 0.1813 0.1716 0.0027  -0.0168 0.0010  11 GLU B N   
310 C CA  . GLU B 11 ? 0.1601 0.1753 0.1643 0.0008  -0.0158 0.0012  11 GLU B CA  
311 C C   . GLU B 11 ? 0.1838 0.2054 0.1880 0.0042  -0.0113 0.0003  11 GLU B C   
312 O O   . GLU B 11 ? 0.1756 0.2030 0.1857 0.0022  -0.0084 0.0016  11 GLU B O   
313 C CB  . GLU B 11 ? 0.1861 0.1936 0.1861 -0.0003 -0.0213 0.0004  11 GLU B CB  
314 C CG  . GLU B 11 ? 0.2175 0.2208 0.2210 -0.0062 -0.0259 0.0028  11 GLU B CG  
315 C CD  . GLU B 11 ? 0.2510 0.2650 0.2655 -0.0108 -0.0228 0.0069  11 GLU B CD  
316 O OE1 . GLU B 11 ? 0.2162 0.2375 0.2357 -0.0103 -0.0205 0.0075  11 GLU B OE1 
317 O OE2 . GLU B 11 ? 0.2628 0.2782 0.2806 -0.0139 -0.0219 0.0097  11 GLU B OE2 
318 N N   . ASP B 12 ? 0.1618 0.1828 0.1607 0.0094  -0.0103 -0.0013 12 ASP B N   
319 C CA  . ASP B 12 ? 0.1601 0.1895 0.1609 0.0116  -0.0055 -0.0005 12 ASP B CA  
320 C C   . ASP B 12 ? 0.1596 0.1970 0.1689 0.0078  -0.0024 0.0008  12 ASP B C   
321 O O   . ASP B 12 ? 0.1717 0.2133 0.1855 0.0057  0.0005  0.0020  12 ASP B O   
322 C CB  . ASP B 12 ? 0.1790 0.2094 0.1742 0.0184  -0.0041 -0.0019 12 ASP B CB  
323 C CG  . ASP B 12 ? 0.3058 0.3477 0.3050 0.0196  0.0012  0.0005  12 ASP B CG  
324 O OD1 . ASP B 12 ? 0.3522 0.3951 0.3468 0.0219  0.0030  0.0012  12 ASP B OD1 
325 O OD2 . ASP B 12 ? 0.3134 0.3637 0.3207 0.0171  0.0032  0.0023  12 ASP B OD2 
326 N N   . LEU B 13 ? 0.1472 0.1853 0.1575 0.0070  -0.0035 0.0007  13 LEU B N   
327 C CA  . LEU B 13 ? 0.1519 0.1970 0.1676 0.0031  -0.0016 0.0010  13 LEU B CA  
328 C C   . LEU B 13 ? 0.1551 0.1988 0.1737 -0.0015 -0.0002 0.0004  13 LEU B C   
329 O O   . LEU B 13 ? 0.1485 0.1952 0.1708 -0.0042 0.0024  -0.0005 13 LEU B O   
330 C CB  . LEU B 13 ? 0.1515 0.1978 0.1658 0.0034  -0.0039 0.0016  13 LEU B CB  
331 C CG  . LEU B 13 ? 0.2029 0.2540 0.2173 0.0089  -0.0043 0.0026  13 LEU B CG  
332 C CD1 . LEU B 13 ? 0.2105 0.2607 0.2232 0.0102  -0.0076 0.0045  13 LEU B CD1 
333 C CD2 . LEU B 13 ? 0.2557 0.3186 0.2764 0.0075  -0.0016 0.0033  13 LEU B CD2 
334 N N   . GLN B 14 ? 0.1472 0.1860 0.1649 -0.0023 -0.0018 0.0009  14 GLN B N   
335 C CA  . GLN B 14 ? 0.1368 0.1763 0.1587 -0.0051 0.0005  0.0008  14 GLN B CA  
336 C C   . GLN B 14 ? 0.1579 0.1971 0.1834 -0.0041 0.0026  0.0010  14 GLN B C   
337 O O   . GLN B 14 ? 0.1645 0.2039 0.1935 -0.0054 0.0059  -0.0001 14 GLN B O   
338 C CB  . GLN B 14 ? 0.1522 0.1898 0.1750 -0.0062 -0.0017 0.0028  14 GLN B CB  
339 C CG  . GLN B 14 ? 0.1624 0.2008 0.1831 -0.0084 -0.0024 0.0040  14 GLN B CG  
340 C CD  . GLN B 14 ? 0.1652 0.2016 0.1879 -0.0106 -0.0053 0.0072  14 GLN B CD  
341 O OE1 . GLN B 14 ? 0.1920 0.2329 0.2206 -0.0124 -0.0033 0.0090  14 GLN B OE1 
342 N NE2 . GLN B 14 ? 0.1904 0.2195 0.2089 -0.0104 -0.0103 0.0082  14 GLN B NE2 
343 N N   . GLU B 15 ? 0.1463 0.1839 0.1695 -0.0015 0.0009  0.0025  15 GLU B N   
344 C CA  . GLU B 15 ? 0.1506 0.1882 0.1763 -0.0006 0.0026  0.0046  15 GLU B CA  
345 C C   . GLU B 15 ? 0.1668 0.2067 0.1949 -0.0016 0.0060  0.0046  15 GLU B C   
346 O O   . GLU B 15 ? 0.1786 0.2164 0.2112 -0.0029 0.0084  0.0056  15 GLU B O   
347 C CB  . GLU B 15 ? 0.1879 0.2240 0.2080 0.0024  -0.0005 0.0062  15 GLU B CB  
348 C CG  . GLU B 15 ? 0.2441 0.2810 0.2658 0.0035  0.0008  0.0098  15 GLU B CG  
349 C CD  . GLU B 15 ? 0.3142 0.3507 0.3435 0.0028  0.0011  0.0122  15 GLU B CD  
350 O OE1 . GLU B 15 ? 0.2826 0.3197 0.3158 0.0016  -0.0002 0.0112  15 GLU B OE1 
351 O OE2 . GLU B 15 ? 0.3626 0.3987 0.3949 0.0038  0.0029  0.0159  15 GLU B OE2 
352 N N   . ARG B 16 ? 0.1504 0.1942 0.1762 -0.0014 0.0059  0.0037  16 ARG B N   
353 C CA  . ARG B 16 ? 0.1341 0.1826 0.1640 -0.0040 0.0083  0.0045  16 ARG B CA  
354 C C   . ARG B 16 ? 0.1691 0.2148 0.2026 -0.0087 0.0091  0.0015  16 ARG B C   
355 O O   . ARG B 16 ? 0.1708 0.2145 0.2084 -0.0118 0.0109  0.0021  16 ARG B O   
356 C CB  . ARG B 16 ? 0.1553 0.2111 0.1838 -0.0023 0.0075  0.0044  16 ARG B CB  
357 C CG  . ARG B 16 ? 0.1767 0.2406 0.2116 -0.0056 0.0094  0.0065  16 ARG B CG  
358 C CD  . ARG B 16 ? 0.1832 0.2570 0.2191 -0.0033 0.0084  0.0070  16 ARG B CD  
359 N NE  . ARG B 16 ? 0.2091 0.2936 0.2533 -0.0072 0.0098  0.0101  16 ARG B NE  
360 C CZ  . ARG B 16 ? 0.1957 0.2888 0.2435 -0.0052 0.0133  0.0148  16 ARG B CZ  
361 N NH1 . ARG B 16 ? 0.1929 0.2840 0.2337 0.0017  0.0156  0.0159  16 ARG B NH1 
362 N NH2 . ARG B 16 ? 0.1805 0.2849 0.2379 -0.0104 0.0144  0.0186  16 ARG B NH2 
363 C C   . 6FL B 17 ? 0.1846 0.2189 0.2189 -0.0116 0.0122  -0.0060 17 6FL B C   
364 N N   . 6FL B 17 ? 0.1592 0.2035 0.1900 -0.0092 0.0080  -0.0015 17 6FL B N   
365 O O   . 6FL B 17 ? 0.1827 0.2117 0.2178 -0.0141 0.0140  -0.0092 17 6FL B O   
366 C CA  . 6FL B 17 ? 0.1656 0.2070 0.1968 -0.0126 0.0092  -0.0054 17 6FL B CA  
367 C CB  . 6FL B 17 ? 0.1700 0.2137 0.1961 -0.0130 0.0079  -0.0074 17 6FL B CB  
368 C CG  . 6FL B 17 ? 0.1641 0.2146 0.1881 -0.0135 0.0047  -0.0064 17 6FL B CG  
369 F FAC . 6FL B 17 ? 0.2914 0.3405 0.3173 -0.0214 0.0055  -0.0119 17 6FL B FAC 
370 F FAD . 6FL B 17 ? 0.2209 0.2776 0.2532 -0.0169 0.0050  -0.0045 17 6FL B FAD 
371 F FAE . 6FL B 17 ? 0.2890 0.3514 0.3144 -0.0185 0.0008  -0.0072 17 6FL B FAE 
372 F FAF . 6FL B 17 ? 0.2851 0.3360 0.3005 -0.0168 0.0048  -0.0107 17 6FL B FAF 
373 F FAG . 6FL B 17 ? 0.2434 0.3005 0.2608 -0.0128 0.0001  -0.0046 17 6FL B FAG 
374 F FAH . 6FL B 17 ? 0.2505 0.2990 0.2691 -0.0116 0.0040  -0.0050 17 6FL B FAH 
375 C CD1 . 6FL B 17 ? 0.2392 0.2939 0.2662 -0.0176 0.0040  -0.0076 17 6FL B CD1 
376 C CD2 . 6FL B 17 ? 0.2319 0.2836 0.2506 -0.0137 0.0033  -0.0068 17 6FL B CD2 
377 N N   . ARG B 18 ? 0.1563 0.1899 0.1922 -0.0080 0.0121  -0.0028 18 ARG B N   
378 C CA  . ARG B 18 ? 0.1553 0.1839 0.1962 -0.0057 0.0146  -0.0018 18 ARG B CA  
379 C C   . ARG B 18 ? 0.1991 0.2224 0.2429 -0.0070 0.0158  0.0002  18 ARG B C   
380 O O   . ARG B 18 ? 0.1913 0.2068 0.2382 -0.0073 0.0183  -0.0016 18 ARG B O   
381 C CB  . ARG B 18 ? 0.1604 0.1918 0.2036 -0.0023 0.0128  0.0026  18 ARG B CB  
382 C CG  . ARG B 18 ? 0.1907 0.2268 0.2337 -0.0022 0.0118  0.0021  18 ARG B CG  
383 C CD  . ARG B 18 ? 0.2088 0.2481 0.2554 -0.0004 0.0086  0.0066  18 ARG B CD  
384 N NE  . ARG B 18 ? 0.1945 0.2382 0.2411 -0.0022 0.0067  0.0070  18 ARG B NE  
385 C CZ  . ARG B 18 ? 0.1836 0.2268 0.2254 -0.0041 0.0019  0.0077  18 ARG B CZ  
386 N NH1 . ARG B 18 ? 0.1944 0.2338 0.2302 -0.0031 -0.0013 0.0076  18 ARG B NH1 
387 N NH2 . ARG B 18 ? 0.2012 0.2470 0.2438 -0.0067 0.0005  0.0088  18 ARG B NH2 
388 N N   . LYS B 19 ? 0.1643 0.1918 0.2072 -0.0077 0.0142  0.0040  19 LYS B N   
389 C CA  . LYS B 19 ? 0.1673 0.1916 0.2136 -0.0096 0.0156  0.0079  19 LYS B CA  
390 C C   . LYS B 19 ? 0.2165 0.2372 0.2649 -0.0155 0.0163  0.0043  19 LYS B C   
391 O O   . LYS B 19 ? 0.2185 0.2303 0.2711 -0.0180 0.0177  0.0053  19 LYS B O   
392 C CB  . LYS B 19 ? 0.1834 0.2155 0.2272 -0.0086 0.0148  0.0128  19 LYS B CB  
393 C CG  . LYS B 19 ? 0.2620 0.2960 0.3018 -0.0036 0.0131  0.0160  19 LYS B CG  
394 C CD  . LYS B 19 ? 0.3192 0.3603 0.3539 -0.0021 0.0134  0.0195  19 LYS B CD  
395 C CE  . LYS B 19 ? 0.4444 0.4867 0.4714 0.0025  0.0109  0.0211  19 LYS B CE  
396 N NZ  . LYS B 19 ? 0.3866 0.4354 0.4070 0.0049  0.0125  0.0233  19 LYS B NZ  
397 N N   . LEU B 20 ? 0.1895 0.2162 0.2349 -0.0182 0.0145  0.0002  20 LEU B N   
398 C CA  . LEU B 20 ? 0.1812 0.2061 0.2279 -0.0250 0.0136  -0.0035 20 LEU B CA  
399 C C   . LEU B 20 ? 0.2312 0.2430 0.2758 -0.0258 0.0150  -0.0101 20 LEU B C   
400 O O   . LEU B 20 ? 0.2272 0.2295 0.2741 -0.0307 0.0149  -0.0123 20 LEU B O   
401 C CB  . LEU B 20 ? 0.1787 0.2148 0.2227 -0.0268 0.0107  -0.0055 20 LEU B CB  
402 C CG  . LEU B 20 ? 0.2231 0.2591 0.2672 -0.0344 0.0079  -0.0100 20 LEU B CG  
403 C CD1 . LEU B 20 ? 0.2449 0.2792 0.2968 -0.0411 0.0077  -0.0068 20 LEU B CD1 
404 C CD2 . LEU B 20 ? 0.2332 0.2831 0.2759 -0.0350 0.0045  -0.0097 20 LEU B CD2 
405 N N   . ARG B 21 ? 0.2059 0.2171 0.2464 -0.0209 0.0164  -0.0134 21 ARG B N   
406 C CA  . ARG B 21 ? 0.2267 0.2272 0.2645 -0.0196 0.0191  -0.0199 21 ARG B CA  
407 C C   . ARG B 21 ? 0.2808 0.2687 0.3245 -0.0172 0.0217  -0.0177 21 ARG B C   
408 O O   . ARG B 21 ? 0.2897 0.2640 0.3323 -0.0190 0.0229  -0.0231 21 ARG B O   
409 C CB  . ARG B 21 ? 0.2473 0.2531 0.2821 -0.0140 0.0213  -0.0209 21 ARG B CB  
410 C CG  . ARG B 21 ? 0.2987 0.3129 0.3261 -0.0163 0.0194  -0.0238 21 ARG B CG  
411 C CD  . ARG B 21 ? 0.3656 0.3868 0.3923 -0.0117 0.0212  -0.0216 21 ARG B CD  
412 N NE  . ARG B 21 ? 0.3600 0.3764 0.3884 -0.0072 0.0265  -0.0242 21 ARG B NE  
413 C CZ  . ARG B 21 ? 0.5334 0.5553 0.5675 -0.0024 0.0288  -0.0201 21 ARG B CZ  
414 N NH1 . ARG B 21 ? 0.3319 0.3620 0.3691 -0.0027 0.0255  -0.0139 21 ARG B NH1 
415 N NH2 . ARG B 21 ? 0.4732 0.4924 0.5101 0.0028  0.0343  -0.0223 21 ARG B NH2 
416 N N   . LYS B 22 ? 0.2463 0.2379 0.2955 -0.0132 0.0220  -0.0096 22 LYS B N   
417 C CA  . LYS B 22 ? 0.2649 0.2466 0.3203 -0.0098 0.0238  -0.0049 22 LYS B CA  
418 C C   . LYS B 22 ? 0.3297 0.3009 0.3875 -0.0162 0.0230  -0.0039 22 LYS B C   
419 O O   . LYS B 22 ? 0.3411 0.2964 0.4011 -0.0156 0.0248  -0.0062 22 LYS B O   
420 C CB  . LYS B 22 ? 0.3032 0.2939 0.3618 -0.0058 0.0226  0.0042  22 LYS B CB  
421 C CG  . LYS B 22 ? 0.5710 0.5545 0.6360 -0.0005 0.0239  0.0103  22 LYS B CG  
422 C CD  . LYS B 22 ? 0.6839 0.6763 0.7494 0.0014  0.0214  0.0197  22 LYS B CD  
423 C CE  . LYS B 22 ? 0.8356 0.8396 0.8993 0.0052  0.0191  0.0202  22 LYS B CE  
424 N N   . LYS B 23 ? 0.2851 0.2650 0.3434 -0.0224 0.0205  -0.0004 23 LYS B N   
425 C CA  . LYS B 23 ? 0.3025 0.2749 0.3653 -0.0299 0.0197  0.0024  23 LYS B CA  
426 C C   . LYS B 23 ? 0.3823 0.3442 0.4425 -0.0371 0.0178  -0.0069 23 LYS B C   
427 O O   . LYS B 23 ? 0.3818 0.3300 0.4457 -0.0432 0.0170  -0.0065 23 LYS B O   
428 C CB  . LYS B 23 ? 0.3351 0.3221 0.4009 -0.0335 0.0187  0.0107  23 LYS B CB  
429 C CG  . LYS B 23 ? 0.3909 0.3929 0.4545 -0.0368 0.0164  0.0075  23 LYS B CG  
430 C CD  . LYS B 23 ? 0.4030 0.4165 0.4729 -0.0426 0.0161  0.0151  23 LYS B CD  
431 C CE  . LYS B 23 ? 0.4253 0.4552 0.4944 -0.0441 0.0140  0.0129  23 LYS B CE  
432 N NZ  . LYS B 23 ? 0.4058 0.4511 0.4823 -0.0473 0.0149  0.0213  23 LYS B NZ  
433 C C   . 6FL B 24 ? 0.4779 0.4140 0.5223 -0.0403 0.0171  -0.0319 24 6FL B C   
434 N N   . 6FL B 24 ? 0.3463 0.3138 0.3993 -0.0369 0.0167  -0.0151 24 6FL B N   
435 O O   . 6FL B 24 ? 0.4845 0.4048 0.5277 -0.0474 0.0147  -0.0370 24 6FL B O   
436 C CA  . 6FL B 24 ? 0.3680 0.3268 0.4154 -0.0434 0.0142  -0.0249 24 6FL B CA  
437 C CB  . 6FL B 24 ? 0.3907 0.3620 0.4297 -0.0420 0.0130  -0.0304 24 6FL B CB  
438 C CG  . 6FL B 24 ? 0.4431 0.4093 0.4751 -0.0501 0.0089  -0.0396 24 6FL B CG  
439 F FAC . 6FL B 24 ? 0.5023 0.4516 0.5190 -0.0394 0.0157  -0.0534 24 6FL B FAC 
440 F FAD . 6FL B 24 ? 0.5270 0.4899 0.5382 -0.0533 0.0058  -0.0565 24 6FL B FAD 
441 F FAE . 6FL B 24 ? 0.4454 0.4263 0.4638 -0.0403 0.0117  -0.0444 24 6FL B FAE 
442 F FAF . 6FL B 24 ? 0.4872 0.4855 0.5199 -0.0529 0.0035  -0.0337 24 6FL B FAF 
443 F FAG . 6FL B 24 ? 0.5444 0.5226 0.5764 -0.0671 -0.0018 -0.0422 24 6FL B FAG 
444 F FAH . 6FL B 24 ? 0.4710 0.4589 0.5182 -0.0599 0.0038  -0.0261 24 6FL B FAH 
445 C CD1 . 6FL B 24 ? 0.4760 0.4408 0.4952 -0.0456 0.0106  -0.0488 24 6FL B CD1 
446 C CD2 . 6FL B 24 ? 0.4784 0.4616 0.5145 -0.0579 0.0034  -0.0354 24 6FL B CD2 
447 N N   . ARG B 25 ? 0.4455 0.3795 0.4892 -0.0296 0.0219  -0.0319 25 ARG B N   
448 C CA  . ARG B 25 ? 0.4673 0.3811 0.5092 -0.0236 0.0258  -0.0378 25 ARG B CA  
449 C C   . ARG B 25 ? 0.5361 0.4339 0.5870 -0.0243 0.0260  -0.0311 25 ARG B C   
450 O O   . ARG B 25 ? 0.5728 0.4480 0.6219 -0.0247 0.0267  -0.0372 25 ARG B O   
451 C CB  . ARG B 25 ? 0.4615 0.3829 0.5035 -0.0118 0.0310  -0.0374 25 ARG B CB  
452 N N   . SER B 26 ? 0.4575 0.3660 0.5167 -0.0245 0.0251  -0.0186 26 SER B N   
453 C CA  . SER B 26 ? 0.6601 0.5560 0.7275 -0.0253 0.0252  -0.0094 26 SER B CA  
454 C C   . SER B 26 ? 1.0639 0.9520 1.1336 -0.0384 0.0212  -0.0084 26 SER B C   
455 O O   . SER B 26 ? 0.5928 0.4697 0.6696 -0.0415 0.0210  0.0001  26 SER B O   
456 C CB  . SER B 26 ? 0.6829 0.5946 0.7560 -0.0205 0.0258  0.0035  26 SER B CB  
457 O OG  . SER B 26 ? 0.7714 0.7009 0.8445 -0.0271 0.0233  0.0088  26 SER B OG  
# 
